data_7POG
#
_entry.id   7POG
#
_cell.length_a   1.00
_cell.length_b   1.00
_cell.length_c   1.00
_cell.angle_alpha   90.00
_cell.angle_beta   90.00
_cell.angle_gamma   90.00
#
_symmetry.space_group_name_H-M   'P 1'
#
loop_
_entity.id
_entity.type
_entity.pdbx_description
1 polymer 'Toxin A'
2 non-polymer 'ZINC ION'
#
_entity_poly.entity_id   1
_entity_poly.type   'polypeptide(L)'
_entity_poly.pdbx_seq_one_letter_code
;MSLISKEELIKLAYSIRPRENEYKTILTNLDEYNKLTTNNNENKYLQLKKLNESIDVFMNKYKNSSRNRALSNLKKDILK
EVILIKNSNTSPVEKNLHFVWIGGEVSDIALEYIKQWADINAEYNIKLWYDSEAFLVNTLKKAIVESSTTEALQLLEEEI
QNPQFDNMKFYKKRMEFIYDRQKRFINYYKSQINKPTVPTIDDIIKSHLVSEYNRDETLLESYRTNSLRKINSNHGIDIR
ANSLFTEQELLNIYSQELLNRGNLAAASDIVRLLALKNFGGVYLDVDMLPGIHSDLFKTIPRPSSIGLDRWEMIKLEAIM
KYKKYINNYTSENFDKLDQQLKDNFKLIIESKSEKSEIFSKLENLNVSDLEIKIAFALGSVINQALISKQGSYLTNLVIE
QVKNRYQFLNQHLNPAIESDNNFTDTTKIFHDSLFNSATAENSMFLTKIAPYLQVGFMPEARSTISLSGPGAYASAYYDF
INLQENTIEKTLKASDLIEFKFPENNLSQLTEQEINSLWSFDQASAKYQFEKYVRDYTGGSLSEDNGVDFNKNTALDKNY
LLNNKIPSNNVEEAGSKNYVHYIIQLQGDDISYEATCNLFSKNPKNSIIIQRNMNESAKSYFLSDDGESILELNKYRIPE
RLKNKEKVKVTFIGHGKDEFNTSEFARLSVDSLSNEISSFLDTIKLDISPKNVEVNLLGCNMFSYDFNVEETYPGKLLLS
IMDKITSTLPDVNKDSITIGANQYEVRINSEGRKELLAHSGKWINKEEAIMSDLSSKEYIFFDSIDNKLKAKSKNIPGLA
SISEDIKTLLLDASVSPDTKFILNNLKLNIESSIGDYIYYEKLEPVKNIIHNSIDDLIDEFNLLENVSDELYELKKLNNL
DEKYLISFEDISKNNSTYSVRFINKSNGESVYVETEKEIFSKYSEHITKEISTIKNSIITDVNGNLLDNIQLDHTSQVNT
LNAAFFIQSLIDYSSNKDVLNDLSTSVKVQLYAQLFSTGLNTIYDSIQLVNLISNAVNDTINVLPTITEGIPIVSTILDG
INLGAAIKELLDEHDPLLKKELEAKVGVLAINMSLSIAATVASIVGIGAEVTIFLLPIAGISAGIPSLVNNELILHDKAT
SVVNYFNHLSESKEYGPLKTEDDKILVPIDDLVISEIDFNNNSIKLGTCNILAMEGGSGHTVTGNIDHFFSSPYISSHIP
SLSVYSAIGIKTENLDFSKKIMMLPNAPSRVFWWETGAVPGLRSLENNGTKLLDSIRDLYPGKFYWRFYAFFDYAITTLK
PVYEDTNTKIKLDKDTRNFIMPTITTDEIRNKLSYSFDGAGGTYSLLLSSYPISMNINLSKDDLWIFNIDNEVREISIEN
GTIKKGNLIEDVLSKIDINKNKLIIGNQTIDFSGDIDNKDRYIFLTCELDDKISLIIEINLVAKSYSLLLSGDKNYLISN
LSNTIEKINTLGLDSKNIAYNYTDESNNKYFGAISKTSQKSIIHYKKDSKNILEFYNGSTLEFNSKDFIAEDINVFMKDD
INTITGKYYVDNNTDKSIDFSISLVSKNQVKVNGLYLNESVYSSYLDFVKNSDGHHNTSNFMNLFLNNISFWKLFGFENI
NFVIDKYFTLVGKTNLGYVEFICDNNKNIDIYFGEWKTSSSKSTIFSGNGRNVVVEPIYNPDTGEDISTSLDFSYEPLYG
IDRYINKVLIAPDLYTSLININTNYYSNEYYPEIIVLNPNTFHKKVNINLDSSSFEYKWSTEGSDFILVRYLEESNKKIL
QKIRIKGILSNTQSFNKMSIDFKDIKKLSLGYIMSNFKSFNSENELDRDHLGFKIIDNKTYYYDEDSKLVKGLININNSL
FYFDPIESNLVTGWQTINGKKYYFDINTGAASTSYKIINGKHFYFNNNGVMQLGVFKGPDGFEYFAPANTQNNNIEGQAI
VYQSKFLTLNGKKYYFDNDSKAVTGWRIINNEKYYFNPNNAIAAVGLQVIDNNKYYFNPDTAIISKGWQTVNGSRYYFDT
DTAIAFNGYKTIDGKHFYFDSDCVVKIGVFSGSNGFEYFAPANTYNNNIEGQAIVYQSKFLTLNGKKYYFDNNSKAVTGW
QTIDSKKYYFNTNTAEAATGWQTIDGKKYYFNTNTAEAATGWQTIDGKKYYFNTNTSIASTGYTIINGKYFYFNTDGIMQ
IGVFKVPNGFEYFAPANTHNNNIEGQAILYQNKFLTLNGKKYYFGSDSKAITGWQTIDGKKYYFNPNNAIAATHLCTINN
DKYYFSYDGILQNGYITIERNNFYFDANNESKMVTGVFKGPNGFEYFAPANTHNNNIEGQAIVYQNKFLTLNGKKYYFDN
DSKAVTGWQTIDSKKYYFNLNTAVAVTGWQTIDGEKYYFNLNTAEAATGWQTIDGKRYYFNTNTYIASTGYTIINGKHFY
FNTDGIMQIGVFKGPDGFEYFAPANTHNNNIEGQAILYQNKFLTLNGKKYYFGSDSKAVTGLRTIDGKKYYFNTNTAVAV
TGWQTINGKKYYFNTNTYIASTGYTIISGKHFYFNTDGIMQIGVFKGPDGFEYFAPANTDANNIEGQAIRYQNRFLYLHD
NIYYFGNDSKAATGWATIDGNRYYFEPNTAMGANGYKTIDNKNFYFRNGLPQIGVFKGPNGFEYFAPANTDANNIDGQAI
RYQNRFLHLLGKIYYFGNNSKAVTGWQTINSKVYYFMPDTAMAAAGGLFEIDGVIYFFGVDGVKAPGIYG
;
_entity_poly.pdbx_strand_id   A
#
loop_
_chem_comp.id
_chem_comp.type
_chem_comp.name
_chem_comp.formula
ZN non-polymer 'ZINC ION' 'Zn 2'
#
# COMPACT_ATOMS: atom_id res chain seq x y z
N SER A 2 -26.20 -34.33 -20.32
CA SER A 2 -25.07 -33.85 -19.53
C SER A 2 -25.25 -32.39 -19.13
N LEU A 3 -26.22 -31.72 -19.75
CA LEU A 3 -26.48 -30.32 -19.41
C LEU A 3 -27.17 -30.22 -18.05
N ILE A 4 -27.20 -28.99 -17.53
CA ILE A 4 -27.90 -28.72 -16.28
C ILE A 4 -29.38 -28.99 -16.46
N SER A 5 -30.06 -29.29 -15.35
CA SER A 5 -31.46 -29.61 -15.38
C SER A 5 -32.31 -28.35 -15.54
N LYS A 6 -33.62 -28.53 -15.62
CA LYS A 6 -34.53 -27.39 -15.70
C LYS A 6 -34.43 -26.53 -14.44
N GLU A 7 -34.29 -27.16 -13.28
CA GLU A 7 -34.03 -26.44 -12.06
C GLU A 7 -32.63 -25.81 -12.10
N GLU A 8 -32.36 -24.98 -11.09
CA GLU A 8 -31.08 -24.30 -10.93
C GLU A 8 -30.92 -23.19 -11.97
N LEU A 9 -31.85 -23.12 -12.91
CA LEU A 9 -31.84 -22.06 -13.92
C LEU A 9 -32.73 -20.89 -13.51
N ILE A 10 -33.86 -21.17 -12.84
CA ILE A 10 -34.66 -20.10 -12.28
C ILE A 10 -33.91 -19.37 -11.19
N LYS A 11 -33.09 -20.09 -10.42
CA LYS A 11 -32.17 -19.47 -9.48
C LYS A 11 -31.06 -18.68 -10.18
N LEU A 12 -30.87 -18.89 -11.49
CA LEU A 12 -29.82 -18.25 -12.25
C LEU A 12 -30.31 -17.03 -13.03
N ALA A 13 -31.39 -17.19 -13.80
CA ALA A 13 -31.88 -16.15 -14.69
C ALA A 13 -32.92 -15.25 -14.03
N TYR A 14 -32.83 -15.07 -12.71
CA TYR A 14 -33.79 -14.22 -12.00
C TYR A 14 -33.76 -12.81 -12.56
N SER A 15 -34.95 -12.25 -12.79
CA SER A 15 -35.07 -10.91 -13.34
C SER A 15 -36.36 -10.28 -12.85
N ILE A 16 -36.41 -8.95 -12.90
CA ILE A 16 -37.60 -8.23 -12.48
C ILE A 16 -38.76 -8.53 -13.43
N ARG A 17 -38.48 -8.75 -14.70
CA ARG A 17 -39.52 -9.12 -15.66
C ARG A 17 -40.12 -10.47 -15.30
N PRO A 18 -41.41 -10.65 -15.51
CA PRO A 18 -42.02 -11.98 -15.30
C PRO A 18 -41.50 -12.97 -16.33
N ARG A 19 -41.55 -14.25 -15.98
CA ARG A 19 -41.08 -15.31 -16.84
C ARG A 19 -41.81 -15.28 -18.19
N GLU A 20 -41.08 -14.95 -19.25
CA GLU A 20 -41.69 -14.79 -20.56
C GLU A 20 -41.95 -16.17 -21.18
N ASN A 21 -42.69 -16.18 -22.29
CA ASN A 21 -42.97 -17.45 -22.96
C ASN A 21 -41.77 -17.97 -23.72
N GLU A 22 -40.85 -17.11 -24.14
CA GLU A 22 -39.60 -17.59 -24.72
C GLU A 22 -38.74 -18.27 -23.65
N TYR A 23 -38.71 -17.71 -22.44
CA TYR A 23 -38.01 -18.37 -21.34
C TYR A 23 -38.66 -19.70 -21.00
N LYS A 24 -40.00 -19.75 -21.04
CA LYS A 24 -40.69 -21.01 -20.82
C LYS A 24 -40.35 -22.03 -21.90
N THR A 25 -40.24 -21.57 -23.15
CA THR A 25 -39.82 -22.46 -24.23
C THR A 25 -38.41 -22.98 -23.98
N ILE A 26 -37.51 -22.12 -23.52
CA ILE A 26 -36.14 -22.54 -23.22
C ILE A 26 -36.15 -23.61 -22.14
N LEU A 27 -36.92 -23.38 -21.07
CA LEU A 27 -36.97 -24.33 -19.97
C LEU A 27 -37.54 -25.67 -20.41
N THR A 28 -38.62 -25.63 -21.21
CA THR A 28 -39.22 -26.86 -21.69
C THR A 28 -38.25 -27.63 -22.58
N ASN A 29 -37.55 -26.93 -23.48
CA ASN A 29 -36.59 -27.59 -24.34
C ASN A 29 -35.45 -28.20 -23.52
N LEU A 30 -34.98 -27.48 -22.50
CA LEU A 30 -33.89 -27.98 -21.68
C LEU A 30 -34.31 -29.24 -20.91
N ASP A 31 -35.50 -29.23 -20.30
CA ASP A 31 -35.92 -30.41 -19.55
C ASP A 31 -36.22 -31.58 -20.48
N GLU A 32 -36.81 -31.32 -21.66
CA GLU A 32 -37.04 -32.36 -22.63
C GLU A 32 -35.74 -32.93 -23.18
N TYR A 33 -34.68 -32.13 -23.21
CA TYR A 33 -33.37 -32.67 -23.55
C TYR A 33 -32.80 -33.50 -22.40
N ASN A 34 -32.99 -33.04 -21.17
CA ASN A 34 -32.48 -33.76 -20.01
C ASN A 34 -33.11 -35.14 -19.90
N LYS A 35 -34.41 -35.24 -20.17
CA LYS A 35 -35.10 -36.53 -20.23
C LYS A 35 -35.03 -37.02 -21.68
N LEU A 36 -34.03 -37.86 -21.97
CA LEU A 36 -33.84 -38.39 -23.31
C LEU A 36 -32.86 -39.55 -23.24
N THR A 37 -32.85 -40.36 -24.28
CA THR A 37 -32.03 -41.56 -24.35
C THR A 37 -30.89 -41.36 -25.34
N THR A 38 -29.74 -41.98 -25.02
CA THR A 38 -28.55 -41.82 -25.85
C THR A 38 -28.72 -42.42 -27.24
N ASN A 39 -29.67 -43.34 -27.42
CA ASN A 39 -29.90 -43.94 -28.72
C ASN A 39 -30.41 -42.90 -29.71
N ASN A 40 -30.12 -43.13 -30.99
CA ASN A 40 -30.50 -42.22 -32.08
C ASN A 40 -29.92 -40.83 -31.83
N ASN A 41 -28.59 -40.78 -31.91
CA ASN A 41 -27.86 -39.54 -31.62
C ASN A 41 -28.32 -38.39 -32.52
N GLU A 42 -28.84 -38.69 -33.71
CA GLU A 42 -29.31 -37.64 -34.61
C GLU A 42 -30.44 -36.84 -33.96
N ASN A 43 -31.40 -37.52 -33.33
CA ASN A 43 -32.44 -36.82 -32.60
C ASN A 43 -31.92 -36.26 -31.28
N LYS A 44 -31.00 -36.99 -30.63
CA LYS A 44 -30.29 -36.42 -29.49
C LYS A 44 -29.59 -35.13 -29.86
N TYR A 45 -29.11 -35.04 -31.11
CA TYR A 45 -28.52 -33.80 -31.61
C TYR A 45 -29.57 -32.76 -31.94
N LEU A 46 -30.69 -33.17 -32.55
CA LEU A 46 -31.70 -32.22 -32.97
C LEU A 46 -32.40 -31.56 -31.78
N GLN A 47 -32.50 -32.26 -30.65
CA GLN A 47 -33.07 -31.62 -29.47
C GLN A 47 -32.19 -30.46 -29.02
N LEU A 48 -30.87 -30.66 -29.03
CA LEU A 48 -29.95 -29.58 -28.71
C LEU A 48 -29.99 -28.48 -29.76
N LYS A 49 -30.11 -28.85 -31.03
CA LYS A 49 -30.21 -27.92 -32.14
C LYS A 49 -31.57 -27.25 -32.22
N LYS A 50 -32.51 -27.62 -31.34
CA LYS A 50 -33.72 -26.85 -31.14
C LYS A 50 -33.63 -25.94 -29.92
N LEU A 51 -33.07 -26.46 -28.83
CA LEU A 51 -32.88 -25.64 -27.64
C LEU A 51 -31.96 -24.45 -27.91
N ASN A 52 -30.93 -24.66 -28.74
CA ASN A 52 -29.98 -23.59 -29.01
C ASN A 52 -30.65 -22.40 -29.68
N GLU A 53 -31.44 -22.64 -30.73
CA GLU A 53 -32.16 -21.54 -31.35
C GLU A 53 -33.32 -21.04 -30.51
N SER A 54 -33.88 -21.84 -29.61
CA SER A 54 -34.78 -21.26 -28.61
C SER A 54 -34.07 -20.17 -27.81
N ILE A 55 -32.87 -20.49 -27.33
CA ILE A 55 -32.08 -19.52 -26.57
C ILE A 55 -31.71 -18.32 -27.43
N ASP A 56 -31.32 -18.58 -28.68
CA ASP A 56 -30.92 -17.49 -29.58
C ASP A 56 -32.09 -16.55 -29.86
N VAL A 57 -33.28 -17.09 -30.09
CA VAL A 57 -34.45 -16.26 -30.30
C VAL A 57 -34.76 -15.45 -29.05
N PHE A 58 -34.65 -16.07 -27.87
CA PHE A 58 -34.90 -15.31 -26.64
C PHE A 58 -33.91 -14.16 -26.50
N MET A 59 -32.62 -14.42 -26.76
CA MET A 59 -31.63 -13.36 -26.60
C MET A 59 -31.82 -12.25 -27.61
N ASN A 60 -32.07 -12.62 -28.88
CA ASN A 60 -32.24 -11.60 -29.92
C ASN A 60 -33.48 -10.76 -29.67
N LYS A 61 -34.57 -11.40 -29.24
CA LYS A 61 -35.79 -10.65 -28.94
C LYS A 61 -35.60 -9.74 -27.73
N TYR A 62 -35.00 -10.27 -26.67
CA TYR A 62 -34.81 -9.53 -25.42
C TYR A 62 -33.31 -9.31 -25.23
N LYS A 63 -32.80 -8.23 -25.83
CA LYS A 63 -31.39 -7.89 -25.67
C LYS A 63 -31.10 -7.30 -24.30
N ASN A 64 -31.99 -6.42 -23.81
CA ASN A 64 -31.82 -5.83 -22.49
C ASN A 64 -32.47 -6.71 -21.43
N SER A 65 -32.09 -7.99 -21.39
CA SER A 65 -32.70 -8.95 -20.47
C SER A 65 -31.64 -9.49 -19.53
N SER A 66 -31.96 -9.47 -18.23
CA SER A 66 -31.01 -9.96 -17.23
C SER A 66 -30.76 -11.46 -17.36
N ARG A 67 -31.72 -12.21 -17.91
CA ARG A 67 -31.53 -13.63 -18.10
C ARG A 67 -30.42 -13.93 -19.10
N ASN A 68 -30.22 -13.04 -20.07
CA ASN A 68 -29.30 -13.32 -21.17
C ASN A 68 -27.89 -13.58 -20.70
N ARG A 69 -27.53 -13.13 -19.49
CA ARG A 69 -26.25 -13.50 -18.91
C ARG A 69 -26.17 -15.01 -18.71
N ALA A 70 -27.07 -15.55 -17.88
CA ALA A 70 -26.99 -16.97 -17.53
C ALA A 70 -27.11 -17.84 -18.76
N LEU A 71 -28.10 -17.54 -19.62
CA LEU A 71 -28.36 -18.39 -20.81
C LEU A 71 -27.19 -18.30 -21.80
N SER A 72 -26.43 -17.20 -21.78
CA SER A 72 -25.22 -17.13 -22.64
C SER A 72 -24.21 -18.15 -22.14
N ASN A 73 -24.09 -18.30 -20.81
CA ASN A 73 -23.17 -19.30 -20.23
C ASN A 73 -23.72 -20.70 -20.49
N LEU A 74 -25.05 -20.86 -20.50
CA LEU A 74 -25.63 -22.16 -20.83
C LEU A 74 -25.37 -22.53 -22.27
N LYS A 75 -25.53 -21.56 -23.19
CA LYS A 75 -25.18 -21.80 -24.58
C LYS A 75 -23.73 -22.23 -24.70
N LYS A 76 -22.82 -21.55 -23.98
CA LYS A 76 -21.43 -21.99 -23.96
C LYS A 76 -21.32 -23.40 -23.42
N ASP A 77 -22.07 -23.72 -22.37
CA ASP A 77 -22.12 -25.10 -21.88
C ASP A 77 -22.64 -26.03 -22.97
N ILE A 78 -23.66 -25.59 -23.71
CA ILE A 78 -24.13 -26.37 -24.85
C ILE A 78 -22.99 -26.57 -25.83
N LEU A 79 -22.18 -25.52 -26.05
CA LEU A 79 -21.04 -25.64 -26.95
C LEU A 79 -20.04 -26.66 -26.45
N LYS A 80 -19.95 -26.87 -25.14
CA LYS A 80 -19.07 -27.89 -24.60
C LYS A 80 -19.79 -29.21 -24.37
N GLU A 81 -21.09 -29.29 -24.65
CA GLU A 81 -21.83 -30.52 -24.53
C GLU A 81 -22.06 -31.21 -25.86
N VAL A 82 -22.17 -30.44 -26.95
CA VAL A 82 -22.27 -31.03 -28.28
C VAL A 82 -21.01 -31.84 -28.59
N ILE A 83 -19.89 -31.48 -27.98
CA ILE A 83 -18.68 -32.28 -28.13
C ILE A 83 -18.83 -33.63 -27.43
N LEU A 84 -19.49 -33.64 -26.26
CA LEU A 84 -19.71 -34.90 -25.55
C LEU A 84 -20.53 -35.87 -26.40
N ILE A 85 -21.66 -35.41 -26.91
CA ILE A 85 -22.36 -36.16 -27.93
C ILE A 85 -21.43 -36.29 -29.13
N LYS A 86 -21.55 -37.41 -29.84
CA LYS A 86 -20.66 -37.96 -30.87
C LYS A 86 -19.42 -38.60 -30.26
N ASN A 87 -19.18 -38.43 -28.95
CA ASN A 87 -18.11 -39.13 -28.28
C ASN A 87 -18.59 -40.39 -27.58
N SER A 88 -19.90 -40.67 -27.63
CA SER A 88 -20.44 -41.89 -27.06
C SER A 88 -20.31 -43.06 -28.04
N ASN A 89 -20.71 -42.85 -29.28
CA ASN A 89 -20.62 -43.90 -30.28
C ASN A 89 -19.16 -44.21 -30.60
N THR A 90 -18.86 -45.49 -30.75
CA THR A 90 -17.53 -45.94 -31.14
C THR A 90 -17.62 -47.08 -32.16
N SER A 91 -18.76 -47.22 -32.83
CA SER A 91 -18.97 -48.34 -33.72
C SER A 91 -17.93 -48.34 -34.83
N PRO A 92 -17.42 -49.50 -35.23
CA PRO A 92 -16.45 -49.54 -36.32
C PRO A 92 -17.04 -49.00 -37.61
N VAL A 93 -16.21 -48.29 -38.37
CA VAL A 93 -16.66 -47.68 -39.60
C VAL A 93 -16.96 -48.77 -40.62
N GLU A 94 -17.93 -48.51 -41.49
CA GLU A 94 -18.24 -49.43 -42.58
C GLU A 94 -16.96 -49.73 -43.37
N LYS A 95 -16.63 -51.01 -43.49
CA LYS A 95 -15.33 -51.38 -44.02
C LYS A 95 -15.27 -51.20 -45.52
N ASN A 96 -15.39 -49.96 -45.98
CA ASN A 96 -15.26 -49.60 -47.38
C ASN A 96 -14.26 -48.45 -47.52
N LEU A 97 -13.42 -48.54 -48.54
CA LEU A 97 -12.51 -47.45 -48.88
C LEU A 97 -12.99 -46.82 -50.18
N HIS A 98 -13.29 -45.53 -50.15
CA HIS A 98 -13.89 -44.83 -51.28
C HIS A 98 -12.80 -44.08 -52.04
N PHE A 99 -12.69 -44.39 -53.33
CA PHE A 99 -11.86 -43.62 -54.25
C PHE A 99 -12.75 -43.11 -55.37
N VAL A 100 -12.42 -41.94 -55.91
CA VAL A 100 -13.25 -41.28 -56.90
C VAL A 100 -12.39 -40.92 -58.10
N TRP A 101 -12.85 -41.30 -59.29
CA TRP A 101 -12.25 -40.84 -60.55
C TRP A 101 -13.40 -40.54 -61.49
N ILE A 102 -13.86 -39.30 -61.47
CA ILE A 102 -14.98 -38.86 -62.31
C ILE A 102 -14.39 -38.28 -63.59
N GLY A 103 -14.80 -38.84 -64.72
CA GLY A 103 -14.27 -38.40 -66.00
C GLY A 103 -12.89 -38.98 -66.26
N GLY A 104 -12.60 -39.29 -67.51
CA GLY A 104 -11.30 -39.83 -67.87
C GLY A 104 -11.10 -41.25 -67.38
N GLU A 105 -9.85 -41.71 -67.51
CA GLU A 105 -9.44 -43.03 -67.08
C GLU A 105 -8.53 -42.94 -65.86
N VAL A 106 -8.53 -43.99 -65.06
CA VAL A 106 -7.67 -44.03 -63.88
C VAL A 106 -6.22 -44.16 -64.33
N SER A 107 -5.37 -43.28 -63.81
CA SER A 107 -3.95 -43.36 -64.10
C SER A 107 -3.32 -44.54 -63.36
N ASP A 108 -2.31 -45.14 -63.99
CA ASP A 108 -1.61 -46.25 -63.35
C ASP A 108 -0.96 -45.82 -62.05
N ILE A 109 -0.58 -44.54 -61.94
CA ILE A 109 -0.07 -44.03 -60.67
C ILE A 109 -1.18 -44.09 -59.62
N ALA A 110 -2.38 -43.67 -59.97
CA ALA A 110 -3.50 -43.73 -59.04
C ALA A 110 -3.80 -45.16 -58.63
N LEU A 111 -3.76 -46.09 -59.60
CA LEU A 111 -4.02 -47.49 -59.27
C LEU A 111 -2.94 -48.06 -58.35
N GLU A 112 -1.67 -47.71 -58.58
CA GLU A 112 -0.61 -48.15 -57.68
C GLU A 112 -0.77 -47.56 -56.29
N TYR A 113 -1.24 -46.31 -56.21
CA TYR A 113 -1.52 -45.71 -54.92
C TYR A 113 -2.65 -46.43 -54.19
N ILE A 114 -3.71 -46.78 -54.93
CA ILE A 114 -4.83 -47.51 -54.34
C ILE A 114 -4.41 -48.93 -53.95
N LYS A 115 -3.41 -49.47 -54.63
CA LYS A 115 -2.96 -50.82 -54.33
C LYS A 115 -2.44 -50.93 -52.90
N GLN A 116 -1.77 -49.90 -52.40
CA GLN A 116 -1.29 -49.93 -51.03
C GLN A 116 -2.45 -50.01 -50.05
N TRP A 117 -3.49 -49.20 -50.26
CA TRP A 117 -4.66 -49.25 -49.40
C TRP A 117 -5.35 -50.60 -49.48
N ALA A 118 -5.44 -51.17 -50.69
CA ALA A 118 -6.11 -52.45 -50.85
C ALA A 118 -5.35 -53.57 -50.16
N ASP A 119 -4.05 -53.66 -50.42
CA ASP A 119 -3.26 -54.77 -49.88
C ASP A 119 -3.09 -54.64 -48.36
N ILE A 120 -2.72 -53.46 -47.89
CA ILE A 120 -2.45 -53.29 -46.46
C ILE A 120 -3.75 -53.38 -45.66
N ASN A 121 -4.78 -52.66 -46.10
CA ASN A 121 -6.08 -52.70 -45.44
C ASN A 121 -7.00 -53.66 -46.20
N ALA A 122 -6.67 -54.96 -46.09
CA ALA A 122 -7.46 -55.98 -46.77
C ALA A 122 -8.84 -56.17 -46.14
N GLU A 123 -9.01 -55.74 -44.89
CA GLU A 123 -10.31 -55.85 -44.24
C GLU A 123 -11.35 -54.98 -44.94
N TYR A 124 -10.96 -53.77 -45.33
CA TYR A 124 -11.84 -52.87 -46.05
C TYR A 124 -11.82 -53.20 -47.54
N ASN A 125 -13.00 -53.17 -48.16
CA ASN A 125 -13.09 -53.36 -49.60
C ASN A 125 -12.96 -52.01 -50.31
N ILE A 126 -12.45 -52.06 -51.54
CA ILE A 126 -12.06 -50.87 -52.28
C ILE A 126 -13.21 -50.44 -53.18
N LYS A 127 -13.57 -49.16 -53.13
CA LYS A 127 -14.64 -48.59 -53.94
C LYS A 127 -14.06 -47.45 -54.76
N LEU A 128 -13.68 -47.72 -56.00
CA LEU A 128 -13.20 -46.70 -56.93
C LEU A 128 -14.41 -46.19 -57.69
N TRP A 129 -14.95 -45.06 -57.27
CA TRP A 129 -16.17 -44.54 -57.89
C TRP A 129 -15.89 -43.97 -59.27
N TYR A 130 -16.83 -44.19 -60.19
CA TYR A 130 -16.72 -43.66 -61.58
C TYR A 130 -18.13 -43.55 -62.18
N ASP A 131 -18.25 -43.04 -63.41
CA ASP A 131 -19.57 -43.00 -64.08
C ASP A 131 -19.54 -43.78 -65.40
N SER A 132 -20.68 -44.39 -65.76
CA SER A 132 -20.74 -45.20 -67.02
C SER A 132 -20.62 -44.28 -68.23
N GLU A 133 -21.19 -43.07 -68.15
CA GLU A 133 -21.17 -42.19 -69.32
C GLU A 133 -20.39 -40.91 -69.06
N ALA A 134 -19.40 -40.95 -68.16
CA ALA A 134 -18.47 -39.85 -67.98
C ALA A 134 -17.06 -40.41 -68.13
N PHE A 135 -16.58 -40.51 -69.37
CA PHE A 135 -15.24 -40.96 -69.67
C PHE A 135 -14.49 -40.04 -70.61
N LEU A 136 -15.18 -39.24 -71.42
CA LEU A 136 -14.54 -38.38 -72.41
C LEU A 136 -14.56 -36.92 -72.01
N VAL A 137 -14.96 -36.61 -70.79
CA VAL A 137 -15.00 -35.21 -70.34
C VAL A 137 -13.60 -34.63 -70.34
N ASN A 138 -12.61 -35.39 -69.85
CA ASN A 138 -11.23 -34.92 -69.89
C ASN A 138 -10.77 -34.67 -71.32
N THR A 139 -11.13 -35.56 -72.25
CA THR A 139 -10.76 -35.35 -73.64
C THR A 139 -11.40 -34.09 -74.19
N LEU A 140 -12.67 -33.85 -73.87
CA LEU A 140 -13.33 -32.64 -74.34
C LEU A 140 -12.67 -31.40 -73.77
N LYS A 141 -12.33 -31.42 -72.49
CA LYS A 141 -11.66 -30.27 -71.88
C LYS A 141 -10.30 -30.02 -72.51
N LYS A 142 -9.51 -31.07 -72.73
CA LYS A 142 -8.21 -30.90 -73.36
C LYS A 142 -8.36 -30.37 -74.79
N ALA A 143 -9.33 -30.89 -75.53
CA ALA A 143 -9.55 -30.42 -76.89
C ALA A 143 -9.94 -28.95 -76.92
N ILE A 144 -10.85 -28.54 -76.04
CA ILE A 144 -11.30 -27.15 -76.07
C ILE A 144 -10.18 -26.21 -75.64
N VAL A 145 -9.40 -26.60 -74.62
CA VAL A 145 -8.33 -25.73 -74.18
C VAL A 145 -7.23 -25.64 -75.24
N GLU A 146 -6.94 -26.75 -75.92
CA GLU A 146 -5.93 -26.71 -76.97
C GLU A 146 -6.38 -25.85 -78.15
N SER A 147 -7.63 -26.04 -78.61
CA SER A 147 -8.13 -25.24 -79.71
C SER A 147 -8.17 -23.77 -79.34
N SER A 148 -8.59 -23.45 -78.12
CA SER A 148 -8.65 -22.06 -77.68
C SER A 148 -7.25 -21.48 -77.51
N THR A 149 -6.28 -22.27 -77.06
CA THR A 149 -4.91 -21.81 -76.99
C THR A 149 -4.40 -21.43 -78.37
N THR A 150 -4.64 -22.30 -79.35
CA THR A 150 -4.24 -21.97 -80.73
C THR A 150 -4.95 -20.71 -81.22
N GLU A 151 -6.24 -20.58 -80.94
CA GLU A 151 -6.99 -19.41 -81.38
C GLU A 151 -6.46 -18.13 -80.74
N ALA A 152 -6.18 -18.16 -79.44
CA ALA A 152 -5.69 -16.97 -78.76
C ALA A 152 -4.29 -16.62 -79.22
N LEU A 153 -3.43 -17.62 -79.43
CA LEU A 153 -2.07 -17.35 -79.91
C LEU A 153 -2.09 -16.76 -81.31
N GLN A 154 -2.96 -17.27 -82.19
CA GLN A 154 -3.04 -16.69 -83.52
C GLN A 154 -3.73 -15.33 -83.51
N LEU A 155 -4.59 -15.07 -82.52
CA LEU A 155 -5.21 -13.75 -82.42
C LEU A 155 -4.21 -12.70 -81.96
N LEU A 156 -3.40 -13.04 -80.95
CA LEU A 156 -2.39 -12.13 -80.41
C LEU A 156 -1.00 -12.43 -80.94
N GLU A 157 -0.90 -12.95 -82.17
CA GLU A 157 0.39 -13.38 -82.70
C GLU A 157 1.37 -12.21 -82.81
N GLU A 158 0.89 -11.05 -83.26
CA GLU A 158 1.76 -9.89 -83.37
C GLU A 158 2.19 -9.35 -82.01
N GLU A 159 1.45 -9.67 -80.94
CA GLU A 159 1.73 -9.16 -79.61
C GLU A 159 2.53 -10.13 -78.75
N ILE A 160 2.30 -11.44 -78.88
CA ILE A 160 3.01 -12.41 -78.06
C ILE A 160 4.49 -12.42 -78.35
N GLN A 161 4.90 -11.93 -79.53
CA GLN A 161 6.32 -11.82 -79.84
C GLN A 161 7.04 -10.83 -78.93
N ASN A 162 6.31 -9.91 -78.31
CA ASN A 162 6.90 -8.94 -77.40
C ASN A 162 7.38 -9.65 -76.14
N PRO A 163 8.65 -9.52 -75.75
CA PRO A 163 9.10 -10.18 -74.51
C PRO A 163 8.35 -9.73 -73.27
N GLN A 164 7.99 -8.46 -73.20
CA GLN A 164 7.21 -7.93 -72.07
C GLN A 164 5.76 -7.79 -72.53
N PHE A 165 5.04 -8.92 -72.47
CA PHE A 165 3.62 -8.96 -72.76
C PHE A 165 2.92 -9.71 -71.63
N ASP A 166 1.90 -9.08 -71.06
CA ASP A 166 1.17 -9.70 -69.97
C ASP A 166 0.37 -10.89 -70.49
N ASN A 167 0.68 -12.08 -69.97
CA ASN A 167 -0.02 -13.29 -70.39
C ASN A 167 -1.48 -13.29 -69.94
N MET A 168 -1.88 -12.37 -69.06
CA MET A 168 -3.27 -12.31 -68.64
C MET A 168 -4.19 -11.92 -69.79
N LYS A 169 -3.71 -11.09 -70.72
CA LYS A 169 -4.50 -10.81 -71.92
C LYS A 169 -4.70 -12.08 -72.75
N PHE A 170 -3.64 -12.87 -72.91
CA PHE A 170 -3.79 -14.14 -73.61
C PHE A 170 -4.77 -15.05 -72.89
N TYR A 171 -4.69 -15.11 -71.56
CA TYR A 171 -5.63 -15.95 -70.81
C TYR A 171 -7.04 -15.43 -70.94
N LYS A 172 -7.22 -14.11 -71.07
CA LYS A 172 -8.55 -13.55 -71.30
C LYS A 172 -9.11 -14.01 -72.64
N LYS A 173 -8.31 -13.91 -73.70
CA LYS A 173 -8.76 -14.38 -75.01
C LYS A 173 -9.06 -15.88 -74.98
N ARG A 174 -8.17 -16.64 -74.32
CA ARG A 174 -8.35 -18.08 -74.26
C ARG A 174 -9.61 -18.44 -73.49
N MET A 175 -9.91 -17.70 -72.42
CA MET A 175 -11.16 -17.92 -71.69
C MET A 175 -12.39 -17.51 -72.50
N GLU A 176 -12.30 -16.42 -73.27
CA GLU A 176 -13.40 -16.11 -74.17
C GLU A 176 -13.68 -17.31 -75.07
N PHE A 177 -12.62 -17.94 -75.57
CA PHE A 177 -12.80 -19.10 -76.45
C PHE A 177 -13.31 -20.33 -75.69
N ILE A 178 -12.83 -20.57 -74.46
CA ILE A 178 -13.38 -21.66 -73.66
C ILE A 178 -14.87 -21.44 -73.42
N TYR A 179 -15.27 -20.22 -73.07
CA TYR A 179 -16.67 -19.99 -72.79
C TYR A 179 -17.52 -20.18 -74.05
N ASP A 180 -17.01 -19.72 -75.20
CA ASP A 180 -17.73 -19.94 -76.45
C ASP A 180 -17.88 -21.43 -76.74
N ARG A 181 -16.81 -22.20 -76.58
CA ARG A 181 -16.87 -23.63 -76.88
C ARG A 181 -17.76 -24.37 -75.89
N GLN A 182 -17.73 -23.97 -74.61
CA GLN A 182 -18.58 -24.60 -73.61
C GLN A 182 -20.04 -24.26 -73.84
N LYS A 183 -20.33 -23.02 -74.27
CA LYS A 183 -21.69 -22.67 -74.65
C LYS A 183 -22.15 -23.48 -75.84
N ARG A 184 -21.27 -23.69 -76.82
CA ARG A 184 -21.60 -24.54 -77.95
C ARG A 184 -21.91 -25.96 -77.49
N PHE A 185 -21.08 -26.50 -76.60
CA PHE A 185 -21.29 -27.86 -76.12
C PHE A 185 -22.58 -27.98 -75.35
N ILE A 186 -22.90 -27.01 -74.50
CA ILE A 186 -24.14 -27.11 -73.73
C ILE A 186 -25.36 -26.91 -74.61
N ASN A 187 -25.26 -26.06 -75.64
CA ASN A 187 -26.36 -25.98 -76.60
C ASN A 187 -26.56 -27.30 -77.32
N TYR A 188 -25.46 -27.94 -77.73
CA TYR A 188 -25.56 -29.26 -78.36
C TYR A 188 -26.14 -30.29 -77.40
N TYR A 189 -25.73 -30.26 -76.14
CA TYR A 189 -26.23 -31.21 -75.16
C TYR A 189 -27.72 -31.02 -74.91
N LYS A 190 -28.17 -29.77 -74.81
CA LYS A 190 -29.59 -29.49 -74.63
C LYS A 190 -30.40 -29.90 -75.85
N SER A 191 -29.84 -29.68 -77.05
CA SER A 191 -30.54 -30.08 -78.27
C SER A 191 -30.65 -31.60 -78.38
N GLN A 192 -29.59 -32.32 -78.00
CA GLN A 192 -29.52 -33.76 -78.17
C GLN A 192 -30.00 -34.52 -76.93
N ILE A 193 -30.42 -33.83 -75.89
CA ILE A 193 -30.92 -34.50 -74.69
C ILE A 193 -32.45 -34.69 -74.73
N ASN A 194 -33.16 -33.87 -75.49
CA ASN A 194 -34.61 -34.05 -75.69
C ASN A 194 -34.89 -34.92 -76.91
N LYS A 195 -34.26 -36.08 -76.96
CA LYS A 195 -34.36 -37.02 -78.05
C LYS A 195 -35.13 -38.27 -77.62
N PRO A 196 -35.58 -39.09 -78.57
CA PRO A 196 -36.18 -40.38 -78.20
C PRO A 196 -35.19 -41.21 -77.40
N THR A 197 -35.71 -41.90 -76.38
CA THR A 197 -34.90 -42.56 -75.35
C THR A 197 -33.97 -41.50 -74.78
N VAL A 198 -32.69 -41.78 -74.57
CA VAL A 198 -31.73 -40.77 -74.11
C VAL A 198 -30.32 -41.21 -74.45
N PRO A 199 -29.53 -40.37 -75.13
CA PRO A 199 -28.13 -40.71 -75.37
C PRO A 199 -27.31 -40.58 -74.10
N THR A 200 -26.28 -41.41 -74.00
CA THR A 200 -25.32 -41.26 -72.93
C THR A 200 -24.50 -39.99 -73.13
N ILE A 201 -24.04 -39.40 -72.01
CA ILE A 201 -23.25 -38.18 -72.10
C ILE A 201 -22.03 -38.42 -72.97
N ASP A 202 -21.44 -39.61 -72.87
CA ASP A 202 -20.37 -40.00 -73.78
C ASP A 202 -20.79 -39.89 -75.24
N ASP A 203 -22.06 -40.20 -75.55
CA ASP A 203 -22.50 -40.12 -76.93
C ASP A 203 -22.48 -38.68 -77.44
N ILE A 204 -22.98 -37.73 -76.63
CA ILE A 204 -22.95 -36.32 -77.04
C ILE A 204 -21.52 -35.85 -77.18
N ILE A 205 -20.66 -36.24 -76.24
CA ILE A 205 -19.25 -35.83 -76.31
C ILE A 205 -18.59 -36.40 -77.56
N LYS A 206 -18.88 -37.67 -77.88
CA LYS A 206 -18.35 -38.26 -79.11
C LYS A 206 -18.81 -37.48 -80.33
N SER A 207 -20.09 -37.16 -80.40
CA SER A 207 -20.61 -36.43 -81.55
C SER A 207 -19.94 -35.07 -81.68
N HIS A 208 -19.82 -34.34 -80.57
CA HIS A 208 -19.22 -33.02 -80.61
C HIS A 208 -17.76 -33.09 -81.02
N LEU A 209 -17.00 -34.01 -80.42
CA LEU A 209 -15.58 -34.12 -80.75
C LEU A 209 -15.37 -34.53 -82.19
N VAL A 210 -16.19 -35.45 -82.70
CA VAL A 210 -16.03 -35.88 -84.09
C VAL A 210 -16.40 -34.75 -85.04
N SER A 211 -17.49 -34.04 -84.77
CA SER A 211 -17.97 -33.04 -85.72
C SER A 211 -17.12 -31.78 -85.71
N GLU A 212 -16.72 -31.29 -84.54
CA GLU A 212 -15.95 -30.05 -84.49
C GLU A 212 -14.45 -30.25 -84.27
N TYR A 213 -14.05 -31.25 -83.49
CA TYR A 213 -12.67 -31.34 -83.01
C TYR A 213 -11.85 -32.40 -83.74
N ASN A 214 -12.34 -32.90 -84.87
CA ASN A 214 -11.62 -33.85 -85.71
C ASN A 214 -11.20 -35.09 -84.90
N ARG A 215 -12.21 -35.81 -84.41
CA ARG A 215 -11.99 -37.02 -83.64
C ARG A 215 -12.66 -38.21 -84.31
N ASP A 216 -12.18 -39.40 -83.98
CA ASP A 216 -12.68 -40.64 -84.56
C ASP A 216 -13.48 -41.39 -83.50
N GLU A 217 -14.65 -41.92 -83.90
CA GLU A 217 -15.52 -42.58 -82.95
C GLU A 217 -14.86 -43.83 -82.36
N THR A 218 -14.13 -44.57 -83.18
CA THR A 218 -13.51 -45.80 -82.70
C THR A 218 -12.46 -45.53 -81.63
N LEU A 219 -11.70 -44.43 -81.76
CA LEU A 219 -10.73 -44.08 -80.72
C LEU A 219 -11.43 -43.79 -79.40
N LEU A 220 -12.52 -43.03 -79.45
CA LEU A 220 -13.27 -42.74 -78.22
C LEU A 220 -13.86 -44.00 -77.62
N GLU A 221 -14.38 -44.90 -78.46
CA GLU A 221 -14.93 -46.16 -77.96
C GLU A 221 -13.85 -47.02 -77.31
N SER A 222 -12.67 -47.08 -77.94
CA SER A 222 -11.57 -47.83 -77.36
C SER A 222 -11.14 -47.24 -76.02
N TYR A 223 -11.08 -45.92 -75.93
CA TYR A 223 -10.74 -45.29 -74.67
C TYR A 223 -11.79 -45.59 -73.61
N ARG A 224 -13.07 -45.54 -74.00
CA ARG A 224 -14.15 -45.82 -73.07
C ARG A 224 -14.06 -47.23 -72.52
N THR A 225 -13.88 -48.22 -73.40
CA THR A 225 -13.85 -49.59 -72.92
C THR A 225 -12.57 -49.88 -72.14
N ASN A 226 -11.44 -49.27 -72.52
CA ASN A 226 -10.21 -49.46 -71.76
C ASN A 226 -10.36 -48.89 -70.35
N SER A 227 -10.94 -47.69 -70.24
CA SER A 227 -11.17 -47.08 -68.93
C SER A 227 -12.12 -47.93 -68.11
N LEU A 228 -13.20 -48.42 -68.72
CA LEU A 228 -14.16 -49.24 -68.01
C LEU A 228 -13.50 -50.51 -67.48
N ARG A 229 -12.71 -51.18 -68.32
CA ARG A 229 -12.04 -52.41 -67.89
C ARG A 229 -11.04 -52.11 -66.77
N LYS A 230 -10.24 -51.05 -66.90
CA LYS A 230 -9.25 -50.74 -65.88
C LYS A 230 -9.91 -50.41 -64.55
N ILE A 231 -10.96 -49.59 -64.57
CA ILE A 231 -11.64 -49.21 -63.34
C ILE A 231 -12.29 -50.42 -62.70
N ASN A 232 -12.98 -51.25 -63.49
CA ASN A 232 -13.67 -52.40 -62.93
C ASN A 232 -12.69 -53.42 -62.37
N SER A 233 -11.57 -53.65 -63.07
CA SER A 233 -10.53 -54.54 -62.54
C SER A 233 -9.85 -53.95 -61.31
N ASN A 234 -9.92 -52.63 -61.14
CA ASN A 234 -9.38 -51.97 -59.95
C ASN A 234 -10.47 -51.57 -58.97
N HIS A 235 -11.47 -52.44 -58.79
CA HIS A 235 -12.54 -52.26 -57.81
C HIS A 235 -13.45 -51.08 -58.17
N GLY A 236 -13.84 -51.01 -59.44
CA GLY A 236 -14.68 -49.91 -59.88
C GLY A 236 -16.12 -50.08 -59.45
N ILE A 237 -16.72 -48.97 -58.99
CA ILE A 237 -18.12 -48.90 -58.62
C ILE A 237 -18.74 -47.75 -59.40
N ASP A 238 -19.81 -48.02 -60.13
CA ASP A 238 -20.45 -46.99 -60.91
C ASP A 238 -21.38 -46.15 -60.04
N ILE A 239 -21.70 -44.96 -60.53
CA ILE A 239 -22.63 -44.06 -59.85
C ILE A 239 -24.00 -44.07 -60.53
N ARG A 240 -24.03 -43.93 -61.86
CA ARG A 240 -25.29 -43.98 -62.57
C ARG A 240 -25.95 -45.35 -62.43
N ALA A 241 -25.15 -46.42 -62.51
CA ALA A 241 -25.66 -47.77 -62.25
C ALA A 241 -25.59 -48.10 -60.77
N ASN A 242 -26.13 -47.20 -59.95
CA ASN A 242 -26.16 -47.34 -58.50
C ASN A 242 -27.06 -46.26 -57.95
N SER A 243 -27.57 -46.49 -56.74
CA SER A 243 -28.44 -45.53 -56.07
C SER A 243 -27.55 -44.53 -55.33
N LEU A 244 -27.12 -43.51 -56.07
CA LEU A 244 -26.28 -42.46 -55.49
C LEU A 244 -26.88 -41.09 -55.79
N PHE A 245 -27.46 -40.93 -56.98
CA PHE A 245 -28.08 -39.66 -57.40
C PHE A 245 -29.59 -39.76 -57.14
N THR A 246 -29.98 -39.44 -55.91
CA THR A 246 -31.38 -39.48 -55.52
C THR A 246 -32.05 -38.12 -55.74
N GLU A 247 -31.53 -37.07 -55.10
CA GLU A 247 -32.11 -35.75 -55.21
C GLU A 247 -31.76 -35.11 -56.54
N GLN A 248 -32.74 -34.50 -57.18
CA GLN A 248 -32.52 -33.88 -58.48
C GLN A 248 -31.58 -32.68 -58.38
N GLU A 249 -31.63 -31.95 -57.27
CA GLU A 249 -30.74 -30.80 -57.11
C GLU A 249 -29.28 -31.23 -57.09
N LEU A 250 -28.99 -32.34 -56.39
CA LEU A 250 -27.62 -32.85 -56.37
C LEU A 250 -27.15 -33.28 -57.76
N LEU A 251 -28.05 -33.92 -58.52
CA LEU A 251 -27.70 -34.25 -59.90
C LEU A 251 -27.44 -33.00 -60.72
N ASN A 252 -28.24 -31.96 -60.52
CA ASN A 252 -28.04 -30.72 -61.29
C ASN A 252 -26.70 -30.09 -60.96
N ILE A 253 -26.34 -30.04 -59.67
CA ILE A 253 -25.07 -29.41 -59.30
C ILE A 253 -23.89 -30.30 -59.65
N TYR A 254 -24.09 -31.62 -59.72
CA TYR A 254 -23.02 -32.51 -60.14
C TYR A 254 -22.76 -32.38 -61.64
N SER A 255 -23.82 -32.37 -62.44
CA SER A 255 -23.69 -32.11 -63.87
C SER A 255 -23.30 -30.66 -64.15
N GLN A 256 -23.40 -29.78 -63.15
CA GLN A 256 -22.98 -28.39 -63.33
C GLN A 256 -21.50 -28.29 -63.59
N GLU A 257 -20.69 -29.11 -62.92
CA GLU A 257 -19.26 -29.15 -63.19
C GLU A 257 -18.82 -30.34 -64.03
N LEU A 258 -19.63 -31.41 -64.08
CA LEU A 258 -19.25 -32.57 -64.89
C LEU A 258 -19.16 -32.21 -66.36
N LEU A 259 -20.13 -31.47 -66.87
CA LEU A 259 -20.17 -31.22 -68.31
C LEU A 259 -20.29 -29.74 -68.67
N ASN A 260 -21.01 -28.94 -67.87
CA ASN A 260 -21.09 -27.51 -68.16
C ASN A 260 -19.73 -26.84 -68.10
N ARG A 261 -18.94 -27.17 -67.08
CA ARG A 261 -17.66 -26.53 -66.82
C ARG A 261 -16.45 -27.39 -67.09
N GLY A 262 -16.59 -28.71 -66.98
CA GLY A 262 -15.44 -29.59 -67.02
C GLY A 262 -14.68 -29.67 -65.71
N ASN A 263 -15.22 -29.10 -64.64
CA ASN A 263 -14.55 -29.05 -63.34
C ASN A 263 -14.82 -30.37 -62.61
N LEU A 264 -14.10 -31.42 -63.03
CA LEU A 264 -14.25 -32.71 -62.38
C LEU A 264 -13.81 -32.71 -60.92
N ALA A 265 -13.08 -31.68 -60.49
CA ALA A 265 -12.73 -31.60 -59.08
C ALA A 265 -13.97 -31.42 -58.21
N ALA A 266 -14.85 -30.50 -58.58
CA ALA A 266 -16.09 -30.34 -57.83
C ALA A 266 -17.01 -31.55 -57.99
N ALA A 267 -16.95 -32.21 -59.15
CA ALA A 267 -17.68 -33.47 -59.31
C ALA A 267 -17.19 -34.49 -58.31
N SER A 268 -15.88 -34.59 -58.11
CA SER A 268 -15.35 -35.47 -57.08
C SER A 268 -15.79 -35.04 -55.69
N ASP A 269 -15.76 -33.73 -55.43
CA ASP A 269 -16.15 -33.24 -54.11
C ASP A 269 -17.61 -33.53 -53.80
N ILE A 270 -18.46 -33.62 -54.81
CA ILE A 270 -19.87 -33.93 -54.55
C ILE A 270 -20.14 -35.43 -54.54
N VAL A 271 -19.50 -36.19 -55.43
CA VAL A 271 -19.75 -37.64 -55.43
C VAL A 271 -19.13 -38.30 -54.22
N ARG A 272 -18.04 -37.75 -53.67
CA ARG A 272 -17.49 -38.31 -52.45
C ARG A 272 -18.47 -38.16 -51.29
N LEU A 273 -19.13 -36.99 -51.20
CA LEU A 273 -20.12 -36.79 -50.15
C LEU A 273 -21.33 -37.69 -50.37
N LEU A 274 -21.77 -37.85 -51.62
CA LEU A 274 -22.91 -38.72 -51.89
C LEU A 274 -22.58 -40.17 -51.54
N ALA A 275 -21.36 -40.61 -51.87
CA ALA A 275 -20.94 -41.97 -51.53
C ALA A 275 -20.87 -42.16 -50.02
N LEU A 276 -20.31 -41.19 -49.31
CA LEU A 276 -20.20 -41.31 -47.86
C LEU A 276 -21.55 -41.18 -47.17
N LYS A 277 -22.55 -40.61 -47.85
CA LYS A 277 -23.89 -40.55 -47.27
C LYS A 277 -24.70 -41.81 -47.54
N ASN A 278 -24.72 -42.27 -48.79
CA ASN A 278 -25.48 -43.46 -49.14
C ASN A 278 -24.95 -44.68 -48.38
N PHE A 279 -23.71 -45.04 -48.63
CA PHE A 279 -23.03 -46.09 -47.87
C PHE A 279 -22.26 -45.44 -46.73
N GLY A 280 -21.35 -46.17 -46.10
CA GLY A 280 -20.45 -45.59 -45.13
C GLY A 280 -19.02 -45.67 -45.60
N GLY A 281 -18.08 -45.68 -44.67
CA GLY A 281 -16.70 -45.98 -44.98
C GLY A 281 -15.78 -44.78 -44.90
N VAL A 282 -14.73 -44.85 -45.72
CA VAL A 282 -13.67 -43.86 -45.76
C VAL A 282 -13.41 -43.50 -47.22
N TYR A 283 -13.40 -42.20 -47.51
CA TYR A 283 -13.01 -41.68 -48.81
C TYR A 283 -11.57 -41.18 -48.76
N LEU A 284 -10.81 -41.49 -49.80
CA LEU A 284 -9.42 -41.06 -49.90
C LEU A 284 -9.12 -40.66 -51.33
N ASP A 285 -8.50 -39.50 -51.51
CA ASP A 285 -7.97 -39.15 -52.81
C ASP A 285 -6.81 -40.07 -53.16
N VAL A 286 -6.60 -40.26 -54.46
CA VAL A 286 -5.59 -41.22 -54.91
C VAL A 286 -4.20 -40.82 -54.43
N ASP A 287 -3.96 -39.52 -54.24
CA ASP A 287 -2.64 -39.07 -53.82
C ASP A 287 -2.28 -39.52 -52.41
N MET A 288 -3.26 -39.78 -51.57
CA MET A 288 -2.97 -40.20 -50.20
C MET A 288 -2.49 -41.64 -50.14
N LEU A 289 -1.71 -41.93 -49.10
CA LEU A 289 -1.06 -43.21 -48.87
C LEU A 289 -1.30 -43.66 -47.44
N PRO A 290 -1.28 -44.98 -47.19
CA PRO A 290 -1.45 -45.46 -45.82
C PRO A 290 -0.34 -44.94 -44.92
N GLY A 291 -0.69 -44.68 -43.67
CA GLY A 291 0.28 -44.17 -42.73
C GLY A 291 1.30 -45.21 -42.32
N ILE A 292 2.39 -44.71 -41.73
CA ILE A 292 3.43 -45.58 -41.21
C ILE A 292 3.20 -45.80 -39.72
N HIS A 293 3.78 -46.87 -39.18
CA HIS A 293 3.77 -47.07 -37.74
C HIS A 293 4.60 -46.00 -37.05
N SER A 294 4.09 -45.51 -35.92
CA SER A 294 4.80 -44.48 -35.16
C SER A 294 6.13 -44.99 -34.65
N ASP A 295 6.17 -46.23 -34.17
CA ASP A 295 7.36 -46.80 -33.55
C ASP A 295 8.31 -47.43 -34.56
N LEU A 296 7.93 -47.55 -35.82
CA LEU A 296 8.82 -48.14 -36.82
C LEU A 296 10.05 -47.26 -37.02
N PHE A 297 9.86 -45.94 -37.06
CA PHE A 297 10.94 -44.97 -37.13
C PHE A 297 11.08 -44.22 -35.81
N LYS A 298 10.93 -44.94 -34.69
CA LYS A 298 10.95 -44.31 -33.37
C LYS A 298 12.28 -43.61 -33.10
N THR A 299 13.36 -44.08 -33.72
CA THR A 299 14.65 -43.43 -33.55
C THR A 299 14.59 -42.00 -34.07
N ILE A 300 15.65 -41.24 -33.81
CA ILE A 300 15.68 -39.82 -34.19
C ILE A 300 16.80 -39.59 -35.20
N PRO A 301 16.58 -39.88 -36.48
CA PRO A 301 17.54 -39.47 -37.50
C PRO A 301 17.28 -38.04 -37.97
N ARG A 302 16.53 -37.29 -37.17
CA ARG A 302 16.10 -35.95 -37.55
C ARG A 302 17.32 -35.06 -37.79
N PRO A 303 17.43 -34.42 -38.96
CA PRO A 303 18.62 -33.61 -39.24
C PRO A 303 18.55 -32.23 -38.62
N SER A 304 17.33 -31.77 -38.32
CA SER A 304 17.06 -30.45 -37.75
C SER A 304 17.36 -29.35 -38.76
N SER A 305 17.88 -29.71 -39.92
CA SER A 305 18.06 -28.78 -41.03
C SER A 305 17.09 -29.07 -42.17
N ILE A 306 16.21 -30.05 -42.01
CA ILE A 306 15.22 -30.43 -43.00
C ILE A 306 13.85 -30.18 -42.40
N GLY A 307 12.96 -29.57 -43.18
CA GLY A 307 11.63 -29.26 -42.69
C GLY A 307 10.90 -30.50 -42.21
N LEU A 308 10.04 -30.31 -41.22
CA LEU A 308 9.32 -31.44 -40.63
C LEU A 308 8.46 -32.14 -41.67
N ASP A 309 7.83 -31.38 -42.56
CA ASP A 309 7.10 -32.00 -43.66
C ASP A 309 8.03 -32.74 -44.61
N ARG A 310 9.18 -32.13 -44.94
CA ARG A 310 10.10 -32.84 -45.82
C ARG A 310 10.71 -34.03 -45.12
N TRP A 311 10.67 -34.08 -43.78
CA TRP A 311 11.08 -35.29 -43.10
C TRP A 311 10.13 -36.45 -43.39
N GLU A 312 8.82 -36.18 -43.40
CA GLU A 312 7.86 -37.20 -43.81
C GLU A 312 8.05 -37.56 -45.29
N MET A 313 8.39 -36.56 -46.11
CA MET A 313 8.72 -36.86 -47.50
C MET A 313 9.93 -37.78 -47.60
N ILE A 314 10.95 -37.55 -46.78
CA ILE A 314 12.11 -38.44 -46.72
C ILE A 314 11.69 -39.84 -46.31
N LYS A 315 10.84 -39.94 -45.28
CA LYS A 315 10.41 -41.25 -44.81
C LYS A 315 9.74 -42.03 -45.92
N LEU A 316 8.75 -41.43 -46.57
CA LEU A 316 8.03 -42.13 -47.63
C LEU A 316 8.94 -42.43 -48.83
N GLU A 317 9.79 -41.47 -49.20
CA GLU A 317 10.67 -41.66 -50.34
C GLU A 317 11.68 -42.77 -50.10
N ALA A 318 12.25 -42.83 -48.90
CA ALA A 318 13.15 -43.94 -48.57
C ALA A 318 12.40 -45.26 -48.55
N ILE A 319 11.19 -45.27 -47.99
CA ILE A 319 10.41 -46.51 -47.90
C ILE A 319 10.14 -47.07 -49.29
N MET A 320 9.76 -46.21 -50.23
CA MET A 320 9.43 -46.66 -51.58
C MET A 320 10.57 -46.55 -52.56
N LYS A 321 11.78 -46.21 -52.09
CA LYS A 321 12.98 -46.32 -52.90
C LYS A 321 13.78 -47.58 -52.56
N TYR A 322 13.93 -47.90 -51.27
CA TYR A 322 14.64 -49.11 -50.90
C TYR A 322 13.83 -50.35 -51.27
N LYS A 323 12.63 -50.48 -50.70
CA LYS A 323 11.68 -51.52 -51.08
C LYS A 323 10.67 -50.86 -52.01
N LYS A 324 10.88 -51.04 -53.32
CA LYS A 324 10.08 -50.34 -54.32
C LYS A 324 8.63 -50.81 -54.25
N TYR A 325 7.74 -49.93 -53.78
CA TYR A 325 6.32 -50.21 -53.71
C TYR A 325 5.53 -49.53 -54.81
N ILE A 326 5.88 -48.29 -55.16
CA ILE A 326 5.21 -47.53 -56.20
C ILE A 326 6.20 -47.26 -57.32
N ASN A 327 5.80 -47.55 -58.55
CA ASN A 327 6.69 -47.40 -59.69
C ASN A 327 6.99 -45.92 -59.93
N ASN A 328 8.25 -45.64 -60.27
CA ASN A 328 8.69 -44.30 -60.64
C ASN A 328 8.46 -43.27 -59.54
N TYR A 329 8.70 -43.69 -58.29
CA TYR A 329 8.67 -42.77 -57.15
C TYR A 329 9.97 -41.98 -57.16
N THR A 330 9.96 -40.86 -57.88
CA THR A 330 11.18 -40.09 -58.12
C THR A 330 11.77 -39.59 -56.81
N SER A 331 12.98 -40.07 -56.50
CA SER A 331 13.66 -39.71 -55.26
C SER A 331 14.56 -38.49 -55.43
N GLU A 332 13.98 -37.40 -55.94
CA GLU A 332 14.73 -36.16 -56.09
C GLU A 332 14.99 -35.46 -54.77
N ASN A 333 14.33 -35.87 -53.69
CA ASN A 333 14.45 -35.23 -52.40
C ASN A 333 15.25 -36.09 -51.43
N PHE A 334 14.99 -37.40 -51.40
CA PHE A 334 15.72 -38.28 -50.49
C PHE A 334 17.17 -38.48 -50.93
N ASP A 335 17.39 -38.66 -52.23
CA ASP A 335 18.72 -39.02 -52.70
C ASP A 335 19.62 -37.79 -52.81
N LYS A 336 19.65 -36.98 -51.76
CA LYS A 336 20.65 -35.93 -51.62
C LYS A 336 21.12 -35.77 -50.18
N LEU A 337 20.65 -36.59 -49.25
CA LEU A 337 21.02 -36.49 -47.84
C LEU A 337 22.35 -37.21 -47.60
N ASP A 338 22.82 -37.20 -46.36
CA ASP A 338 24.09 -37.82 -46.02
C ASP A 338 23.98 -39.34 -46.11
N GLN A 339 25.14 -39.98 -46.31
CA GLN A 339 25.17 -41.42 -46.53
C GLN A 339 24.83 -42.20 -45.27
N GLN A 340 25.24 -41.69 -44.10
CA GLN A 340 24.93 -42.39 -42.86
C GLN A 340 23.43 -42.46 -42.61
N LEU A 341 22.72 -41.37 -42.93
CA LEU A 341 21.27 -41.37 -42.80
C LEU A 341 20.63 -42.39 -43.73
N LYS A 342 21.11 -42.47 -44.97
CA LYS A 342 20.59 -43.45 -45.91
C LYS A 342 20.86 -44.87 -45.43
N ASP A 343 22.04 -45.11 -44.85
CA ASP A 343 22.36 -46.44 -44.35
C ASP A 343 21.46 -46.81 -43.16
N ASN A 344 21.19 -45.84 -42.28
CA ASN A 344 20.27 -46.08 -41.17
C ASN A 344 18.88 -46.40 -41.69
N PHE A 345 18.40 -45.66 -42.68
CA PHE A 345 17.09 -45.94 -43.26
C PHE A 345 17.06 -47.31 -43.91
N LYS A 346 18.16 -47.70 -44.58
CA LYS A 346 18.28 -49.05 -45.11
C LYS A 346 18.12 -50.10 -44.03
N LEU A 347 18.83 -49.92 -42.91
CA LEU A 347 18.74 -50.89 -41.82
C LEU A 347 17.32 -50.97 -41.27
N ILE A 348 16.68 -49.81 -41.07
CA ILE A 348 15.33 -49.81 -40.51
C ILE A 348 14.34 -50.48 -41.46
N ILE A 349 14.42 -50.17 -42.76
CA ILE A 349 13.43 -50.70 -43.69
C ILE A 349 13.65 -52.19 -43.91
N GLU A 350 14.90 -52.65 -43.97
CA GLU A 350 15.16 -54.07 -44.20
C GLU A 350 15.11 -54.90 -42.94
N SER A 351 14.99 -54.27 -41.76
CA SER A 351 14.89 -55.00 -40.51
C SER A 351 13.46 -55.32 -40.11
N LYS A 352 12.48 -54.98 -40.94
CA LYS A 352 11.07 -55.15 -40.61
C LYS A 352 10.47 -56.30 -41.41
N SER A 353 9.20 -56.59 -41.14
CA SER A 353 8.46 -57.66 -41.77
C SER A 353 7.84 -57.17 -43.07
N GLU A 354 6.88 -57.91 -43.60
CA GLU A 354 6.31 -57.63 -44.92
C GLU A 354 5.50 -56.32 -44.89
N LYS A 355 4.84 -56.01 -46.00
CA LYS A 355 4.19 -54.72 -46.18
C LYS A 355 3.14 -54.45 -45.11
N SER A 356 2.60 -55.50 -44.49
CA SER A 356 1.57 -55.32 -43.48
C SER A 356 2.07 -54.54 -42.26
N GLU A 357 3.38 -54.52 -42.01
CA GLU A 357 3.93 -53.81 -40.86
C GLU A 357 4.83 -52.65 -41.24
N ILE A 358 5.24 -52.52 -42.50
CA ILE A 358 5.98 -51.34 -42.90
C ILE A 358 5.07 -50.12 -42.93
N PHE A 359 3.76 -50.33 -43.11
CA PHE A 359 2.77 -49.26 -43.10
C PHE A 359 1.70 -49.55 -42.06
N SER A 360 1.24 -48.51 -41.38
CA SER A 360 0.21 -48.68 -40.37
C SER A 360 -1.13 -49.02 -41.02
N LYS A 361 -1.98 -49.66 -40.23
CA LYS A 361 -3.33 -50.00 -40.68
C LYS A 361 -4.21 -50.10 -39.43
N LEU A 362 -5.15 -49.17 -39.30
CA LEU A 362 -6.01 -49.10 -38.12
C LEU A 362 -7.44 -49.44 -38.49
N GLU A 363 -8.01 -50.43 -37.79
CA GLU A 363 -9.42 -50.75 -37.87
C GLU A 363 -10.20 -50.19 -36.68
N ASN A 364 -9.54 -49.37 -35.86
CA ASN A 364 -10.14 -48.81 -34.65
C ASN A 364 -10.69 -47.41 -34.87
N LEU A 365 -11.22 -47.14 -36.06
CA LEU A 365 -11.75 -45.81 -36.35
C LEU A 365 -13.04 -45.57 -35.59
N ASN A 366 -12.93 -44.94 -34.42
CA ASN A 366 -14.07 -44.70 -33.55
C ASN A 366 -14.75 -43.40 -33.95
N VAL A 367 -15.80 -43.51 -34.76
CA VAL A 367 -16.56 -42.35 -35.21
C VAL A 367 -18.01 -42.55 -34.81
N SER A 368 -18.77 -41.47 -34.83
CA SER A 368 -20.19 -41.49 -34.56
C SER A 368 -20.98 -41.21 -35.83
N ASP A 369 -22.26 -41.55 -35.79
CA ASP A 369 -23.15 -41.23 -36.91
C ASP A 369 -23.40 -39.74 -37.04
N LEU A 370 -23.00 -38.95 -36.05
CA LEU A 370 -23.13 -37.50 -36.07
C LEU A 370 -21.85 -36.81 -36.56
N GLU A 371 -20.85 -37.57 -36.97
CA GLU A 371 -19.51 -37.04 -37.19
C GLU A 371 -18.96 -37.45 -38.54
N ILE A 372 -18.11 -36.59 -39.09
CA ILE A 372 -17.24 -36.93 -40.21
C ILE A 372 -15.84 -36.45 -39.84
N LYS A 373 -14.85 -37.11 -40.42
CA LYS A 373 -13.45 -36.74 -40.20
C LYS A 373 -12.85 -36.23 -41.49
N ILE A 374 -11.84 -35.38 -41.37
CA ILE A 374 -11.30 -34.66 -42.51
C ILE A 374 -9.82 -34.42 -42.27
N ALA A 375 -9.02 -34.48 -43.34
CA ALA A 375 -7.59 -34.32 -43.15
C ALA A 375 -7.27 -32.86 -42.85
N PHE A 376 -6.04 -32.61 -42.39
CA PHE A 376 -5.60 -31.26 -42.07
C PHE A 376 -4.42 -30.88 -42.93
N ALA A 377 -4.41 -29.63 -43.38
CA ALA A 377 -3.30 -29.10 -44.17
C ALA A 377 -3.21 -27.61 -43.89
N LEU A 378 -2.00 -27.14 -43.56
CA LEU A 378 -1.73 -25.73 -43.30
C LEU A 378 -2.68 -25.17 -42.24
N GLY A 379 -2.99 -25.99 -41.24
CA GLY A 379 -3.91 -25.59 -40.19
C GLY A 379 -5.32 -25.33 -40.67
N SER A 380 -5.79 -26.09 -41.65
CA SER A 380 -7.15 -25.93 -42.13
C SER A 380 -7.66 -27.27 -42.64
N VAL A 381 -8.98 -27.40 -42.70
CA VAL A 381 -9.57 -28.66 -43.17
C VAL A 381 -9.23 -28.88 -44.63
N ILE A 382 -9.11 -30.15 -45.00
CA ILE A 382 -8.92 -30.56 -46.39
C ILE A 382 -9.62 -31.90 -46.58
N ASN A 383 -10.54 -31.96 -47.53
CA ASN A 383 -11.34 -33.14 -47.76
C ASN A 383 -10.60 -34.12 -48.66
N GLN A 384 -9.35 -34.39 -48.31
CA GLN A 384 -8.55 -35.41 -48.99
C GLN A 384 -8.71 -36.77 -48.35
N ALA A 385 -9.36 -36.84 -47.18
CA ALA A 385 -9.54 -38.08 -46.45
C ALA A 385 -10.70 -37.90 -45.49
N LEU A 386 -11.76 -38.66 -45.68
CA LEU A 386 -13.00 -38.51 -44.93
C LEU A 386 -13.43 -39.85 -44.35
N ILE A 387 -13.98 -39.82 -43.14
CA ILE A 387 -14.51 -41.01 -42.49
C ILE A 387 -15.94 -40.71 -42.05
N SER A 388 -16.89 -41.52 -42.52
CA SER A 388 -18.26 -41.32 -42.07
C SER A 388 -19.06 -42.59 -42.29
N LYS A 389 -20.01 -42.82 -41.39
CA LYS A 389 -20.87 -44.00 -41.46
C LYS A 389 -21.97 -43.77 -42.50
N GLN A 390 -22.97 -44.65 -42.52
CA GLN A 390 -24.07 -44.51 -43.46
C GLN A 390 -24.97 -43.36 -43.05
N GLY A 391 -25.17 -42.40 -43.95
CA GLY A 391 -26.06 -41.29 -43.69
C GLY A 391 -25.68 -40.47 -42.48
N SER A 392 -24.40 -40.11 -42.36
CA SER A 392 -23.95 -39.32 -41.23
C SER A 392 -24.62 -37.96 -41.24
N TYR A 393 -25.09 -37.52 -40.07
CA TYR A 393 -25.81 -36.26 -39.98
C TYR A 393 -24.90 -35.08 -40.33
N LEU A 394 -23.67 -35.07 -39.84
CA LEU A 394 -22.76 -33.99 -40.19
C LEU A 394 -22.41 -34.04 -41.67
N THR A 395 -22.27 -35.24 -42.22
CA THR A 395 -22.09 -35.35 -43.67
C THR A 395 -23.29 -34.75 -44.39
N ASN A 396 -24.51 -35.06 -43.93
CA ASN A 396 -25.69 -34.45 -44.51
C ASN A 396 -25.64 -32.93 -44.41
N LEU A 397 -25.07 -32.41 -43.33
CA LEU A 397 -24.85 -30.96 -43.23
C LEU A 397 -23.90 -30.48 -44.31
N VAL A 398 -22.88 -31.27 -44.63
CA VAL A 398 -21.95 -30.90 -45.70
C VAL A 398 -22.67 -30.87 -47.05
N ILE A 399 -23.50 -31.87 -47.33
CA ILE A 399 -24.30 -31.83 -48.56
C ILE A 399 -25.23 -30.61 -48.57
N GLU A 400 -25.84 -30.29 -47.42
CA GLU A 400 -26.72 -29.14 -47.37
C GLU A 400 -25.96 -27.85 -47.62
N GLN A 401 -24.74 -27.74 -47.10
CA GLN A 401 -23.92 -26.56 -47.34
C GLN A 401 -23.54 -26.44 -48.81
N VAL A 402 -23.15 -27.55 -49.43
CA VAL A 402 -22.84 -27.53 -50.86
C VAL A 402 -24.08 -27.11 -51.65
N LYS A 403 -25.24 -27.64 -51.26
CA LYS A 403 -26.48 -27.30 -51.97
C LYS A 403 -26.82 -25.83 -51.83
N ASN A 404 -26.64 -25.25 -50.64
CA ASN A 404 -26.92 -23.83 -50.45
C ASN A 404 -25.96 -22.97 -51.26
N ARG A 405 -24.67 -23.31 -51.23
CA ARG A 405 -23.69 -22.53 -51.99
C ARG A 405 -23.98 -22.58 -53.48
N TYR A 406 -24.29 -23.77 -54.00
CA TYR A 406 -24.62 -23.88 -55.41
C TYR A 406 -25.96 -23.24 -55.72
N GLN A 407 -26.87 -23.20 -54.76
CA GLN A 407 -28.13 -22.49 -54.95
C GLN A 407 -27.88 -21.02 -55.16
N PHE A 408 -27.05 -20.41 -54.32
CA PHE A 408 -26.71 -19.00 -54.48
C PHE A 408 -26.01 -18.76 -55.82
N LEU A 409 -25.01 -19.61 -56.13
CA LEU A 409 -24.26 -19.43 -57.37
C LEU A 409 -25.16 -19.55 -58.59
N ASN A 410 -26.05 -20.54 -58.61
CA ASN A 410 -26.97 -20.70 -59.73
C ASN A 410 -27.96 -19.56 -59.80
N GLN A 411 -28.51 -19.15 -58.65
CA GLN A 411 -29.47 -18.06 -58.63
C GLN A 411 -28.88 -16.80 -59.24
N HIS A 412 -27.60 -16.55 -59.00
CA HIS A 412 -26.98 -15.34 -59.54
C HIS A 412 -26.27 -15.56 -60.88
N LEU A 413 -26.13 -16.80 -61.35
CA LEU A 413 -25.41 -17.08 -62.58
C LEU A 413 -26.31 -17.48 -63.75
N ASN A 414 -27.34 -18.28 -63.50
CA ASN A 414 -28.23 -18.71 -64.58
C ASN A 414 -28.86 -17.54 -65.33
N PRO A 415 -29.33 -16.47 -64.69
CA PRO A 415 -29.76 -15.30 -65.49
C PRO A 415 -28.65 -14.73 -66.36
N ALA A 416 -27.40 -14.84 -65.91
CA ALA A 416 -26.29 -14.29 -66.68
C ALA A 416 -25.92 -15.19 -67.85
N ILE A 417 -25.97 -16.51 -67.67
CA ILE A 417 -25.51 -17.43 -68.70
C ILE A 417 -26.62 -17.85 -69.67
N GLU A 418 -27.88 -17.71 -69.28
CA GLU A 418 -28.95 -18.04 -70.20
C GLU A 418 -29.04 -17.04 -71.35
N SER A 419 -28.87 -15.75 -71.04
CA SER A 419 -28.83 -14.73 -72.08
C SER A 419 -27.55 -14.90 -72.89
N ASP A 420 -27.69 -15.24 -74.17
CA ASP A 420 -26.54 -15.47 -75.03
C ASP A 420 -25.70 -14.21 -75.16
N ASN A 421 -24.51 -14.21 -74.56
CA ASN A 421 -23.61 -13.07 -74.58
C ASN A 421 -22.18 -13.58 -74.64
N ASN A 422 -21.26 -12.67 -74.97
CA ASN A 422 -19.85 -12.99 -74.93
C ASN A 422 -19.41 -13.27 -73.49
N PHE A 423 -18.21 -13.85 -73.37
CA PHE A 423 -17.69 -14.19 -72.04
C PHE A 423 -17.59 -12.94 -71.17
N THR A 424 -17.04 -11.86 -71.73
CA THR A 424 -16.89 -10.63 -70.95
C THR A 424 -18.25 -10.09 -70.51
N ASP A 425 -19.23 -10.09 -71.41
CA ASP A 425 -20.55 -9.56 -71.08
C ASP A 425 -21.25 -10.40 -70.03
N THR A 426 -21.21 -11.72 -70.18
CA THR A 426 -21.88 -12.57 -69.19
C THR A 426 -21.18 -12.51 -67.85
N THR A 427 -19.85 -12.38 -67.82
CA THR A 427 -19.16 -12.21 -66.55
C THR A 427 -19.49 -10.86 -65.91
N LYS A 428 -19.64 -9.82 -66.73
CA LYS A 428 -20.06 -8.52 -66.18
C LYS A 428 -21.44 -8.62 -65.56
N ILE A 429 -22.38 -9.28 -66.26
CA ILE A 429 -23.73 -9.45 -65.73
C ILE A 429 -23.71 -10.27 -64.44
N PHE A 430 -22.93 -11.36 -64.44
CA PHE A 430 -22.83 -12.22 -63.27
C PHE A 430 -22.26 -11.47 -62.07
N HIS A 431 -21.20 -10.70 -62.29
CA HIS A 431 -20.61 -9.91 -61.21
C HIS A 431 -21.58 -8.86 -60.71
N ASP A 432 -22.30 -8.20 -61.63
CA ASP A 432 -23.26 -7.19 -61.22
C ASP A 432 -24.35 -7.79 -60.34
N SER A 433 -24.89 -8.95 -60.75
CA SER A 433 -25.90 -9.61 -59.94
C SER A 433 -25.33 -10.02 -58.59
N LEU A 434 -24.13 -10.59 -58.58
CA LEU A 434 -23.50 -11.04 -57.35
C LEU A 434 -23.36 -9.90 -56.35
N PHE A 435 -22.79 -8.78 -56.80
CA PHE A 435 -22.50 -7.68 -55.91
C PHE A 435 -23.72 -6.81 -55.63
N ASN A 436 -24.78 -6.92 -56.43
CA ASN A 436 -26.04 -6.30 -56.07
C ASN A 436 -26.75 -7.10 -54.99
N SER A 437 -26.61 -8.42 -55.00
CA SER A 437 -27.12 -9.27 -53.94
C SER A 437 -26.13 -9.44 -52.79
N ALA A 438 -25.17 -8.52 -52.66
CA ALA A 438 -24.13 -8.65 -51.65
C ALA A 438 -24.69 -8.42 -50.25
N THR A 439 -24.04 -9.03 -49.26
CA THR A 439 -24.42 -8.91 -47.86
C THR A 439 -23.15 -9.00 -47.03
N ALA A 440 -23.18 -8.40 -45.84
CA ALA A 440 -22.02 -8.45 -44.96
C ALA A 440 -21.66 -9.89 -44.59
N GLU A 441 -22.67 -10.75 -44.44
CA GLU A 441 -22.42 -12.13 -44.06
C GLU A 441 -21.64 -12.89 -45.13
N ASN A 442 -21.99 -12.70 -46.40
CA ASN A 442 -21.43 -13.49 -47.49
C ASN A 442 -20.72 -12.63 -48.52
N SER A 443 -19.97 -11.62 -48.05
CA SER A 443 -19.19 -10.80 -48.98
C SER A 443 -17.99 -11.58 -49.51
N MET A 444 -17.28 -12.27 -48.61
CA MET A 444 -16.14 -13.08 -49.04
C MET A 444 -16.57 -14.25 -49.91
N PHE A 445 -17.76 -14.81 -49.64
CA PHE A 445 -18.25 -15.92 -50.46
C PHE A 445 -18.46 -15.49 -51.90
N LEU A 446 -19.11 -14.34 -52.09
CA LEU A 446 -19.34 -13.84 -53.45
C LEU A 446 -18.04 -13.36 -54.09
N THR A 447 -17.09 -12.88 -53.28
CA THR A 447 -15.77 -12.57 -53.82
C THR A 447 -15.08 -13.82 -54.34
N LYS A 448 -15.21 -14.94 -53.61
CA LYS A 448 -14.53 -16.16 -54.00
C LYS A 448 -15.20 -16.82 -55.21
N ILE A 449 -16.54 -16.83 -55.25
CA ILE A 449 -17.24 -17.48 -56.35
C ILE A 449 -17.43 -16.58 -57.55
N ALA A 450 -16.93 -15.35 -57.50
CA ALA A 450 -17.06 -14.46 -58.66
C ALA A 450 -16.38 -15.01 -59.90
N PRO A 451 -15.11 -15.53 -59.86
CA PRO A 451 -14.53 -16.18 -61.04
C PRO A 451 -14.90 -17.66 -61.15
N TYR A 452 -16.19 -17.97 -60.98
CA TYR A 452 -16.63 -19.35 -61.08
C TYR A 452 -16.46 -19.89 -62.49
N LEU A 453 -16.74 -19.08 -63.50
CA LEU A 453 -16.57 -19.51 -64.88
C LEU A 453 -15.11 -19.65 -65.26
N GLN A 454 -14.19 -19.18 -64.43
CA GLN A 454 -12.76 -19.20 -64.75
C GLN A 454 -11.98 -20.26 -63.97
N VAL A 455 -12.64 -21.05 -63.13
CA VAL A 455 -11.94 -21.98 -62.26
C VAL A 455 -11.28 -23.06 -63.12
N GLY A 456 -9.97 -23.20 -62.98
CA GLY A 456 -9.21 -24.23 -63.66
C GLY A 456 -8.63 -23.81 -65.00
N PHE A 457 -8.99 -22.64 -65.51
CA PHE A 457 -8.50 -22.20 -66.80
C PHE A 457 -7.75 -20.87 -66.75
N MET A 458 -8.14 -19.94 -65.88
CA MET A 458 -7.38 -18.71 -65.68
C MET A 458 -6.69 -18.72 -64.33
N PRO A 459 -5.54 -18.04 -64.21
CA PRO A 459 -4.81 -18.05 -62.94
C PRO A 459 -5.58 -17.39 -61.82
N GLU A 460 -5.33 -17.87 -60.60
CA GLU A 460 -5.85 -17.31 -59.36
C GLU A 460 -7.36 -17.42 -59.25
N ALA A 461 -7.98 -18.30 -60.02
CA ALA A 461 -9.41 -18.54 -59.96
C ALA A 461 -9.66 -19.79 -59.11
N ARG A 462 -10.14 -19.60 -57.89
CA ARG A 462 -10.35 -20.69 -56.93
C ARG A 462 -11.72 -20.52 -56.30
N SER A 463 -12.75 -21.09 -56.93
CA SER A 463 -14.10 -21.08 -56.37
C SER A 463 -14.55 -22.44 -55.88
N THR A 464 -13.93 -23.52 -56.34
CA THR A 464 -14.29 -24.85 -55.84
C THR A 464 -14.04 -24.96 -54.34
N ILE A 465 -13.02 -24.26 -53.84
CA ILE A 465 -12.73 -24.28 -52.41
C ILE A 465 -13.89 -23.70 -51.61
N SER A 466 -14.66 -22.80 -52.21
CA SER A 466 -15.74 -22.13 -51.51
C SER A 466 -17.10 -22.81 -51.69
N LEU A 467 -17.30 -23.55 -52.77
CA LEU A 467 -18.59 -24.18 -53.04
C LEU A 467 -18.64 -25.60 -52.52
N SER A 468 -17.77 -26.47 -53.03
CA SER A 468 -17.78 -27.88 -52.66
C SER A 468 -16.49 -28.34 -52.00
N GLY A 469 -15.47 -27.50 -51.92
CA GLY A 469 -14.21 -27.88 -51.34
C GLY A 469 -14.17 -27.68 -49.84
N PRO A 470 -12.96 -27.42 -49.31
CA PRO A 470 -12.81 -27.32 -47.85
C PRO A 470 -13.66 -26.24 -47.20
N GLY A 471 -14.05 -25.20 -47.93
CA GLY A 471 -14.90 -24.18 -47.33
C GLY A 471 -16.25 -24.72 -46.91
N ALA A 472 -16.85 -25.57 -47.74
CA ALA A 472 -18.14 -26.17 -47.39
C ALA A 472 -18.02 -27.04 -46.15
N TYR A 473 -16.95 -27.84 -46.07
CA TYR A 473 -16.76 -28.69 -44.90
C TYR A 473 -16.52 -27.86 -43.64
N ALA A 474 -15.73 -26.79 -43.75
CA ALA A 474 -15.50 -25.93 -42.60
C ALA A 474 -16.78 -25.27 -42.13
N SER A 475 -17.61 -24.82 -43.08
CA SER A 475 -18.89 -24.24 -42.72
C SER A 475 -19.80 -25.27 -42.05
N ALA A 476 -19.77 -26.52 -42.55
CA ALA A 476 -20.55 -27.57 -41.93
C ALA A 476 -20.07 -27.88 -40.52
N TYR A 477 -18.76 -27.86 -40.30
CA TYR A 477 -18.23 -28.06 -38.96
C TYR A 477 -18.66 -26.94 -38.02
N TYR A 478 -18.63 -25.69 -38.51
CA TYR A 478 -19.13 -24.58 -37.71
C TYR A 478 -20.61 -24.75 -37.39
N ASP A 479 -21.39 -25.21 -38.38
CA ASP A 479 -22.81 -25.47 -38.14
C ASP A 479 -23.00 -26.55 -37.10
N PHE A 480 -22.20 -27.61 -37.15
CA PHE A 480 -22.36 -28.72 -36.22
C PHE A 480 -21.99 -28.30 -34.81
N ILE A 481 -20.83 -27.66 -34.64
CA ILE A 481 -20.37 -27.29 -33.30
C ILE A 481 -21.31 -26.27 -32.68
N ASN A 482 -21.72 -25.26 -33.44
CA ASN A 482 -22.56 -24.18 -32.93
C ASN A 482 -24.04 -24.44 -33.14
N LEU A 483 -24.42 -25.60 -33.67
CA LEU A 483 -25.81 -25.97 -33.93
C LEU A 483 -26.52 -24.99 -34.83
N GLN A 484 -25.78 -24.32 -35.71
CA GLN A 484 -26.35 -23.35 -36.63
C GLN A 484 -26.79 -24.06 -37.90
N GLU A 485 -27.09 -23.30 -38.95
CA GLU A 485 -27.53 -23.86 -40.21
C GLU A 485 -27.20 -22.91 -41.34
N ASN A 486 -26.66 -23.46 -42.43
CA ASN A 486 -26.40 -22.74 -43.67
C ASN A 486 -25.42 -21.58 -43.50
N THR A 487 -24.54 -21.64 -42.50
CA THR A 487 -23.51 -20.61 -42.37
C THR A 487 -22.56 -20.66 -43.55
N ILE A 488 -22.07 -19.50 -43.96
CA ILE A 488 -21.33 -19.35 -45.20
C ILE A 488 -19.85 -19.08 -44.94
N GLU A 489 -19.53 -18.04 -44.17
CA GLU A 489 -18.15 -17.66 -43.95
C GLU A 489 -17.67 -17.76 -42.51
N LYS A 490 -18.56 -18.00 -41.55
CA LYS A 490 -18.12 -18.17 -40.18
C LYS A 490 -17.20 -19.36 -40.07
N THR A 491 -16.06 -19.17 -39.40
CA THR A 491 -15.01 -20.17 -39.33
C THR A 491 -14.88 -20.71 -37.91
N LEU A 492 -14.21 -21.86 -37.80
CA LEU A 492 -14.00 -22.53 -36.53
C LEU A 492 -12.54 -22.44 -36.11
N LYS A 493 -12.33 -22.17 -34.83
CA LYS A 493 -10.96 -22.08 -34.31
C LYS A 493 -10.28 -23.45 -34.35
N ALA A 494 -8.96 -23.41 -34.54
CA ALA A 494 -8.20 -24.65 -34.69
C ALA A 494 -8.26 -25.51 -33.42
N SER A 495 -8.45 -24.89 -32.26
CA SER A 495 -8.55 -25.66 -31.02
C SER A 495 -9.81 -26.52 -31.00
N ASP A 496 -10.93 -25.99 -31.49
CA ASP A 496 -12.18 -26.74 -31.55
C ASP A 496 -12.28 -27.61 -32.78
N LEU A 497 -11.34 -27.51 -33.72
CA LEU A 497 -11.36 -28.30 -34.93
C LEU A 497 -10.56 -29.59 -34.82
N ILE A 498 -9.84 -29.79 -33.72
CA ILE A 498 -8.95 -30.95 -33.61
C ILE A 498 -9.74 -32.23 -33.37
N GLU A 499 -10.94 -32.13 -32.78
CA GLU A 499 -11.71 -33.34 -32.48
C GLU A 499 -12.18 -34.06 -33.73
N PHE A 500 -12.32 -33.36 -34.85
CA PHE A 500 -12.77 -33.96 -36.10
C PHE A 500 -11.61 -34.38 -36.99
N LYS A 501 -10.38 -34.26 -36.51
CA LYS A 501 -9.22 -34.57 -37.33
C LYS A 501 -9.14 -36.05 -37.66
N PHE A 502 -8.75 -36.36 -38.88
CA PHE A 502 -8.42 -37.71 -39.26
C PHE A 502 -7.28 -38.21 -38.38
N PRO A 503 -7.34 -39.47 -37.91
CA PRO A 503 -6.21 -40.02 -37.15
C PRO A 503 -4.89 -39.82 -37.87
N GLU A 504 -3.94 -39.17 -37.18
CA GLU A 504 -2.69 -38.78 -37.82
C GLU A 504 -1.85 -39.99 -38.22
N ASN A 505 -2.02 -41.11 -37.52
CA ASN A 505 -1.25 -42.31 -37.86
C ASN A 505 -1.75 -42.95 -39.16
N ASN A 506 -3.02 -42.78 -39.47
CA ASN A 506 -3.61 -43.44 -40.63
C ASN A 506 -3.32 -42.75 -41.95
N LEU A 507 -2.82 -41.51 -41.93
CA LEU A 507 -2.57 -40.76 -43.14
C LEU A 507 -1.11 -40.36 -43.24
N SER A 508 -0.56 -40.48 -44.45
CA SER A 508 0.70 -39.86 -44.82
C SER A 508 0.37 -38.82 -45.87
N GLN A 509 -0.02 -37.63 -45.40
CA GLN A 509 -0.47 -36.58 -46.31
C GLN A 509 0.68 -36.07 -47.18
N LEU A 510 1.86 -35.93 -46.61
CA LEU A 510 2.99 -35.39 -47.35
C LEU A 510 3.49 -36.42 -48.36
N THR A 511 2.71 -36.64 -49.40
CA THR A 511 3.00 -37.63 -50.42
C THR A 511 3.42 -36.92 -51.70
N GLU A 512 4.23 -37.61 -52.51
CA GLU A 512 4.74 -37.02 -53.74
C GLU A 512 3.60 -36.53 -54.64
N GLN A 513 2.55 -37.33 -54.81
CA GLN A 513 1.43 -36.90 -55.65
C GLN A 513 0.66 -35.76 -54.99
N GLU A 514 0.51 -35.79 -53.67
CA GLU A 514 -0.13 -34.68 -52.97
C GLU A 514 0.67 -33.40 -53.15
N ILE A 515 2.00 -33.48 -53.04
CA ILE A 515 2.84 -32.31 -53.24
C ILE A 515 2.73 -31.81 -54.67
N ASN A 516 2.71 -32.74 -55.64
CA ASN A 516 2.58 -32.34 -57.04
C ASN A 516 1.27 -31.63 -57.30
N SER A 517 0.19 -32.11 -56.69
CA SER A 517 -1.12 -31.50 -56.88
C SER A 517 -1.31 -30.23 -56.05
N LEU A 518 -0.46 -29.99 -55.05
CA LEU A 518 -0.58 -28.78 -54.24
C LEU A 518 -0.19 -27.52 -55.00
N TRP A 519 0.47 -27.64 -56.15
CA TRP A 519 0.85 -26.48 -56.94
C TRP A 519 -0.39 -25.84 -57.53
N SER A 520 -0.82 -24.72 -56.96
CA SER A 520 -2.01 -24.04 -57.44
C SER A 520 -1.73 -23.38 -58.79
N PHE A 521 -2.81 -23.19 -59.56
CA PHE A 521 -2.74 -22.48 -60.84
C PHE A 521 -2.85 -20.99 -60.55
N ASP A 522 -1.70 -20.38 -60.26
CA ASP A 522 -1.60 -18.98 -59.91
C ASP A 522 -0.77 -18.25 -60.97
N GLN A 523 -0.45 -16.99 -60.70
CA GLN A 523 0.31 -16.19 -61.65
C GLN A 523 1.65 -16.82 -61.95
N ALA A 524 2.31 -17.39 -60.93
CA ALA A 524 3.60 -18.04 -61.14
C ALA A 524 3.48 -19.20 -62.12
N SER A 525 2.54 -20.11 -61.87
CA SER A 525 2.36 -21.24 -62.78
C SER A 525 1.80 -20.79 -64.12
N ALA A 526 0.98 -19.75 -64.13
CA ALA A 526 0.42 -19.24 -65.38
C ALA A 526 1.52 -18.72 -66.29
N LYS A 527 2.55 -18.09 -65.72
CA LYS A 527 3.65 -17.59 -66.53
C LYS A 527 4.30 -18.71 -67.33
N TYR A 528 4.63 -19.81 -66.66
CA TYR A 528 5.29 -20.91 -67.34
C TYR A 528 4.34 -21.71 -68.22
N GLN A 529 3.06 -21.74 -67.90
CA GLN A 529 2.09 -22.37 -68.81
C GLN A 529 2.00 -21.59 -70.12
N PHE A 530 1.93 -20.26 -70.03
CA PHE A 530 1.94 -19.44 -71.23
C PHE A 530 3.24 -19.59 -72.00
N GLU A 531 4.36 -19.69 -71.27
CA GLU A 531 5.65 -19.89 -71.92
C GLU A 531 5.67 -21.22 -72.67
N LYS A 532 5.11 -22.28 -72.06
CA LYS A 532 5.03 -23.56 -72.74
C LYS A 532 4.15 -23.47 -73.98
N TYR A 533 3.03 -22.74 -73.87
CA TYR A 533 2.15 -22.57 -75.03
C TYR A 533 2.88 -21.89 -76.17
N VAL A 534 3.61 -20.81 -75.88
CA VAL A 534 4.31 -20.09 -76.94
C VAL A 534 5.60 -20.77 -77.37
N ARG A 535 6.08 -21.74 -76.60
CA ARG A 535 7.15 -22.61 -77.10
C ARG A 535 6.62 -23.64 -78.07
N ASP A 536 5.44 -24.20 -77.77
CA ASP A 536 4.82 -25.16 -78.68
C ASP A 536 4.23 -24.50 -79.92
N TYR A 537 3.98 -23.19 -79.87
CA TYR A 537 3.50 -22.44 -81.02
C TYR A 537 4.65 -21.64 -81.63
N THR A 538 4.70 -21.59 -82.96
CA THR A 538 5.78 -20.94 -83.68
C THR A 538 7.12 -21.49 -83.25
N GLY A 539 7.81 -20.79 -82.36
CA GLY A 539 9.11 -21.23 -81.90
C GLY A 539 9.82 -20.14 -81.16
N GLY A 540 11.01 -20.48 -80.65
CA GLY A 540 11.83 -19.55 -79.91
C GLY A 540 11.53 -19.56 -78.43
N SER A 541 12.51 -19.11 -77.65
CA SER A 541 12.36 -19.05 -76.20
C SER A 541 11.28 -18.06 -75.80
N LEU A 542 11.28 -16.88 -76.41
CA LEU A 542 10.33 -15.81 -76.07
C LEU A 542 10.34 -15.52 -74.57
N SER A 543 11.54 -15.47 -74.00
CA SER A 543 11.72 -15.27 -72.57
C SER A 543 12.21 -13.85 -72.28
N GLU A 544 12.00 -13.42 -71.04
CA GLU A 544 12.45 -12.09 -70.64
C GLU A 544 13.98 -12.00 -70.63
N ASP A 545 14.66 -13.05 -70.16
CA ASP A 545 16.11 -13.05 -70.16
C ASP A 545 16.70 -13.16 -71.55
N ASN A 546 15.89 -13.45 -72.57
CA ASN A 546 16.39 -13.48 -73.94
C ASN A 546 16.85 -12.10 -74.42
N GLY A 547 16.42 -11.04 -73.75
CA GLY A 547 16.79 -9.69 -74.14
C GLY A 547 18.14 -9.25 -73.63
N VAL A 548 19.13 -9.21 -74.54
CA VAL A 548 20.50 -8.75 -74.33
C VAL A 548 21.00 -9.00 -72.90
N ASP A 549 20.75 -10.19 -72.36
CA ASP A 549 21.30 -10.56 -71.06
C ASP A 549 22.81 -10.68 -71.19
N PHE A 550 23.54 -9.70 -70.66
CA PHE A 550 24.98 -9.62 -70.87
C PHE A 550 25.67 -9.51 -69.52
N ASN A 551 26.95 -9.85 -69.51
CA ASN A 551 27.74 -9.99 -68.28
C ASN A 551 28.76 -8.87 -68.11
N LYS A 552 28.36 -7.63 -68.41
CA LYS A 552 29.26 -6.50 -68.25
C LYS A 552 29.52 -6.22 -66.77
N ASN A 553 30.52 -5.39 -66.52
CA ASN A 553 30.94 -5.10 -65.16
C ASN A 553 30.95 -3.59 -64.89
N THR A 554 29.86 -2.92 -65.27
CA THR A 554 29.78 -1.48 -65.12
C THR A 554 29.78 -1.10 -63.64
N ALA A 555 30.75 -0.26 -63.24
CA ALA A 555 30.78 0.25 -61.89
C ALA A 555 29.69 1.30 -61.70
N LEU A 556 29.51 1.73 -60.45
CA LEU A 556 28.44 2.66 -60.14
C LEU A 556 28.76 4.04 -60.68
N ASP A 557 27.90 4.56 -61.54
CA ASP A 557 27.98 5.95 -62.00
C ASP A 557 27.37 6.82 -60.91
N LYS A 558 28.22 7.24 -59.96
CA LYS A 558 27.75 8.00 -58.82
C LYS A 558 27.09 9.31 -59.23
N ASN A 559 27.57 9.92 -60.31
CA ASN A 559 26.90 11.11 -60.84
C ASN A 559 25.49 10.77 -61.32
N TYR A 560 25.34 9.63 -61.99
CA TYR A 560 24.01 9.19 -62.41
C TYR A 560 23.10 8.94 -61.22
N LEU A 561 23.65 8.35 -60.15
CA LEU A 561 22.86 8.10 -58.95
C LEU A 561 22.44 9.40 -58.28
N LEU A 562 23.34 10.38 -58.20
CA LEU A 562 23.08 11.61 -57.48
C LEU A 562 22.34 12.66 -58.30
N ASN A 563 22.24 12.50 -59.62
CA ASN A 563 21.65 13.51 -60.47
C ASN A 563 20.38 13.06 -61.19
N ASN A 564 20.12 11.76 -61.28
CA ASN A 564 18.93 11.29 -62.00
C ASN A 564 18.11 10.35 -61.13
N LYS A 565 18.77 9.62 -60.23
CA LYS A 565 18.07 8.65 -59.40
C LYS A 565 17.43 9.30 -58.19
N ILE A 566 18.24 9.90 -57.32
CA ILE A 566 17.70 10.57 -56.14
C ILE A 566 16.80 11.74 -56.49
N PRO A 567 17.17 12.66 -57.39
CA PRO A 567 16.27 13.79 -57.67
C PRO A 567 14.92 13.37 -58.21
N SER A 568 14.86 12.32 -59.02
CA SER A 568 13.61 11.88 -59.64
C SER A 568 12.83 10.90 -58.79
N ASN A 569 13.31 10.56 -57.60
CA ASN A 569 12.60 9.63 -56.75
C ASN A 569 11.24 10.19 -56.34
N ASN A 570 10.21 9.36 -56.45
CA ASN A 570 8.86 9.74 -56.03
C ASN A 570 8.22 8.74 -55.08
N VAL A 571 8.84 7.59 -54.85
CA VAL A 571 8.29 6.59 -53.95
C VAL A 571 8.49 7.05 -52.51
N GLU A 572 7.42 7.06 -51.73
CA GLU A 572 7.46 7.43 -50.32
C GLU A 572 7.34 6.18 -49.47
N GLU A 573 8.27 5.99 -48.55
CA GLU A 573 8.25 4.81 -47.68
C GLU A 573 7.16 4.94 -46.62
N ALA A 574 7.25 5.98 -45.79
CA ALA A 574 6.27 6.26 -44.74
C ALA A 574 6.11 5.08 -43.78
N GLY A 575 7.20 4.36 -43.53
CA GLY A 575 7.17 3.24 -42.62
C GLY A 575 7.98 3.49 -41.36
N SER A 576 9.00 2.66 -41.13
CA SER A 576 9.88 2.80 -39.98
C SER A 576 11.24 3.37 -40.34
N LYS A 577 11.80 2.97 -41.49
CA LYS A 577 13.09 3.44 -41.99
C LYS A 577 14.23 3.14 -41.03
N ASN A 578 14.03 2.23 -40.07
CA ASN A 578 15.11 1.79 -39.19
C ASN A 578 15.63 0.48 -39.75
N TYR A 579 16.43 0.61 -40.81
CA TYR A 579 17.03 -0.55 -41.44
C TYR A 579 18.24 -0.12 -42.27
N VAL A 580 19.19 -1.04 -42.39
CA VAL A 580 20.29 -0.91 -43.33
C VAL A 580 20.06 -1.88 -44.48
N HIS A 581 20.10 -1.37 -45.70
CA HIS A 581 19.59 -2.06 -46.89
C HIS A 581 20.77 -2.42 -47.79
N TYR A 582 21.31 -3.61 -47.63
CA TYR A 582 22.44 -4.05 -48.45
C TYR A 582 21.89 -4.47 -49.82
N ILE A 583 22.02 -3.58 -50.79
CA ILE A 583 21.48 -3.84 -52.12
C ILE A 583 22.54 -4.62 -52.89
N ILE A 584 22.59 -5.93 -52.71
CA ILE A 584 23.69 -6.74 -53.24
C ILE A 584 23.26 -7.23 -54.61
N GLN A 585 23.52 -6.40 -55.61
CA GLN A 585 23.27 -6.79 -56.99
C GLN A 585 24.27 -7.86 -57.40
N LEU A 586 23.77 -8.96 -57.97
CA LEU A 586 24.59 -10.12 -58.27
C LEU A 586 24.87 -10.32 -59.75
N GLN A 587 24.24 -9.54 -60.63
CA GLN A 587 24.44 -9.70 -62.07
C GLN A 587 24.73 -8.33 -62.69
N GLY A 588 25.65 -8.32 -63.66
CA GLY A 588 26.14 -7.07 -64.21
C GLY A 588 25.30 -6.48 -65.32
N ASP A 589 24.25 -7.16 -65.77
CA ASP A 589 23.44 -6.63 -66.84
C ASP A 589 22.72 -5.36 -66.42
N ASP A 590 22.42 -4.50 -67.40
CA ASP A 590 21.72 -3.26 -67.11
C ASP A 590 20.34 -3.49 -66.53
N ILE A 591 19.74 -4.65 -66.79
CA ILE A 591 18.42 -4.96 -66.24
C ILE A 591 18.48 -4.97 -64.72
N SER A 592 19.54 -5.58 -64.16
CA SER A 592 19.70 -5.58 -62.69
C SER A 592 20.32 -4.25 -62.25
N TYR A 593 21.29 -3.73 -63.02
CA TYR A 593 22.01 -2.48 -62.65
C TYR A 593 21.01 -1.35 -62.38
N GLU A 594 20.07 -1.13 -63.31
CA GLU A 594 19.12 0.01 -63.15
C GLU A 594 18.21 -0.27 -61.94
N ALA A 595 17.71 -1.50 -61.80
CA ALA A 595 16.92 -1.85 -60.63
C ALA A 595 17.69 -1.56 -59.35
N THR A 596 18.97 -1.89 -59.33
CA THR A 596 19.82 -1.56 -58.19
C THR A 596 19.83 -0.07 -57.92
N CYS A 597 20.07 0.72 -58.98
CA CYS A 597 20.15 2.17 -58.81
C CYS A 597 18.82 2.76 -58.34
N ASN A 598 17.71 2.29 -58.92
CA ASN A 598 16.40 2.81 -58.53
C ASN A 598 16.06 2.42 -57.08
N LEU A 599 16.34 1.18 -56.71
CA LEU A 599 16.02 0.75 -55.35
C LEU A 599 16.89 1.48 -54.34
N PHE A 600 18.12 1.84 -54.73
CA PHE A 600 18.90 2.77 -53.93
C PHE A 600 18.22 4.13 -53.84
N SER A 601 17.70 4.62 -54.97
CA SER A 601 17.05 5.92 -55.00
C SER A 601 15.80 5.96 -54.13
N LYS A 602 15.20 4.81 -53.84
CA LYS A 602 14.02 4.79 -52.96
C LYS A 602 14.36 5.33 -51.57
N ASN A 603 15.54 4.97 -51.06
CA ASN A 603 15.99 5.45 -49.76
C ASN A 603 17.52 5.45 -49.74
N PRO A 604 18.14 6.45 -50.36
CA PRO A 604 19.61 6.43 -50.51
C PRO A 604 20.37 6.44 -49.20
N LYS A 605 19.86 7.12 -48.17
CA LYS A 605 20.62 7.27 -46.93
C LYS A 605 20.73 5.94 -46.18
N ASN A 606 19.60 5.25 -46.01
CA ASN A 606 19.58 3.96 -45.30
C ASN A 606 19.62 2.81 -46.30
N SER A 607 20.65 2.80 -47.13
CA SER A 607 20.84 1.74 -48.11
C SER A 607 22.26 1.82 -48.65
N ILE A 608 22.85 0.66 -48.93
CA ILE A 608 24.21 0.57 -49.43
C ILE A 608 24.27 -0.46 -50.55
N ILE A 609 25.11 -0.19 -51.55
CA ILE A 609 25.23 -1.04 -52.74
C ILE A 609 26.55 -1.78 -52.66
N ILE A 610 26.50 -3.11 -52.76
CA ILE A 610 27.70 -3.93 -52.71
C ILE A 610 27.74 -4.73 -54.00
N GLN A 611 27.32 -4.10 -55.11
CA GLN A 611 27.16 -4.77 -56.39
C GLN A 611 28.28 -5.76 -56.67
N ARG A 612 27.90 -6.99 -56.98
CA ARG A 612 28.84 -8.10 -57.17
C ARG A 612 29.03 -8.44 -58.64
N ASN A 613 28.91 -7.44 -59.52
CA ASN A 613 29.11 -7.68 -60.94
C ASN A 613 30.53 -8.20 -61.22
N MET A 614 31.52 -7.58 -60.57
CA MET A 614 32.90 -8.05 -60.60
C MET A 614 33.26 -8.61 -59.24
N ASN A 615 33.98 -9.73 -59.24
CA ASN A 615 34.15 -10.53 -58.03
C ASN A 615 34.89 -9.81 -56.91
N GLU A 616 36.16 -9.52 -57.12
CA GLU A 616 37.02 -9.00 -56.04
C GLU A 616 37.13 -7.47 -56.07
N SER A 617 35.99 -6.79 -56.15
CA SER A 617 35.96 -5.34 -56.01
C SER A 617 34.75 -4.84 -55.26
N ALA A 618 34.00 -5.72 -54.59
CA ALA A 618 32.76 -5.32 -53.94
C ALA A 618 33.03 -4.30 -52.85
N LYS A 619 32.32 -3.17 -52.92
CA LYS A 619 32.52 -2.07 -51.98
C LYS A 619 31.19 -1.40 -51.70
N SER A 620 30.98 -1.02 -50.45
CA SER A 620 29.71 -0.41 -50.04
C SER A 620 29.62 1.01 -50.58
N TYR A 621 28.75 1.20 -51.58
CA TYR A 621 28.61 2.49 -52.25
C TYR A 621 27.44 3.28 -51.66
N PHE A 622 27.61 3.73 -50.42
CA PHE A 622 26.56 4.42 -49.72
C PHE A 622 26.66 5.94 -49.92
N LEU A 623 25.85 6.69 -49.17
CA LEU A 623 25.74 8.14 -49.29
C LEU A 623 26.44 8.81 -48.13
N SER A 624 27.13 9.92 -48.42
CA SER A 624 27.85 10.65 -47.39
C SER A 624 26.88 11.22 -46.36
N ASP A 625 27.36 11.36 -45.12
CA ASP A 625 26.53 11.82 -44.02
C ASP A 625 26.02 13.22 -44.27
N ASP A 626 24.72 13.35 -44.53
CA ASP A 626 24.07 14.64 -44.79
C ASP A 626 24.76 15.38 -45.94
N GLY A 627 25.19 14.62 -46.95
CA GLY A 627 25.92 15.21 -48.06
C GLY A 627 25.42 14.81 -49.42
N GLU A 628 26.17 15.18 -50.46
CA GLU A 628 25.86 14.86 -51.84
C GLU A 628 27.06 14.18 -52.48
N SER A 629 27.60 13.19 -51.77
CA SER A 629 28.78 12.46 -52.24
C SER A 629 28.61 10.99 -51.90
N ILE A 630 29.35 10.16 -52.63
CA ILE A 630 29.31 8.71 -52.46
C ILE A 630 30.59 8.29 -51.74
N LEU A 631 30.44 7.63 -50.59
CA LEU A 631 31.56 7.16 -49.81
C LEU A 631 31.66 5.65 -49.97
N GLU A 632 32.87 5.16 -50.22
CA GLU A 632 33.10 3.78 -50.66
C GLU A 632 33.99 3.07 -49.65
N LEU A 633 33.39 2.26 -48.78
CA LEU A 633 34.13 1.44 -47.85
C LEU A 633 34.38 0.06 -48.47
N ASN A 634 34.81 -0.90 -47.66
CA ASN A 634 35.13 -2.23 -48.13
C ASN A 634 33.84 -3.03 -48.33
N LYS A 635 33.96 -4.33 -48.53
CA LYS A 635 32.81 -5.19 -48.79
C LYS A 635 31.90 -5.25 -47.56
N TYR A 636 30.60 -5.04 -47.78
CA TYR A 636 29.56 -5.19 -46.77
C TYR A 636 29.79 -4.31 -45.55
N ARG A 637 30.54 -3.22 -45.69
CA ARG A 637 30.76 -2.31 -44.58
C ARG A 637 29.67 -1.24 -44.54
N ILE A 638 29.56 -0.58 -43.40
CA ILE A 638 28.47 0.37 -43.17
C ILE A 638 29.10 1.72 -42.81
N PRO A 639 28.34 2.82 -43.00
CA PRO A 639 28.89 4.15 -42.68
C PRO A 639 29.24 4.34 -41.22
N GLU A 640 28.97 3.35 -40.36
CA GLU A 640 29.19 3.44 -38.92
C GLU A 640 28.24 4.46 -38.28
N ARG A 641 27.37 5.06 -39.08
CA ARG A 641 26.22 5.76 -38.54
C ARG A 641 24.99 4.87 -38.48
N LEU A 642 24.97 3.81 -39.28
CA LEU A 642 23.92 2.80 -39.24
C LEU A 642 24.28 1.66 -38.29
N LYS A 643 24.64 2.02 -37.06
CA LYS A 643 24.99 1.09 -36.02
C LYS A 643 23.82 0.71 -35.13
N ASN A 644 22.87 1.62 -34.93
CA ASN A 644 21.70 1.36 -34.12
C ASN A 644 20.53 0.83 -34.93
N LYS A 645 20.73 0.55 -36.21
CA LYS A 645 19.66 -0.02 -37.04
C LYS A 645 19.30 -1.41 -36.53
N GLU A 646 18.00 -1.68 -36.48
CA GLU A 646 17.50 -2.94 -35.95
C GLU A 646 17.24 -3.99 -37.02
N LYS A 647 17.19 -3.59 -38.29
CA LYS A 647 16.84 -4.50 -39.38
C LYS A 647 17.87 -4.42 -40.49
N VAL A 648 18.19 -5.57 -41.07
CA VAL A 648 19.07 -5.67 -42.22
C VAL A 648 18.22 -6.16 -43.38
N LYS A 649 18.05 -5.30 -44.40
CA LYS A 649 17.19 -5.60 -45.54
C LYS A 649 18.07 -5.93 -46.74
N VAL A 650 18.44 -7.19 -46.86
CA VAL A 650 19.23 -7.65 -48.01
C VAL A 650 18.30 -7.83 -49.19
N THR A 651 18.73 -7.35 -50.36
CA THR A 651 17.87 -7.30 -51.54
C THR A 651 18.63 -7.78 -52.77
N PHE A 652 19.22 -8.97 -52.69
CA PHE A 652 19.91 -9.60 -53.80
C PHE A 652 19.16 -9.41 -55.11
N ILE A 653 19.84 -8.82 -56.10
CA ILE A 653 19.26 -8.53 -57.41
C ILE A 653 19.87 -9.48 -58.42
N GLY A 654 19.03 -10.16 -59.19
CA GLY A 654 19.53 -11.10 -60.17
C GLY A 654 18.43 -11.62 -61.05
N HIS A 655 18.78 -12.61 -61.87
CA HIS A 655 17.83 -13.25 -62.78
C HIS A 655 17.71 -14.72 -62.41
N GLY A 656 16.54 -15.11 -61.93
CA GLY A 656 16.29 -16.51 -61.66
C GLY A 656 16.10 -17.31 -62.93
N LYS A 657 16.26 -18.63 -62.80
CA LYS A 657 16.09 -19.51 -63.95
C LYS A 657 14.65 -19.52 -64.41
N ASP A 658 14.46 -19.73 -65.72
CA ASP A 658 13.13 -19.70 -66.34
C ASP A 658 12.46 -21.05 -66.19
N GLU A 659 12.19 -21.42 -64.94
CA GLU A 659 11.52 -22.66 -64.60
C GLU A 659 10.52 -22.43 -63.48
N PHE A 660 9.41 -23.14 -63.52
CA PHE A 660 8.47 -23.10 -62.41
C PHE A 660 9.14 -23.64 -61.16
N ASN A 661 8.99 -22.92 -60.05
CA ASN A 661 9.71 -23.21 -58.82
C ASN A 661 11.21 -23.26 -59.10
N THR A 662 11.72 -22.10 -59.54
CA THR A 662 13.09 -22.03 -60.02
C THR A 662 14.08 -22.44 -58.94
N SER A 663 15.13 -23.15 -59.35
CA SER A 663 16.12 -23.69 -58.43
C SER A 663 17.39 -22.85 -58.35
N GLU A 664 17.65 -22.00 -59.34
CA GLU A 664 18.86 -21.18 -59.38
C GLU A 664 18.47 -19.73 -59.57
N PHE A 665 18.95 -18.87 -58.66
CA PHE A 665 18.76 -17.43 -58.75
C PHE A 665 20.10 -16.75 -58.93
N ALA A 666 20.18 -15.85 -59.92
CA ALA A 666 21.42 -15.15 -60.25
C ALA A 666 22.53 -16.15 -60.56
N ARG A 667 22.16 -17.26 -61.20
CA ARG A 667 23.05 -18.35 -61.59
C ARG A 667 23.70 -19.06 -60.40
N LEU A 668 23.27 -18.75 -59.18
CA LEU A 668 23.73 -19.47 -57.99
C LEU A 668 22.55 -20.19 -57.35
N SER A 669 22.75 -21.47 -57.03
CA SER A 669 21.70 -22.29 -56.46
C SER A 669 21.48 -21.91 -55.00
N VAL A 670 20.65 -22.68 -54.31
CA VAL A 670 20.33 -22.36 -52.91
C VAL A 670 21.55 -22.52 -52.01
N ASP A 671 22.39 -23.52 -52.29
CA ASP A 671 23.57 -23.73 -51.46
C ASP A 671 24.63 -22.67 -51.70
N SER A 672 24.87 -22.32 -52.97
CA SER A 672 25.85 -21.28 -53.27
C SER A 672 25.41 -19.93 -52.73
N LEU A 673 24.14 -19.59 -52.89
CA LEU A 673 23.65 -18.34 -52.31
C LEU A 673 23.65 -18.38 -50.79
N SER A 674 23.44 -19.56 -50.21
CA SER A 674 23.55 -19.69 -48.76
C SER A 674 24.97 -19.43 -48.29
N ASN A 675 25.96 -19.93 -49.03
CA ASN A 675 27.36 -19.65 -48.71
C ASN A 675 27.65 -18.16 -48.87
N GLU A 676 27.11 -17.54 -49.91
CA GLU A 676 27.29 -16.10 -50.10
C GLU A 676 26.70 -15.32 -48.94
N ILE A 677 25.50 -15.70 -48.48
CA ILE A 677 24.90 -15.03 -47.34
C ILE A 677 25.68 -15.30 -46.06
N SER A 678 26.30 -16.48 -45.94
CA SER A 678 27.15 -16.76 -44.79
C SER A 678 28.37 -15.83 -44.77
N SER A 679 28.99 -15.65 -45.93
CA SER A 679 30.10 -14.69 -46.02
C SER A 679 29.63 -13.28 -45.72
N PHE A 680 28.45 -12.91 -46.23
CA PHE A 680 27.81 -11.66 -45.87
C PHE A 680 27.68 -11.48 -44.37
N LEU A 681 27.16 -12.49 -43.68
CA LEU A 681 26.93 -12.39 -42.25
C LEU A 681 28.25 -12.30 -41.49
N ASP A 682 29.25 -13.07 -41.91
CA ASP A 682 30.57 -12.97 -41.28
C ASP A 682 31.17 -11.59 -41.47
N THR A 683 30.98 -10.99 -42.64
CA THR A 683 31.54 -9.67 -42.89
C THR A 683 30.80 -8.59 -42.09
N ILE A 684 29.48 -8.70 -41.98
CA ILE A 684 28.72 -7.67 -41.27
C ILE A 684 28.67 -7.90 -39.77
N LYS A 685 29.13 -9.05 -39.29
CA LYS A 685 29.16 -9.29 -37.85
C LYS A 685 30.03 -8.28 -37.14
N LEU A 686 31.07 -7.79 -37.80
CA LEU A 686 31.98 -6.80 -37.24
C LEU A 686 31.41 -5.39 -37.28
N ASP A 687 30.27 -5.19 -37.94
CA ASP A 687 29.68 -3.86 -38.10
C ASP A 687 28.34 -3.73 -37.39
N ILE A 688 27.38 -4.59 -37.71
CA ILE A 688 26.00 -4.43 -37.25
C ILE A 688 25.55 -5.72 -36.58
N SER A 689 24.80 -5.58 -35.49
CA SER A 689 24.15 -6.70 -34.80
C SER A 689 22.68 -6.37 -34.68
N PRO A 690 21.90 -6.61 -35.74
CA PRO A 690 20.50 -6.19 -35.75
C PRO A 690 19.60 -7.12 -34.96
N LYS A 691 18.29 -6.89 -35.03
CA LYS A 691 17.30 -7.74 -34.37
C LYS A 691 16.43 -8.52 -35.34
N ASN A 692 16.21 -8.01 -36.55
CA ASN A 692 15.35 -8.66 -37.53
C ASN A 692 16.05 -8.63 -38.89
N VAL A 693 16.48 -9.79 -39.36
CA VAL A 693 17.10 -9.90 -40.68
C VAL A 693 16.00 -10.16 -41.69
N GLU A 694 16.18 -9.62 -42.90
CA GLU A 694 15.19 -9.80 -43.96
C GLU A 694 15.90 -9.84 -45.30
N VAL A 695 15.63 -10.87 -46.09
CA VAL A 695 16.14 -10.99 -47.44
C VAL A 695 15.00 -10.72 -48.41
N ASN A 696 15.29 -9.98 -49.48
CA ASN A 696 14.27 -9.48 -50.39
C ASN A 696 14.64 -9.78 -51.83
N LEU A 697 14.94 -11.05 -52.10
CA LEU A 697 15.28 -11.50 -53.45
C LEU A 697 14.37 -10.87 -54.49
N LEU A 698 14.98 -10.25 -55.51
CA LEU A 698 14.24 -9.51 -56.52
C LEU A 698 14.77 -9.88 -57.89
N GLY A 699 13.89 -10.28 -58.78
CA GLY A 699 14.29 -10.63 -60.12
C GLY A 699 13.20 -11.42 -60.82
N CYS A 700 13.40 -11.62 -62.12
CA CYS A 700 12.45 -12.35 -62.92
C CYS A 700 12.37 -13.81 -62.48
N ASN A 701 11.19 -14.41 -62.67
CA ASN A 701 10.91 -15.79 -62.30
C ASN A 701 11.07 -16.05 -60.81
N MET A 702 10.97 -15.01 -59.99
CA MET A 702 11.11 -15.12 -58.54
C MET A 702 9.79 -14.71 -57.91
N PHE A 703 8.86 -15.66 -57.81
CA PHE A 703 7.56 -15.40 -57.22
C PHE A 703 7.56 -15.77 -55.75
N SER A 704 6.48 -15.41 -55.07
CA SER A 704 6.26 -15.78 -53.67
C SER A 704 5.14 -16.82 -53.67
N TYR A 705 5.52 -18.09 -53.82
CA TYR A 705 4.53 -19.16 -53.94
C TYR A 705 3.77 -19.34 -52.64
N ASP A 706 2.47 -19.57 -52.76
CA ASP A 706 1.60 -19.73 -51.60
C ASP A 706 1.49 -21.17 -51.13
N PHE A 707 1.91 -22.13 -51.94
CA PHE A 707 1.81 -23.54 -51.60
C PHE A 707 3.14 -24.24 -51.84
N ASN A 708 3.40 -25.28 -51.05
CA ASN A 708 4.66 -26.01 -51.08
C ASN A 708 5.84 -25.06 -50.84
N VAL A 709 5.79 -24.39 -49.70
CA VAL A 709 6.78 -23.34 -49.40
C VAL A 709 8.17 -23.94 -49.23
N GLU A 710 8.27 -25.12 -48.61
CA GLU A 710 9.56 -25.75 -48.41
C GLU A 710 10.22 -26.19 -49.71
N GLU A 711 9.46 -26.30 -50.80
CA GLU A 711 10.00 -26.66 -52.10
C GLU A 711 10.39 -25.46 -52.94
N THR A 712 10.30 -24.26 -52.39
CA THR A 712 10.55 -23.03 -53.12
C THR A 712 11.97 -22.53 -52.85
N TYR A 713 12.48 -21.72 -53.79
CA TYR A 713 13.80 -21.14 -53.61
C TYR A 713 13.89 -20.26 -52.36
N PRO A 714 12.97 -19.32 -52.11
CA PRO A 714 13.05 -18.59 -50.83
C PRO A 714 12.89 -19.49 -49.62
N GLY A 715 12.02 -20.50 -49.69
CA GLY A 715 11.84 -21.39 -48.56
C GLY A 715 13.09 -22.20 -48.25
N LYS A 716 13.70 -22.78 -49.29
CA LYS A 716 14.93 -23.54 -49.08
C LYS A 716 16.07 -22.63 -48.65
N LEU A 717 16.11 -21.41 -49.17
CA LEU A 717 17.15 -20.47 -48.76
C LEU A 717 17.03 -20.14 -47.28
N LEU A 718 15.82 -19.85 -46.80
CA LEU A 718 15.63 -19.60 -45.38
C LEU A 718 15.96 -20.85 -44.57
N LEU A 719 15.54 -22.02 -45.04
CA LEU A 719 15.85 -23.25 -44.35
C LEU A 719 17.35 -23.50 -44.27
N SER A 720 18.12 -22.91 -45.19
CA SER A 720 19.57 -23.03 -45.14
C SER A 720 20.17 -22.04 -44.14
N ILE A 721 19.91 -20.75 -44.33
CA ILE A 721 20.56 -19.71 -43.51
C ILE A 721 19.64 -19.45 -42.33
N MET A 722 19.72 -20.31 -41.34
CA MET A 722 19.19 -19.99 -40.01
C MET A 722 20.24 -20.21 -38.93
N ASP A 723 21.04 -21.27 -39.04
CA ASP A 723 22.15 -21.44 -38.10
C ASP A 723 23.15 -20.28 -38.23
N LYS A 724 23.48 -19.91 -39.47
CA LYS A 724 24.40 -18.81 -39.68
C LYS A 724 23.83 -17.50 -39.18
N ILE A 725 22.54 -17.27 -39.42
CA ILE A 725 21.90 -16.03 -38.95
C ILE A 725 21.90 -15.98 -37.43
N THR A 726 21.50 -17.08 -36.78
CA THR A 726 21.35 -17.07 -35.34
C THR A 726 22.68 -17.16 -34.61
N SER A 727 23.75 -17.58 -35.27
CA SER A 727 25.06 -17.64 -34.64
C SER A 727 25.89 -16.39 -34.94
N THR A 728 26.09 -16.08 -36.22
CA THR A 728 26.91 -14.94 -36.59
C THR A 728 26.29 -13.63 -36.12
N LEU A 729 24.97 -13.50 -36.25
CA LEU A 729 24.29 -12.29 -35.78
C LEU A 729 23.54 -12.60 -34.49
N PRO A 730 24.01 -12.12 -33.34
CA PRO A 730 23.31 -12.39 -32.09
C PRO A 730 22.02 -11.58 -31.99
N ASP A 731 21.19 -11.98 -31.03
CA ASP A 731 19.92 -11.31 -30.74
C ASP A 731 19.00 -11.33 -31.97
N VAL A 732 19.11 -12.38 -32.78
CA VAL A 732 18.24 -12.60 -33.93
C VAL A 732 17.71 -14.02 -33.82
N ASN A 733 16.53 -14.17 -33.24
CA ASN A 733 15.90 -15.47 -33.15
C ASN A 733 15.37 -15.90 -34.53
N LYS A 734 15.11 -17.21 -34.65
CA LYS A 734 14.87 -17.80 -35.97
C LYS A 734 13.61 -17.25 -36.63
N ASP A 735 12.63 -16.81 -35.84
CA ASP A 735 11.36 -16.35 -36.42
C ASP A 735 11.42 -14.92 -36.93
N SER A 736 12.52 -14.21 -36.72
CA SER A 736 12.66 -12.84 -37.19
C SER A 736 13.27 -12.75 -38.58
N ILE A 737 13.59 -13.87 -39.21
CA ILE A 737 14.15 -13.88 -40.55
C ILE A 737 13.02 -14.10 -41.54
N THR A 738 12.85 -13.14 -42.46
CA THR A 738 11.82 -13.23 -43.48
C THR A 738 12.47 -13.06 -44.85
N ILE A 739 12.07 -13.90 -45.80
CA ILE A 739 12.56 -13.82 -47.17
C ILE A 739 11.38 -13.63 -48.11
N GLY A 740 11.46 -12.61 -48.96
CA GLY A 740 10.46 -12.38 -49.98
C GLY A 740 11.06 -12.54 -51.36
N ALA A 741 10.19 -12.49 -52.37
CA ALA A 741 10.64 -12.65 -53.75
C ALA A 741 9.76 -11.78 -54.64
N ASN A 742 10.24 -10.57 -54.91
CA ASN A 742 9.62 -9.72 -55.91
C ASN A 742 10.03 -10.18 -57.30
N GLN A 743 9.30 -9.72 -58.31
CA GLN A 743 9.62 -10.01 -59.69
C GLN A 743 9.93 -8.78 -60.53
N TYR A 744 9.43 -7.61 -60.16
CA TYR A 744 9.64 -6.39 -60.92
C TYR A 744 10.11 -5.28 -60.00
N GLU A 745 10.90 -4.36 -60.55
CA GLU A 745 11.33 -3.16 -59.84
C GLU A 745 10.37 -2.04 -60.24
N VAL A 746 9.59 -1.55 -59.28
CA VAL A 746 8.51 -0.60 -59.54
C VAL A 746 8.92 0.76 -58.99
N ARG A 747 8.76 1.79 -59.82
CA ARG A 747 9.02 3.17 -59.42
C ARG A 747 7.78 4.01 -59.69
N ILE A 748 7.75 5.20 -59.10
CA ILE A 748 6.70 6.19 -59.34
C ILE A 748 7.33 7.32 -60.15
N ASN A 749 6.74 7.61 -61.31
CA ASN A 749 7.28 8.64 -62.18
C ASN A 749 6.79 10.01 -61.73
N SER A 750 7.06 11.04 -62.55
CA SER A 750 6.63 12.39 -62.20
C SER A 750 5.12 12.54 -62.26
N GLU A 751 4.44 11.74 -63.09
CA GLU A 751 2.99 11.81 -63.21
C GLU A 751 2.27 10.89 -62.23
N GLY A 752 3.00 10.20 -61.35
CA GLY A 752 2.39 9.35 -60.36
C GLY A 752 1.96 7.98 -60.84
N ARG A 753 2.41 7.55 -62.02
CA ARG A 753 2.05 6.25 -62.57
C ARG A 753 3.20 5.27 -62.34
N LYS A 754 2.89 4.15 -61.68
CA LYS A 754 3.92 3.16 -61.38
C LYS A 754 4.39 2.47 -62.64
N GLU A 755 5.71 2.28 -62.73
CA GLU A 755 6.35 1.68 -63.89
C GLU A 755 7.32 0.59 -63.44
N LEU A 756 7.47 -0.44 -64.26
CA LEU A 756 8.34 -1.57 -63.98
C LEU A 756 9.53 -1.58 -64.94
N LEU A 757 10.68 -1.95 -64.42
CA LEU A 757 11.88 -2.13 -65.23
C LEU A 757 11.80 -3.49 -65.90
N ALA A 758 11.27 -3.53 -67.12
CA ALA A 758 11.21 -4.77 -67.86
C ALA A 758 12.60 -5.17 -68.33
N HIS A 759 12.71 -6.44 -68.74
CA HIS A 759 13.98 -6.93 -69.26
C HIS A 759 14.31 -6.36 -70.63
N SER A 760 13.36 -5.70 -71.28
CA SER A 760 13.61 -4.98 -72.53
C SER A 760 14.10 -3.55 -72.30
N GLY A 761 14.56 -3.24 -71.09
CA GLY A 761 14.99 -1.91 -70.76
C GLY A 761 13.83 -0.98 -70.48
N LYS A 762 14.18 0.28 -70.21
CA LYS A 762 13.21 1.35 -69.96
C LYS A 762 12.30 1.01 -68.78
N TRP A 763 11.25 1.79 -68.57
CA TRP A 763 10.30 1.57 -67.48
C TRP A 763 8.91 1.50 -68.08
N ILE A 764 8.51 0.30 -68.51
CA ILE A 764 7.18 0.09 -69.06
C ILE A 764 6.15 0.17 -67.92
N ASN A 765 4.91 0.48 -68.29
CA ASN A 765 3.86 0.76 -67.32
C ASN A 765 2.81 -0.33 -67.36
N LYS A 766 3.23 -1.59 -67.32
CA LYS A 766 2.27 -2.68 -67.28
C LYS A 766 1.57 -2.67 -65.92
N GLU A 767 0.44 -1.96 -65.86
CA GLU A 767 -0.23 -1.68 -64.60
C GLU A 767 -0.77 -2.96 -63.96
N GLU A 768 -1.32 -3.86 -64.77
CA GLU A 768 -1.75 -5.15 -64.27
C GLU A 768 -0.59 -5.93 -63.68
N ALA A 769 0.56 -5.92 -64.37
CA ALA A 769 1.75 -6.60 -63.86
C ALA A 769 2.23 -5.96 -62.56
N ILE A 770 2.23 -4.63 -62.48
CA ILE A 770 2.62 -3.96 -61.24
C ILE A 770 1.75 -4.42 -60.09
N MET A 771 0.44 -4.38 -60.27
CA MET A 771 -0.45 -4.65 -59.15
C MET A 771 -0.52 -6.13 -58.81
N SER A 772 -0.35 -7.01 -59.80
CA SER A 772 -0.25 -8.44 -59.52
C SER A 772 1.04 -8.77 -58.77
N ASP A 773 2.17 -8.17 -59.18
CA ASP A 773 3.44 -8.44 -58.52
C ASP A 773 3.40 -7.92 -57.08
N LEU A 774 2.90 -6.69 -56.89
CA LEU A 774 2.82 -6.14 -55.54
C LEU A 774 1.82 -6.93 -54.69
N SER A 775 0.77 -7.46 -55.31
CA SER A 775 -0.18 -8.29 -54.56
C SER A 775 0.43 -9.65 -54.22
N SER A 776 1.10 -10.27 -55.18
CA SER A 776 1.65 -11.62 -54.99
C SER A 776 3.08 -11.53 -54.48
N LYS A 777 3.19 -11.19 -53.19
CA LYS A 777 4.48 -11.23 -52.50
C LYS A 777 4.23 -11.34 -51.01
N GLU A 778 4.70 -12.42 -50.41
CA GLU A 778 4.65 -12.60 -48.96
C GLU A 778 6.02 -13.08 -48.48
N TYR A 779 6.29 -12.84 -47.21
CA TYR A 779 7.59 -13.09 -46.61
C TYR A 779 7.56 -14.44 -45.91
N ILE A 780 8.26 -15.42 -46.47
CA ILE A 780 8.41 -16.71 -45.81
C ILE A 780 9.25 -16.53 -44.56
N PHE A 781 8.80 -17.10 -43.45
CA PHE A 781 9.54 -17.03 -42.21
C PHE A 781 9.38 -18.31 -41.41
N PHE A 782 10.46 -18.74 -40.76
CA PHE A 782 10.42 -19.95 -39.96
C PHE A 782 9.62 -19.73 -38.68
N ASP A 783 8.80 -20.71 -38.33
CA ASP A 783 7.97 -20.66 -37.13
C ASP A 783 8.55 -21.67 -36.14
N SER A 784 9.31 -21.17 -35.16
CA SER A 784 9.96 -22.06 -34.21
C SER A 784 8.96 -22.83 -33.36
N ILE A 785 7.79 -22.23 -33.09
CA ILE A 785 6.77 -22.92 -32.30
C ILE A 785 6.20 -24.12 -33.04
N ASP A 786 6.31 -24.15 -34.37
CA ASP A 786 5.78 -25.25 -35.16
C ASP A 786 6.83 -25.91 -36.05
N ASN A 787 8.05 -25.36 -36.14
CA ASN A 787 9.10 -25.89 -37.00
C ASN A 787 8.65 -25.97 -38.46
N LYS A 788 7.87 -24.97 -38.88
CA LYS A 788 7.36 -24.89 -40.24
C LYS A 788 7.59 -23.50 -40.80
N LEU A 789 7.58 -23.41 -42.13
CA LEU A 789 7.84 -22.15 -42.83
C LEU A 789 6.51 -21.50 -43.15
N LYS A 790 6.09 -20.58 -42.29
CA LYS A 790 4.84 -19.88 -42.52
C LYS A 790 5.09 -18.69 -43.44
N ALA A 791 4.01 -18.01 -43.81
CA ALA A 791 4.07 -16.80 -44.62
C ALA A 791 3.53 -15.64 -43.79
N LYS A 792 4.28 -14.55 -43.75
CA LYS A 792 3.85 -13.36 -43.02
C LYS A 792 2.61 -12.76 -43.66
N SER A 793 1.79 -12.12 -42.82
CA SER A 793 0.63 -11.41 -43.32
C SER A 793 1.06 -10.34 -44.32
N LYS A 794 0.36 -10.28 -45.45
CA LYS A 794 0.65 -9.25 -46.43
C LYS A 794 0.28 -7.88 -45.87
N ASN A 795 0.72 -6.84 -46.57
CA ASN A 795 0.36 -5.48 -46.18
C ASN A 795 -1.11 -5.25 -46.51
N ILE A 796 -1.99 -5.56 -45.56
CA ILE A 796 -3.43 -5.38 -45.80
C ILE A 796 -3.77 -3.94 -46.17
N PRO A 797 -3.25 -2.92 -45.48
CA PRO A 797 -3.40 -1.55 -46.02
C PRO A 797 -2.78 -1.39 -47.40
N GLY A 798 -1.66 -2.04 -47.67
CA GLY A 798 -1.08 -1.98 -48.99
C GLY A 798 -1.94 -2.67 -50.04
N LEU A 799 -2.49 -3.83 -49.70
CA LEU A 799 -3.38 -4.52 -50.63
C LEU A 799 -4.63 -3.69 -50.89
N ALA A 800 -5.17 -3.05 -49.86
CA ALA A 800 -6.33 -2.18 -50.06
C ALA A 800 -5.96 -0.95 -50.87
N SER A 801 -4.74 -0.45 -50.73
CA SER A 801 -4.29 0.65 -51.59
C SER A 801 -4.23 0.20 -53.04
N ILE A 802 -3.76 -1.02 -53.29
CA ILE A 802 -3.75 -1.55 -54.65
C ILE A 802 -5.17 -1.68 -55.17
N SER A 803 -6.08 -2.17 -54.33
CA SER A 803 -7.47 -2.31 -54.73
C SER A 803 -8.11 -0.96 -55.06
N GLU A 804 -7.81 0.06 -54.26
CA GLU A 804 -8.33 1.40 -54.53
C GLU A 804 -7.74 1.99 -55.80
N ASP A 805 -6.46 1.71 -56.05
CA ASP A 805 -5.87 2.11 -57.33
C ASP A 805 -6.59 1.45 -58.49
N ILE A 806 -6.91 0.16 -58.35
CA ILE A 806 -7.68 -0.53 -59.38
C ILE A 806 -9.04 0.12 -59.55
N LYS A 807 -9.70 0.48 -58.44
CA LYS A 807 -11.01 1.11 -58.51
C LYS A 807 -10.95 2.41 -59.29
N THR A 808 -10.04 3.31 -58.90
CA THR A 808 -9.94 4.61 -59.55
C THR A 808 -9.54 4.47 -61.01
N LEU A 809 -8.66 3.52 -61.31
CA LEU A 809 -8.18 3.35 -62.67
C LEU A 809 -9.20 2.67 -63.57
N LEU A 810 -10.08 1.86 -62.99
CA LEU A 810 -11.25 1.37 -63.72
C LEU A 810 -12.25 2.50 -63.96
N LEU A 811 -12.34 3.45 -63.03
CA LEU A 811 -13.20 4.61 -63.26
C LEU A 811 -12.77 5.41 -64.48
N ASP A 812 -11.46 5.42 -64.77
CA ASP A 812 -10.97 6.09 -65.97
C ASP A 812 -11.49 5.40 -67.22
N ALA A 813 -11.83 6.19 -68.24
CA ALA A 813 -12.36 5.66 -69.49
C ALA A 813 -11.30 5.35 -70.52
N SER A 814 -10.04 5.72 -70.27
CA SER A 814 -8.95 5.45 -71.21
C SER A 814 -8.24 4.14 -70.90
N VAL A 815 -9.02 3.07 -70.75
CA VAL A 815 -8.50 1.74 -70.46
C VAL A 815 -9.25 0.70 -71.30
N SER A 816 -8.52 -0.29 -71.78
CA SER A 816 -9.11 -1.32 -72.62
C SER A 816 -10.10 -2.17 -71.83
N PRO A 817 -11.17 -2.64 -72.47
CA PRO A 817 -12.11 -3.55 -71.78
C PRO A 817 -11.44 -4.82 -71.28
N ASP A 818 -10.51 -5.37 -72.06
CA ASP A 818 -9.76 -6.53 -71.59
C ASP A 818 -8.96 -6.18 -70.34
N THR A 819 -8.27 -5.05 -70.36
CA THR A 819 -7.56 -4.58 -69.17
C THR A 819 -8.54 -4.27 -68.05
N LYS A 820 -9.71 -3.73 -68.40
CA LYS A 820 -10.74 -3.47 -67.39
C LYS A 820 -11.10 -4.73 -66.63
N PHE A 821 -11.41 -5.81 -67.35
CA PHE A 821 -11.84 -7.02 -66.66
C PHE A 821 -10.67 -7.75 -66.00
N ILE A 822 -9.46 -7.64 -66.58
CA ILE A 822 -8.28 -8.19 -65.92
C ILE A 822 -8.07 -7.52 -64.57
N LEU A 823 -8.20 -6.20 -64.52
CA LEU A 823 -8.00 -5.48 -63.27
C LEU A 823 -9.16 -5.70 -62.31
N ASN A 824 -10.37 -5.91 -62.82
CA ASN A 824 -11.47 -6.29 -61.95
C ASN A 824 -11.21 -7.64 -61.30
N ASN A 825 -10.71 -8.60 -62.07
CA ASN A 825 -10.37 -9.91 -61.52
C ASN A 825 -9.22 -9.79 -60.51
N LEU A 826 -8.23 -8.95 -60.80
CA LEU A 826 -7.13 -8.74 -59.86
C LEU A 826 -7.62 -8.13 -58.56
N LYS A 827 -8.54 -7.17 -58.65
CA LYS A 827 -9.14 -6.59 -57.45
C LYS A 827 -9.92 -7.64 -56.69
N LEU A 828 -10.63 -8.51 -57.40
CA LEU A 828 -11.36 -9.60 -56.75
C LEU A 828 -10.40 -10.51 -55.99
N ASN A 829 -9.27 -10.85 -56.60
CA ASN A 829 -8.28 -11.69 -55.93
C ASN A 829 -7.70 -10.99 -54.72
N ILE A 830 -7.43 -9.69 -54.84
CA ILE A 830 -6.84 -8.93 -53.73
C ILE A 830 -7.81 -8.90 -52.54
N GLU A 831 -9.09 -8.59 -52.80
CA GLU A 831 -10.03 -8.55 -51.69
C GLU A 831 -10.32 -9.95 -51.16
N SER A 832 -10.20 -10.98 -52.01
CA SER A 832 -10.33 -12.36 -51.52
C SER A 832 -9.18 -12.71 -50.59
N SER A 833 -7.96 -12.28 -50.91
CA SER A 833 -6.83 -12.51 -50.02
C SER A 833 -6.98 -11.74 -48.71
N ILE A 834 -7.47 -10.50 -48.79
CA ILE A 834 -7.72 -9.72 -47.59
C ILE A 834 -8.75 -10.43 -46.71
N GLY A 835 -9.81 -10.95 -47.32
CA GLY A 835 -10.78 -11.73 -46.57
C GLY A 835 -10.23 -13.03 -46.04
N ASP A 836 -9.29 -13.64 -46.78
CA ASP A 836 -8.68 -14.89 -46.34
C ASP A 836 -7.87 -14.70 -45.08
N TYR A 837 -7.13 -13.59 -44.98
CA TYR A 837 -6.37 -13.34 -43.76
C TYR A 837 -7.25 -13.16 -42.54
N ILE A 838 -8.55 -12.94 -42.72
CA ILE A 838 -9.48 -12.88 -41.60
C ILE A 838 -10.18 -14.21 -41.40
N TYR A 839 -10.50 -14.90 -42.50
CA TYR A 839 -11.25 -16.16 -42.41
C TYR A 839 -10.39 -17.28 -41.88
N TYR A 840 -9.12 -17.32 -42.27
CA TYR A 840 -8.22 -18.42 -41.96
C TYR A 840 -7.51 -18.26 -40.61
N GLU A 841 -7.83 -17.21 -39.85
CA GLU A 841 -7.19 -16.95 -38.56
C GLU A 841 -5.68 -16.86 -38.71
N LYS A 842 -5.23 -16.17 -39.77
CA LYS A 842 -3.82 -16.10 -40.10
C LYS A 842 -3.14 -14.84 -39.59
N LEU A 843 -3.84 -14.00 -38.82
CA LEU A 843 -3.28 -12.75 -38.32
C LEU A 843 -2.91 -12.90 -36.85
N GLU A 844 -1.66 -12.57 -36.52
CA GLU A 844 -1.14 -12.71 -35.18
C GLU A 844 -1.53 -11.51 -34.31
N PRO A 845 -1.61 -11.69 -33.00
CA PRO A 845 -1.89 -10.56 -32.11
C PRO A 845 -0.71 -9.58 -32.05
N VAL A 846 -0.97 -8.43 -31.45
CA VAL A 846 0.04 -7.38 -31.39
C VAL A 846 1.23 -7.82 -30.53
N LYS A 847 0.95 -8.44 -29.38
CA LYS A 847 2.00 -8.96 -28.49
C LYS A 847 2.94 -7.86 -28.01
N ASN A 848 2.37 -6.92 -27.26
CA ASN A 848 3.19 -5.93 -26.56
C ASN A 848 2.75 -5.84 -25.10
N ILE A 849 3.31 -4.90 -24.36
CA ILE A 849 2.98 -4.78 -22.93
C ILE A 849 1.49 -4.48 -22.75
N ILE A 850 0.95 -3.59 -23.60
CA ILE A 850 -0.47 -3.24 -23.50
C ILE A 850 -1.34 -4.46 -23.77
N HIS A 851 -1.02 -5.20 -24.83
CA HIS A 851 -1.83 -6.36 -25.20
C HIS A 851 -1.60 -7.56 -24.30
N ASN A 852 -0.37 -7.74 -23.80
CA ASN A 852 -0.08 -8.89 -22.95
C ASN A 852 -0.91 -8.86 -21.67
N SER A 853 -1.05 -7.68 -21.07
CA SER A 853 -1.90 -7.57 -19.88
C SER A 853 -3.35 -7.89 -20.22
N ILE A 854 -3.82 -7.45 -21.39
CA ILE A 854 -5.17 -7.78 -21.83
C ILE A 854 -5.29 -9.27 -22.11
N ASP A 855 -4.32 -9.82 -22.85
CA ASP A 855 -4.35 -11.24 -23.19
C ASP A 855 -4.21 -12.11 -21.94
N ASP A 856 -3.33 -11.72 -21.03
CA ASP A 856 -3.16 -12.49 -19.79
C ASP A 856 -4.43 -12.45 -18.95
N LEU A 857 -5.15 -11.33 -18.96
CA LEU A 857 -6.42 -11.26 -18.25
C LEU A 857 -7.43 -12.23 -18.86
N ILE A 858 -7.47 -12.32 -20.19
CA ILE A 858 -8.38 -13.24 -20.85
C ILE A 858 -8.02 -14.69 -20.52
N ASP A 859 -6.71 -15.01 -20.53
CA ASP A 859 -6.29 -16.35 -20.15
C ASP A 859 -6.66 -16.67 -18.71
N GLU A 860 -6.49 -15.70 -17.81
CA GLU A 860 -6.87 -15.90 -16.42
C GLU A 860 -8.37 -16.13 -16.29
N PHE A 861 -9.18 -15.37 -17.03
CA PHE A 861 -10.62 -15.58 -17.00
C PHE A 861 -11.01 -16.95 -17.53
N ASN A 862 -10.35 -17.40 -18.61
CA ASN A 862 -10.63 -18.71 -19.15
C ASN A 862 -10.27 -19.82 -18.16
N LEU A 863 -9.12 -19.70 -17.50
CA LEU A 863 -8.74 -20.69 -16.50
C LEU A 863 -9.68 -20.64 -15.29
N LEU A 864 -10.13 -19.44 -14.95
CA LEU A 864 -11.11 -19.28 -13.88
C LEU A 864 -12.40 -20.03 -14.19
N GLU A 865 -12.92 -19.84 -15.41
CA GLU A 865 -14.11 -20.55 -15.84
C GLU A 865 -13.88 -22.05 -15.85
N ASN A 866 -12.72 -22.49 -16.34
CA ASN A 866 -12.39 -23.90 -16.35
C ASN A 866 -12.43 -24.49 -14.94
N VAL A 867 -11.72 -23.85 -14.00
CA VAL A 867 -11.65 -24.36 -12.64
C VAL A 867 -13.02 -24.38 -11.99
N SER A 868 -13.83 -23.34 -12.24
CA SER A 868 -15.21 -23.38 -11.78
C SER A 868 -15.95 -24.57 -12.36
N ASP A 869 -15.63 -24.93 -13.61
CA ASP A 869 -16.30 -26.07 -14.24
C ASP A 869 -15.96 -27.38 -13.55
N GLU A 870 -14.68 -27.68 -13.34
CA GLU A 870 -14.42 -28.96 -12.68
C GLU A 870 -14.80 -28.94 -11.20
N LEU A 871 -14.81 -27.76 -10.56
CA LEU A 871 -15.27 -27.72 -9.18
C LEU A 871 -16.78 -27.92 -9.10
N TYR A 872 -17.52 -27.45 -10.11
CA TYR A 872 -18.93 -27.81 -10.23
C TYR A 872 -19.10 -29.30 -10.43
N GLU A 873 -18.24 -29.91 -11.25
CA GLU A 873 -18.29 -31.35 -11.43
C GLU A 873 -18.05 -32.09 -10.11
N LEU A 874 -17.07 -31.62 -9.33
CA LEU A 874 -16.79 -32.22 -8.03
C LEU A 874 -17.90 -31.97 -7.01
N LYS A 875 -18.63 -30.86 -7.14
CA LYS A 875 -19.76 -30.58 -6.27
C LYS A 875 -21.06 -31.20 -6.75
N LYS A 876 -21.08 -31.80 -7.93
CA LYS A 876 -22.24 -32.57 -8.38
C LYS A 876 -22.18 -33.98 -7.82
N LEU A 877 -21.09 -34.70 -8.10
CA LEU A 877 -20.86 -35.98 -7.44
C LEU A 877 -20.45 -35.73 -5.99
N ASN A 878 -20.53 -36.80 -5.19
CA ASN A 878 -20.23 -36.75 -3.76
C ASN A 878 -21.13 -35.75 -3.03
N ASN A 879 -22.34 -35.52 -3.55
CA ASN A 879 -23.29 -34.55 -3.02
C ASN A 879 -22.55 -33.21 -2.91
N LEU A 880 -22.58 -32.53 -1.77
CA LEU A 880 -21.69 -31.40 -1.50
C LEU A 880 -21.95 -30.22 -2.45
N ASP A 881 -23.19 -30.09 -2.91
CA ASP A 881 -23.54 -29.02 -3.85
C ASP A 881 -23.87 -27.75 -3.08
N GLU A 882 -23.10 -26.68 -3.36
CA GLU A 882 -23.16 -25.36 -2.72
C GLU A 882 -23.20 -25.46 -1.19
N LYS A 883 -23.26 -24.32 -0.50
CA LYS A 883 -23.31 -24.20 0.97
C LYS A 883 -22.23 -25.05 1.66
N TYR A 884 -21.20 -25.46 0.92
CA TYR A 884 -20.02 -26.14 1.43
C TYR A 884 -18.76 -25.54 0.82
N LEU A 885 -18.65 -24.22 0.93
CA LEU A 885 -17.54 -23.44 0.38
C LEU A 885 -16.21 -24.17 0.45
N ILE A 886 -15.51 -24.22 -0.69
CA ILE A 886 -14.23 -24.93 -0.76
C ILE A 886 -13.14 -24.11 -0.07
N SER A 887 -12.21 -24.82 0.55
CA SER A 887 -11.02 -24.21 1.16
C SER A 887 -9.82 -24.52 0.28
N PHE A 888 -9.42 -23.54 -0.54
CA PHE A 888 -8.28 -23.73 -1.43
C PHE A 888 -6.95 -23.70 -0.69
N GLU A 889 -6.92 -23.15 0.52
CA GLU A 889 -5.66 -22.95 1.21
C GLU A 889 -4.97 -24.27 1.53
N ASP A 890 -5.74 -25.27 1.96
CA ASP A 890 -5.20 -26.56 2.39
C ASP A 890 -5.62 -27.64 1.40
N ILE A 891 -4.73 -27.97 0.47
CA ILE A 891 -4.91 -29.07 -0.46
C ILE A 891 -3.74 -30.02 -0.32
N SER A 892 -4.02 -31.29 -0.08
CA SER A 892 -3.00 -32.31 0.15
C SER A 892 -2.98 -33.28 -1.02
N LYS A 893 -1.78 -33.55 -1.54
CA LYS A 893 -1.65 -34.53 -2.62
C LYS A 893 -1.83 -35.95 -2.11
N ASN A 894 -1.20 -36.27 -0.97
CA ASN A 894 -1.26 -37.57 -0.31
C ASN A 894 -1.20 -38.73 -1.31
N ASN A 895 -0.05 -38.82 -1.99
CA ASN A 895 0.29 -39.94 -2.87
C ASN A 895 -0.65 -40.04 -4.08
N SER A 896 -0.63 -38.97 -4.88
CA SER A 896 -1.27 -38.95 -6.20
C SER A 896 -2.79 -39.16 -6.12
N THR A 897 -3.40 -38.75 -5.01
CA THR A 897 -4.85 -38.73 -4.90
C THR A 897 -5.23 -37.57 -3.97
N TYR A 898 -5.57 -36.44 -4.57
CA TYR A 898 -5.70 -35.20 -3.82
C TYR A 898 -6.89 -35.27 -2.86
N SER A 899 -6.68 -34.73 -1.66
CA SER A 899 -7.71 -34.64 -0.64
C SER A 899 -7.95 -33.16 -0.35
N VAL A 900 -9.07 -32.64 -0.84
CA VAL A 900 -9.38 -31.22 -0.69
C VAL A 900 -10.45 -31.06 0.37
N ARG A 901 -10.47 -29.90 1.01
CA ARG A 901 -11.35 -29.63 2.13
C ARG A 901 -12.46 -28.67 1.71
N PHE A 902 -13.69 -28.99 2.09
CA PHE A 902 -14.83 -28.11 1.89
C PHE A 902 -15.37 -27.70 3.25
N ILE A 903 -15.91 -26.48 3.33
CA ILE A 903 -16.34 -25.90 4.59
C ILE A 903 -17.80 -25.48 4.47
N ASN A 904 -18.63 -26.00 5.37
CA ASN A 904 -20.04 -25.65 5.39
C ASN A 904 -20.23 -24.21 5.87
N LYS A 905 -21.37 -23.62 5.50
CA LYS A 905 -21.64 -22.24 5.84
C LYS A 905 -22.17 -22.09 7.26
N SER A 906 -23.25 -22.81 7.58
CA SER A 906 -23.88 -22.67 8.89
C SER A 906 -22.95 -23.12 10.02
N ASN A 907 -22.24 -24.22 9.82
CA ASN A 907 -21.29 -24.73 10.80
C ASN A 907 -19.95 -24.97 10.12
N GLY A 908 -18.89 -24.96 10.94
CA GLY A 908 -17.56 -25.19 10.42
C GLY A 908 -17.29 -26.66 10.15
N GLU A 909 -18.13 -27.27 9.32
CA GLU A 909 -17.96 -28.67 8.97
C GLU A 909 -16.91 -28.80 7.87
N SER A 910 -15.89 -29.61 8.14
CA SER A 910 -14.80 -29.84 7.19
C SER A 910 -14.88 -31.27 6.69
N VAL A 911 -14.98 -31.44 5.38
CA VAL A 911 -14.95 -32.74 4.73
C VAL A 911 -13.82 -32.77 3.73
N TYR A 912 -12.97 -33.78 3.83
CA TYR A 912 -11.79 -33.89 2.96
C TYR A 912 -12.08 -34.86 1.82
N VAL A 913 -12.86 -34.37 0.86
CA VAL A 913 -13.24 -35.21 -0.27
C VAL A 913 -12.03 -35.50 -1.14
N GLU A 914 -12.13 -36.57 -1.91
CA GLU A 914 -11.02 -37.07 -2.72
C GLU A 914 -11.28 -36.76 -4.19
N THR A 915 -10.27 -36.20 -4.85
CA THR A 915 -10.32 -35.93 -6.28
C THR A 915 -8.99 -36.36 -6.90
N GLU A 916 -9.03 -36.67 -8.19
CA GLU A 916 -7.85 -37.12 -8.91
C GLU A 916 -7.20 -36.02 -9.75
N LYS A 917 -7.92 -34.95 -10.04
CA LYS A 917 -7.39 -33.89 -10.89
C LYS A 917 -6.44 -33.00 -10.09
N GLU A 918 -5.27 -32.72 -10.67
CA GLU A 918 -4.26 -31.88 -10.06
C GLU A 918 -4.44 -30.40 -10.36
N ILE A 919 -5.46 -30.04 -11.15
CA ILE A 919 -5.71 -28.65 -11.47
C ILE A 919 -6.09 -27.85 -10.24
N PHE A 920 -6.81 -28.48 -9.30
CA PHE A 920 -7.19 -27.80 -8.07
C PHE A 920 -5.95 -27.32 -7.31
N SER A 921 -4.93 -28.18 -7.23
CA SER A 921 -3.71 -27.78 -6.52
C SER A 921 -3.02 -26.61 -7.19
N LYS A 922 -2.96 -26.62 -8.53
CA LYS A 922 -2.30 -25.53 -9.24
C LYS A 922 -3.06 -24.21 -9.04
N TYR A 923 -4.38 -24.25 -9.16
CA TYR A 923 -5.15 -23.03 -8.97
C TYR A 923 -5.06 -22.54 -7.53
N SER A 924 -5.07 -23.46 -6.56
CA SER A 924 -4.89 -23.07 -5.17
C SER A 924 -3.53 -22.43 -4.95
N GLU A 925 -2.49 -22.98 -5.58
CA GLU A 925 -1.16 -22.39 -5.46
C GLU A 925 -1.14 -20.97 -6.02
N HIS A 926 -1.76 -20.76 -7.18
CA HIS A 926 -1.77 -19.42 -7.77
C HIS A 926 -2.56 -18.44 -6.91
N ILE A 927 -3.71 -18.89 -6.38
CA ILE A 927 -4.52 -18.03 -5.51
C ILE A 927 -3.74 -17.66 -4.26
N THR A 928 -3.05 -18.64 -3.65
CA THR A 928 -2.25 -18.35 -2.46
C THR A 928 -1.12 -17.39 -2.78
N LYS A 929 -0.50 -17.54 -3.95
CA LYS A 929 0.57 -16.62 -4.33
C LYS A 929 0.05 -15.19 -4.47
N GLU A 930 -1.10 -15.03 -5.14
CA GLU A 930 -1.66 -13.69 -5.30
C GLU A 930 -2.07 -13.09 -3.95
N ILE A 931 -2.67 -13.90 -3.08
CA ILE A 931 -3.06 -13.41 -1.77
C ILE A 931 -1.83 -13.06 -0.94
N SER A 932 -0.75 -13.82 -1.09
CA SER A 932 0.50 -13.49 -0.40
C SER A 932 1.07 -12.17 -0.91
N THR A 933 0.99 -11.94 -2.22
CA THR A 933 1.44 -10.66 -2.76
C THR A 933 0.62 -9.50 -2.19
N ILE A 934 -0.70 -9.67 -2.13
CA ILE A 934 -1.54 -8.62 -1.56
C ILE A 934 -1.21 -8.40 -0.09
N LYS A 935 -1.01 -9.49 0.66
CA LYS A 935 -0.69 -9.37 2.08
C LYS A 935 0.64 -8.65 2.28
N ASN A 936 1.64 -8.97 1.46
CA ASN A 936 2.91 -8.27 1.53
C ASN A 936 2.77 -6.81 1.11
N SER A 937 1.77 -6.48 0.29
CA SER A 937 1.49 -5.08 -0.01
C SER A 937 0.87 -4.34 1.16
N ILE A 938 0.45 -5.04 2.21
CA ILE A 938 -0.14 -4.44 3.40
C ILE A 938 0.73 -4.84 4.57
N ILE A 939 1.68 -3.97 4.95
CA ILE A 939 2.64 -4.32 5.98
C ILE A 939 1.97 -4.49 7.34
N THR A 940 0.92 -3.70 7.61
CA THR A 940 0.25 -3.79 8.89
C THR A 940 -1.21 -3.40 8.74
N ASP A 941 -2.02 -3.85 9.69
CA ASP A 941 -3.41 -3.46 9.81
C ASP A 941 -3.68 -2.99 11.23
N VAL A 942 -4.39 -1.88 11.36
CA VAL A 942 -4.69 -1.30 12.66
C VAL A 942 -6.21 -1.32 12.84
N ASN A 943 -6.67 -2.05 13.85
CA ASN A 943 -8.10 -2.22 14.11
C ASN A 943 -8.82 -2.74 12.87
N GLY A 944 -8.16 -3.60 12.11
CA GLY A 944 -8.73 -4.12 10.88
C GLY A 944 -8.97 -3.06 9.82
N ASN A 945 -8.00 -2.17 9.62
CA ASN A 945 -8.10 -1.14 8.59
C ASN A 945 -7.14 -1.34 7.44
N LEU A 946 -6.14 -2.20 7.59
CA LEU A 946 -5.32 -2.69 6.48
C LEU A 946 -4.60 -1.54 5.77
N LEU A 947 -3.69 -0.91 6.52
CA LEU A 947 -2.92 0.20 5.98
C LEU A 947 -2.06 -0.26 4.81
N ASP A 948 -2.30 0.31 3.64
CA ASP A 948 -1.54 -0.05 2.46
C ASP A 948 -0.11 0.46 2.56
N ASN A 949 0.83 -0.34 2.06
CA ASN A 949 2.23 0.04 1.96
C ASN A 949 2.50 0.42 0.51
N ILE A 950 2.41 1.71 0.22
CA ILE A 950 2.56 2.18 -1.15
C ILE A 950 4.00 1.98 -1.62
N GLN A 951 4.15 1.39 -2.79
CA GLN A 951 5.46 1.19 -3.41
C GLN A 951 5.56 2.08 -4.64
N LEU A 952 6.65 2.85 -4.71
CA LEU A 952 6.84 3.77 -5.82
C LEU A 952 7.59 3.15 -7.00
N ASP A 953 8.18 1.97 -6.83
CA ASP A 953 8.79 1.28 -7.95
C ASP A 953 7.71 0.58 -8.79
N HIS A 954 8.02 0.42 -10.08
CA HIS A 954 6.99 -0.08 -11.00
C HIS A 954 6.77 -1.57 -10.84
N THR A 955 7.82 -2.34 -10.55
CA THR A 955 7.67 -3.79 -10.47
C THR A 955 6.69 -4.18 -9.37
N SER A 956 6.84 -3.60 -8.18
CA SER A 956 5.92 -3.89 -7.10
C SER A 956 4.52 -3.40 -7.42
N GLN A 957 4.42 -2.26 -8.10
CA GLN A 957 3.11 -1.74 -8.47
C GLN A 957 2.37 -2.69 -9.40
N VAL A 958 3.07 -3.19 -10.43
CA VAL A 958 2.42 -4.09 -11.38
C VAL A 958 2.10 -5.43 -10.72
N ASN A 959 2.98 -5.90 -9.83
CA ASN A 959 2.68 -7.15 -9.12
C ASN A 959 1.43 -7.00 -8.25
N THR A 960 1.36 -5.90 -7.50
CA THR A 960 0.20 -5.67 -6.64
C THR A 960 -1.07 -5.51 -7.48
N LEU A 961 -0.98 -4.81 -8.61
CA LEU A 961 -2.17 -4.63 -9.44
C LEU A 961 -2.61 -5.95 -10.05
N ASN A 962 -1.68 -6.80 -10.48
CA ASN A 962 -2.04 -8.10 -11.02
C ASN A 962 -2.73 -8.96 -9.97
N ALA A 963 -2.16 -8.97 -8.76
CA ALA A 963 -2.79 -9.73 -7.67
C ALA A 963 -4.17 -9.18 -7.34
N ALA A 964 -4.31 -7.85 -7.32
CA ALA A 964 -5.61 -7.24 -7.02
C ALA A 964 -6.63 -7.57 -8.10
N PHE A 965 -6.24 -7.50 -9.37
CA PHE A 965 -7.15 -7.86 -10.45
C PHE A 965 -7.58 -9.31 -10.33
N PHE A 966 -6.64 -10.22 -10.08
CA PHE A 966 -6.98 -11.62 -9.93
C PHE A 966 -7.96 -11.85 -8.79
N ILE A 967 -7.65 -11.31 -7.61
CA ILE A 967 -8.48 -11.57 -6.44
C ILE A 967 -9.84 -10.90 -6.58
N GLN A 968 -9.88 -9.69 -7.15
CA GLN A 968 -11.16 -9.01 -7.31
C GLN A 968 -12.03 -9.67 -8.38
N SER A 969 -11.41 -10.19 -9.44
CA SER A 969 -12.16 -10.95 -10.43
C SER A 969 -12.75 -12.21 -9.81
N LEU A 970 -11.98 -12.88 -8.95
CA LEU A 970 -12.52 -14.03 -8.23
C LEU A 970 -13.65 -13.62 -7.29
N ILE A 971 -13.49 -12.50 -6.58
CA ILE A 971 -14.45 -12.12 -5.55
C ILE A 971 -15.79 -11.75 -6.17
N ASP A 972 -15.77 -10.94 -7.21
CA ASP A 972 -16.99 -10.47 -7.85
C ASP A 972 -17.53 -11.44 -8.90
N TYR A 973 -17.09 -12.69 -8.87
CA TYR A 973 -17.48 -13.65 -9.89
C TYR A 973 -18.97 -13.94 -9.82
N SER A 974 -19.62 -13.93 -10.98
CA SER A 974 -20.97 -14.43 -11.14
C SER A 974 -21.01 -15.28 -12.40
N SER A 975 -21.66 -16.44 -12.32
CA SER A 975 -21.70 -17.37 -13.45
C SER A 975 -22.84 -18.36 -13.25
N ASN A 976 -23.07 -19.17 -14.29
CA ASN A 976 -24.06 -20.23 -14.20
C ASN A 976 -23.65 -21.28 -13.17
N LYS A 977 -22.37 -21.61 -13.13
CA LYS A 977 -21.87 -22.60 -12.18
C LYS A 977 -21.67 -22.03 -10.78
N ASP A 978 -21.64 -20.70 -10.63
CA ASP A 978 -21.29 -20.10 -9.36
C ASP A 978 -22.38 -20.26 -8.31
N VAL A 979 -23.64 -20.37 -8.73
CA VAL A 979 -24.73 -20.49 -7.77
C VAL A 979 -24.62 -21.79 -7.00
N LEU A 980 -24.27 -22.89 -7.67
CA LEU A 980 -24.09 -24.18 -7.01
C LEU A 980 -22.66 -24.35 -6.48
N ASN A 981 -21.76 -23.40 -6.77
CA ASN A 981 -20.37 -23.52 -6.36
C ASN A 981 -19.97 -22.47 -5.34
N ASP A 982 -20.28 -21.20 -5.58
CA ASP A 982 -19.83 -20.08 -4.74
C ASP A 982 -18.31 -20.07 -4.61
N LEU A 983 -17.63 -20.17 -5.75
CA LEU A 983 -16.18 -20.00 -5.78
C LEU A 983 -15.79 -18.59 -5.34
N SER A 984 -16.58 -17.60 -5.75
CA SER A 984 -16.33 -16.22 -5.35
C SER A 984 -16.33 -16.08 -3.83
N THR A 985 -17.32 -16.70 -3.18
CA THR A 985 -17.38 -16.66 -1.72
C THR A 985 -16.17 -17.35 -1.11
N SER A 986 -15.74 -18.47 -1.71
CA SER A 986 -14.57 -19.18 -1.19
C SER A 986 -13.33 -18.30 -1.23
N VAL A 987 -13.09 -17.64 -2.37
CA VAL A 987 -11.89 -16.81 -2.49
C VAL A 987 -12.00 -15.58 -1.59
N LYS A 988 -13.19 -15.00 -1.47
CA LYS A 988 -13.38 -13.88 -0.56
C LYS A 988 -13.09 -14.27 0.89
N VAL A 989 -13.57 -15.46 1.29
CA VAL A 989 -13.30 -15.95 2.63
C VAL A 989 -11.81 -16.18 2.84
N GLN A 990 -11.14 -16.77 1.85
CA GLN A 990 -9.71 -17.01 1.97
C GLN A 990 -8.94 -15.70 2.11
N LEU A 991 -9.30 -14.69 1.31
CA LEU A 991 -8.62 -13.41 1.39
C LEU A 991 -8.87 -12.74 2.73
N TYR A 992 -10.11 -12.77 3.22
CA TYR A 992 -10.41 -12.17 4.52
C TYR A 992 -9.66 -12.88 5.64
N ALA A 993 -9.57 -14.21 5.56
CA ALA A 993 -8.85 -14.96 6.59
C ALA A 993 -7.36 -14.65 6.57
N GLN A 994 -6.76 -14.61 5.39
CA GLN A 994 -5.32 -14.40 5.32
C GLN A 994 -4.94 -12.97 5.68
N LEU A 995 -5.85 -12.02 5.51
CA LEU A 995 -5.55 -10.62 5.79
C LEU A 995 -5.92 -10.24 7.23
N PHE A 996 -7.19 -10.40 7.60
CA PHE A 996 -7.65 -9.95 8.91
C PHE A 996 -7.17 -10.85 10.04
N SER A 997 -6.82 -12.10 9.74
CA SER A 997 -6.42 -13.07 10.76
C SER A 997 -5.27 -13.89 10.22
N THR A 998 -4.96 -14.99 10.90
CA THR A 998 -3.96 -15.92 10.41
C THR A 998 -4.48 -16.67 9.19
N GLY A 999 -3.57 -17.38 8.53
CA GLY A 999 -3.93 -18.05 7.29
C GLY A 999 -5.02 -19.09 7.49
N LEU A 1000 -5.71 -19.39 6.38
CA LEU A 1000 -6.79 -20.36 6.42
C LEU A 1000 -6.28 -21.77 6.71
N ASN A 1001 -4.97 -22.00 6.61
CA ASN A 1001 -4.39 -23.29 6.97
C ASN A 1001 -4.55 -23.57 8.46
N THR A 1002 -4.60 -22.53 9.29
CA THR A 1002 -4.60 -22.69 10.74
C THR A 1002 -5.86 -22.13 11.37
N ILE A 1003 -7.02 -22.42 10.78
CA ILE A 1003 -8.28 -21.90 11.29
C ILE A 1003 -9.25 -23.07 11.50
N TYR A 1004 -8.70 -24.24 11.82
CA TYR A 1004 -9.52 -25.44 12.00
C TYR A 1004 -10.60 -25.25 13.05
N ASP A 1005 -10.40 -24.35 14.02
CA ASP A 1005 -11.41 -24.08 15.04
C ASP A 1005 -12.69 -23.58 14.39
N SER A 1006 -13.73 -24.42 14.43
CA SER A 1006 -14.94 -24.14 13.64
C SER A 1006 -15.82 -23.07 14.25
N ILE A 1007 -15.80 -22.92 15.58
CA ILE A 1007 -16.71 -21.98 16.24
C ILE A 1007 -16.42 -20.55 15.78
N GLN A 1008 -15.15 -20.18 15.68
CA GLN A 1008 -14.79 -18.88 15.12
C GLN A 1008 -14.70 -18.91 13.60
N LEU A 1009 -14.58 -20.09 13.01
CA LEU A 1009 -14.60 -20.20 11.56
C LEU A 1009 -15.96 -19.80 11.00
N VAL A 1010 -17.04 -20.14 11.70
CA VAL A 1010 -18.37 -19.71 11.26
C VAL A 1010 -18.47 -18.19 11.26
N ASN A 1011 -17.94 -17.55 12.31
CA ASN A 1011 -17.92 -16.10 12.36
C ASN A 1011 -17.07 -15.51 11.24
N LEU A 1012 -15.95 -16.16 10.92
CA LEU A 1012 -15.12 -15.71 9.81
C LEU A 1012 -15.88 -15.80 8.49
N ILE A 1013 -16.61 -16.90 8.28
CA ILE A 1013 -17.42 -17.05 7.07
C ILE A 1013 -18.46 -15.93 7.00
N SER A 1014 -19.14 -15.68 8.12
CA SER A 1014 -20.20 -14.65 8.12
C SER A 1014 -19.62 -13.27 7.85
N ASN A 1015 -18.48 -12.94 8.47
CA ASN A 1015 -17.90 -11.61 8.31
C ASN A 1015 -17.33 -11.41 6.92
N ALA A 1016 -16.65 -12.42 6.38
CA ALA A 1016 -16.03 -12.29 5.06
C ALA A 1016 -17.08 -12.03 3.99
N VAL A 1017 -18.19 -12.77 4.03
CA VAL A 1017 -19.27 -12.56 3.06
C VAL A 1017 -19.90 -11.19 3.25
N ASN A 1018 -20.00 -10.72 4.50
CA ASN A 1018 -20.71 -9.48 4.79
C ASN A 1018 -20.06 -8.28 4.10
N ASP A 1019 -18.81 -7.98 4.46
CA ASP A 1019 -18.16 -6.78 3.97
C ASP A 1019 -17.40 -7.06 2.67
N THR A 1020 -17.15 -5.99 1.92
CA THR A 1020 -16.39 -6.07 0.68
C THR A 1020 -15.00 -5.49 0.93
N ILE A 1021 -13.97 -6.26 0.58
CA ILE A 1021 -12.59 -5.84 0.74
C ILE A 1021 -12.09 -5.30 -0.59
N ASN A 1022 -11.70 -4.03 -0.60
CA ASN A 1022 -11.16 -3.40 -1.80
C ASN A 1022 -9.65 -3.61 -1.81
N VAL A 1023 -9.19 -4.52 -2.66
CA VAL A 1023 -7.77 -4.81 -2.78
C VAL A 1023 -7.10 -4.07 -3.93
N LEU A 1024 -7.87 -3.33 -4.71
CA LEU A 1024 -7.30 -2.58 -5.82
C LEU A 1024 -6.42 -1.44 -5.30
N PRO A 1025 -5.34 -1.11 -6.00
CA PRO A 1025 -4.45 -0.04 -5.53
C PRO A 1025 -5.08 1.33 -5.68
N THR A 1026 -5.51 1.92 -4.56
CA THR A 1026 -6.04 3.27 -4.55
C THR A 1026 -5.58 3.96 -3.28
N ILE A 1027 -5.10 5.19 -3.41
CA ILE A 1027 -4.66 5.96 -2.25
C ILE A 1027 -5.87 6.36 -1.42
N THR A 1028 -6.91 6.88 -2.07
CA THR A 1028 -8.16 7.25 -1.42
C THR A 1028 -9.28 6.43 -2.04
N GLU A 1029 -10.08 5.78 -1.20
CA GLU A 1029 -11.18 4.95 -1.69
C GLU A 1029 -12.40 5.82 -1.99
N GLY A 1030 -12.20 6.88 -2.77
CA GLY A 1030 -13.28 7.79 -3.11
C GLY A 1030 -13.62 8.79 -2.03
N ILE A 1031 -13.02 8.69 -0.86
CA ILE A 1031 -13.33 9.64 0.23
C ILE A 1031 -12.71 10.99 -0.10
N PRO A 1032 -13.46 12.08 0.00
CA PRO A 1032 -12.90 13.42 -0.28
C PRO A 1032 -12.07 13.96 0.87
N ILE A 1033 -10.90 13.35 1.07
CA ILE A 1033 -9.99 13.74 2.13
C ILE A 1033 -8.57 13.83 1.58
N VAL A 1034 -7.72 14.54 2.30
CA VAL A 1034 -6.31 14.64 1.94
C VAL A 1034 -5.61 13.34 2.34
N SER A 1035 -4.54 13.01 1.62
CA SER A 1035 -3.83 11.76 1.81
C SER A 1035 -2.44 12.04 2.38
N THR A 1036 -2.13 11.40 3.49
CA THR A 1036 -0.83 11.54 4.16
C THR A 1036 -0.11 10.21 4.06
N ILE A 1037 0.78 10.08 3.09
CA ILE A 1037 1.58 8.88 2.90
C ILE A 1037 2.97 9.17 3.45
N LEU A 1038 3.28 8.59 4.60
CA LEU A 1038 4.55 8.81 5.28
C LEU A 1038 5.47 7.63 4.99
N ASP A 1039 6.54 7.92 4.24
CA ASP A 1039 7.60 6.99 3.84
C ASP A 1039 7.10 5.57 3.55
N GLY A 1040 5.96 5.46 2.88
CA GLY A 1040 5.46 4.17 2.46
C GLY A 1040 4.07 3.84 2.96
N ILE A 1041 3.75 4.21 4.19
CA ILE A 1041 2.51 3.82 4.83
C ILE A 1041 1.43 4.84 4.50
N ASN A 1042 0.31 4.35 3.96
CA ASN A 1042 -0.85 5.20 3.70
C ASN A 1042 -1.64 5.35 4.99
N LEU A 1043 -1.69 6.56 5.52
CA LEU A 1043 -2.27 6.79 6.84
C LEU A 1043 -3.41 7.80 6.84
N GLY A 1044 -3.69 8.47 5.73
CA GLY A 1044 -4.68 9.54 5.75
C GLY A 1044 -6.06 9.06 6.16
N ALA A 1045 -6.51 7.95 5.58
CA ALA A 1045 -7.83 7.42 5.91
C ALA A 1045 -7.90 6.99 7.37
N ALA A 1046 -6.86 6.31 7.85
CA ALA A 1046 -6.84 5.86 9.25
C ALA A 1046 -6.86 7.04 10.20
N ILE A 1047 -6.08 8.08 9.92
CA ILE A 1047 -6.07 9.26 10.77
C ILE A 1047 -7.43 9.94 10.75
N LYS A 1048 -8.03 10.06 9.56
CA LYS A 1048 -9.33 10.72 9.47
C LYS A 1048 -10.40 9.97 10.26
N GLU A 1049 -10.42 8.63 10.15
CA GLU A 1049 -11.42 7.88 10.89
C GLU A 1049 -11.14 7.84 12.37
N LEU A 1050 -9.86 7.88 12.78
CA LEU A 1050 -9.53 7.98 14.19
C LEU A 1050 -9.98 9.31 14.76
N LEU A 1051 -9.80 10.39 14.00
CA LEU A 1051 -10.19 11.72 14.46
C LEU A 1051 -11.67 12.00 14.33
N ASP A 1052 -12.40 11.19 13.56
CA ASP A 1052 -13.84 11.32 13.48
C ASP A 1052 -14.56 10.43 14.49
N GLU A 1053 -14.36 9.11 14.40
CA GLU A 1053 -15.05 8.20 15.30
C GLU A 1053 -14.43 8.18 16.69
N HIS A 1054 -13.12 8.42 16.80
CA HIS A 1054 -12.38 8.34 18.06
C HIS A 1054 -12.47 6.93 18.65
N ASP A 1055 -11.98 5.96 17.88
CA ASP A 1055 -11.94 4.57 18.32
C ASP A 1055 -10.71 4.36 19.19
N PRO A 1056 -10.86 4.01 20.47
CA PRO A 1056 -9.69 3.80 21.31
C PRO A 1056 -8.76 2.70 20.82
N LEU A 1057 -9.33 1.62 20.27
CA LEU A 1057 -8.49 0.56 19.72
C LEU A 1057 -7.64 1.09 18.58
N LEU A 1058 -8.28 1.72 17.59
CA LEU A 1058 -7.54 2.27 16.45
C LEU A 1058 -6.40 3.16 16.91
N LYS A 1059 -6.64 3.98 17.93
CA LYS A 1059 -5.57 4.79 18.50
C LYS A 1059 -4.46 3.92 19.07
N LYS A 1060 -4.83 2.84 19.77
CA LYS A 1060 -3.81 1.97 20.37
C LYS A 1060 -2.92 1.34 19.32
N GLU A 1061 -3.52 0.71 18.29
CA GLU A 1061 -2.69 0.11 17.25
C GLU A 1061 -1.96 1.14 16.40
N LEU A 1062 -2.48 2.35 16.25
CA LEU A 1062 -1.72 3.38 15.55
C LEU A 1062 -0.50 3.80 16.36
N GLU A 1063 -0.64 3.93 17.68
CA GLU A 1063 0.51 4.25 18.52
C GLU A 1063 1.53 3.13 18.52
N ALA A 1064 1.06 1.87 18.60
CA ALA A 1064 1.99 0.76 18.77
C ALA A 1064 2.59 0.30 17.44
N LYS A 1065 1.74 -0.17 16.52
CA LYS A 1065 2.24 -0.78 15.29
C LYS A 1065 2.93 0.25 14.40
N VAL A 1066 2.36 1.44 14.29
CA VAL A 1066 2.85 2.45 13.36
C VAL A 1066 3.69 3.51 14.06
N GLY A 1067 3.30 3.89 15.27
CA GLY A 1067 4.00 4.95 15.99
C GLY A 1067 3.42 6.30 15.67
N VAL A 1068 2.09 6.39 15.63
CA VAL A 1068 1.39 7.61 15.25
C VAL A 1068 0.62 8.12 16.46
N LEU A 1069 0.84 9.38 16.80
CA LEU A 1069 0.08 10.09 17.82
C LEU A 1069 -0.77 11.16 17.14
N ALA A 1070 -2.06 11.14 17.41
CA ALA A 1070 -3.00 12.09 16.86
C ALA A 1070 -3.52 13.01 17.96
N ILE A 1071 -3.44 14.32 17.72
CA ILE A 1071 -3.83 15.30 18.72
C ILE A 1071 -5.32 15.57 18.59
N ASN A 1072 -6.05 15.34 19.68
CA ASN A 1072 -7.50 15.60 19.72
C ASN A 1072 -7.69 17.04 20.15
N MET A 1073 -8.04 17.90 19.20
CA MET A 1073 -8.26 19.31 19.47
C MET A 1073 -9.67 19.60 19.95
N SER A 1074 -10.40 18.59 20.43
CA SER A 1074 -11.76 18.80 20.88
C SER A 1074 -11.78 19.70 22.11
N LEU A 1075 -12.86 20.45 22.26
CA LEU A 1075 -13.01 21.28 23.45
C LEU A 1075 -13.29 20.44 24.69
N SER A 1076 -13.98 19.30 24.52
CA SER A 1076 -14.28 18.45 25.67
C SER A 1076 -13.01 17.83 26.26
N ILE A 1077 -12.12 17.32 25.40
CA ILE A 1077 -10.87 16.75 25.90
C ILE A 1077 -10.01 17.83 26.51
N ALA A 1078 -10.03 19.04 25.94
CA ALA A 1078 -9.27 20.14 26.52
C ALA A 1078 -9.80 20.48 27.91
N ALA A 1079 -11.13 20.53 28.07
CA ALA A 1079 -11.71 20.81 29.37
C ALA A 1079 -11.36 19.72 30.37
N THR A 1080 -11.42 18.46 29.95
CA THR A 1080 -11.08 17.36 30.86
C THR A 1080 -9.62 17.42 31.28
N VAL A 1081 -8.71 17.73 30.34
CA VAL A 1081 -7.30 17.81 30.67
C VAL A 1081 -7.03 19.00 31.59
N ALA A 1082 -7.70 20.13 31.35
CA ALA A 1082 -7.54 21.28 32.23
C ALA A 1082 -8.02 20.96 33.64
N SER A 1083 -9.17 20.29 33.76
CA SER A 1083 -9.67 19.90 35.07
C SER A 1083 -8.71 18.91 35.74
N ILE A 1084 -8.15 18.00 34.95
CA ILE A 1084 -7.21 17.02 35.47
C ILE A 1084 -5.99 17.72 36.06
N VAL A 1085 -5.44 18.68 35.31
CA VAL A 1085 -4.25 19.40 35.78
C VAL A 1085 -4.57 20.25 36.99
N GLY A 1086 -5.75 20.88 37.00
CA GLY A 1086 -6.13 21.66 38.18
C GLY A 1086 -6.26 20.81 39.43
N ILE A 1087 -6.91 19.65 39.30
CA ILE A 1087 -7.03 18.74 40.44
C ILE A 1087 -5.66 18.26 40.89
N GLY A 1088 -4.79 17.90 39.95
CA GLY A 1088 -3.47 17.45 40.31
C GLY A 1088 -2.67 18.53 41.05
N ALA A 1089 -2.77 19.77 40.57
CA ALA A 1089 -2.10 20.87 41.26
C ALA A 1089 -2.67 21.07 42.66
N GLU A 1090 -3.99 20.98 42.80
CA GLU A 1090 -4.59 21.15 44.13
C GLU A 1090 -4.15 20.06 45.10
N VAL A 1091 -4.10 18.82 44.64
CA VAL A 1091 -3.84 17.71 45.58
C VAL A 1091 -2.35 17.55 45.86
N THR A 1092 -1.50 17.83 44.87
CA THR A 1092 -0.06 17.57 45.06
C THR A 1092 0.55 18.56 46.03
N ILE A 1093 0.15 19.84 45.98
CA ILE A 1093 0.73 20.84 46.85
C ILE A 1093 0.43 20.59 48.32
N PHE A 1094 -0.56 19.75 48.61
CA PHE A 1094 -0.87 19.41 49.99
C PHE A 1094 0.27 18.64 50.62
N LEU A 1095 0.51 18.94 51.91
CA LEU A 1095 1.44 18.17 52.73
C LEU A 1095 0.66 17.69 53.96
N LEU A 1096 0.33 16.42 53.98
CA LEU A 1096 -0.52 15.88 55.03
C LEU A 1096 0.26 14.93 55.92
N PRO A 1097 -0.02 14.91 57.23
CA PRO A 1097 0.74 14.04 58.12
C PRO A 1097 0.49 12.57 57.81
N ILE A 1098 1.54 11.77 58.00
CA ILE A 1098 1.44 10.35 57.70
C ILE A 1098 0.52 9.68 58.71
N ALA A 1099 -0.01 8.51 58.34
CA ALA A 1099 -0.99 7.85 59.18
C ALA A 1099 -0.38 7.45 60.52
N GLY A 1100 -1.14 7.67 61.59
CA GLY A 1100 -0.70 7.32 62.92
C GLY A 1100 0.03 8.40 63.68
N ILE A 1101 0.22 9.57 63.10
CA ILE A 1101 0.91 10.64 63.81
C ILE A 1101 0.08 11.15 64.98
N SER A 1102 -1.21 11.41 64.72
CA SER A 1102 -2.06 11.98 65.76
C SER A 1102 -2.43 10.94 66.81
N ALA A 1103 -2.70 9.71 66.38
CA ALA A 1103 -3.12 8.64 67.28
C ALA A 1103 -1.95 7.78 67.73
N GLY A 1104 -1.25 7.15 66.79
CA GLY A 1104 -0.15 6.27 67.14
C GLY A 1104 0.17 5.28 66.04
N ILE A 1105 1.44 4.98 65.86
CA ILE A 1105 1.89 3.98 64.88
C ILE A 1105 2.28 2.73 65.67
N PRO A 1106 1.57 1.61 65.50
CA PRO A 1106 1.92 0.40 66.25
C PRO A 1106 3.31 -0.11 65.93
N SER A 1107 3.97 -0.66 66.95
CA SER A 1107 5.28 -1.27 66.83
C SER A 1107 5.17 -2.74 67.18
N LEU A 1108 5.98 -3.57 66.50
CA LEU A 1108 5.91 -5.01 66.66
C LEU A 1108 6.76 -5.41 67.86
N VAL A 1109 6.12 -5.47 69.02
CA VAL A 1109 6.78 -5.93 70.24
C VAL A 1109 6.55 -7.43 70.37
N ASN A 1110 7.63 -8.18 70.62
CA ASN A 1110 7.60 -9.63 70.57
C ASN A 1110 7.06 -10.09 69.23
N ASN A 1111 5.81 -10.54 69.20
CA ASN A 1111 5.17 -10.95 67.96
C ASN A 1111 3.75 -10.40 67.88
N GLU A 1112 3.55 -9.21 68.46
CA GLU A 1112 2.25 -8.57 68.46
C GLU A 1112 2.42 -7.06 68.30
N LEU A 1113 1.45 -6.43 67.67
CA LEU A 1113 1.51 -4.98 67.49
C LEU A 1113 0.99 -4.27 68.73
N ILE A 1114 1.75 -3.28 69.20
CA ILE A 1114 1.34 -2.42 70.31
C ILE A 1114 1.59 -0.99 69.87
N LEU A 1115 0.54 -0.17 69.85
CA LEU A 1115 0.71 1.21 69.44
C LEU A 1115 1.02 2.14 70.61
N HIS A 1116 0.46 1.87 71.79
CA HIS A 1116 0.65 2.72 72.95
C HIS A 1116 1.10 1.88 74.13
N ASP A 1117 2.20 2.29 74.77
CA ASP A 1117 2.79 1.55 75.88
C ASP A 1117 2.47 2.16 77.24
N LYS A 1118 2.26 3.46 77.32
CA LYS A 1118 2.05 4.13 78.60
C LYS A 1118 0.56 4.22 78.91
N ALA A 1119 0.27 4.40 80.21
CA ALA A 1119 -1.11 4.58 80.62
C ALA A 1119 -1.70 5.87 80.08
N THR A 1120 -0.91 6.96 80.13
CA THR A 1120 -1.38 8.25 79.64
C THR A 1120 -1.30 8.37 78.13
N SER A 1121 -0.60 7.46 77.45
CA SER A 1121 -0.65 7.42 76.00
C SER A 1121 -1.97 6.84 75.52
N VAL A 1122 -2.52 5.87 76.25
CA VAL A 1122 -3.83 5.30 75.91
C VAL A 1122 -4.92 6.35 76.10
N VAL A 1123 -4.85 7.10 77.20
CA VAL A 1123 -5.82 8.18 77.41
C VAL A 1123 -5.70 9.23 76.31
N ASN A 1124 -4.48 9.48 75.85
CA ASN A 1124 -4.30 10.39 74.73
C ASN A 1124 -4.87 9.82 73.43
N TYR A 1125 -4.80 8.50 73.26
CA TYR A 1125 -5.43 7.89 72.09
C TYR A 1125 -6.93 8.07 72.12
N PHE A 1126 -7.55 7.88 73.29
CA PHE A 1126 -8.99 8.11 73.39
C PHE A 1126 -9.33 9.60 73.24
N ASN A 1127 -8.46 10.48 73.73
CA ASN A 1127 -8.66 11.91 73.52
C ASN A 1127 -8.64 12.26 72.05
N HIS A 1128 -7.70 11.68 71.30
CA HIS A 1128 -7.68 11.88 69.85
C HIS A 1128 -8.93 11.31 69.20
N LEU A 1129 -9.34 10.11 69.59
CA LEU A 1129 -10.62 9.58 69.14
C LEU A 1129 -11.75 9.97 70.08
N SER A 1130 -11.76 11.26 70.44
CA SER A 1130 -12.90 11.89 71.08
C SER A 1130 -13.25 13.21 70.44
N GLU A 1131 -12.49 13.64 69.42
CA GLU A 1131 -12.79 14.88 68.72
C GLU A 1131 -14.04 14.77 67.86
N SER A 1132 -14.47 13.55 67.53
CA SER A 1132 -15.60 13.37 66.63
C SER A 1132 -16.91 13.85 67.24
N LYS A 1133 -16.99 13.97 68.56
CA LYS A 1133 -18.16 14.59 69.17
C LYS A 1133 -18.05 16.12 69.17
N GLU A 1134 -16.91 16.67 68.75
CA GLU A 1134 -16.72 18.10 68.62
C GLU A 1134 -16.37 18.53 67.20
N TYR A 1135 -15.62 17.72 66.46
CA TYR A 1135 -15.27 18.02 65.07
C TYR A 1135 -15.99 17.15 64.06
N GLY A 1136 -16.63 16.07 64.48
CA GLY A 1136 -17.31 15.17 63.57
C GLY A 1136 -16.36 14.15 62.97
N PRO A 1137 -16.92 13.21 62.21
CA PRO A 1137 -16.06 12.20 61.56
C PRO A 1137 -15.04 12.82 60.62
N LEU A 1138 -15.39 13.92 59.98
CA LEU A 1138 -14.50 14.62 59.06
C LEU A 1138 -14.27 16.04 59.58
N LYS A 1139 -13.01 16.42 59.73
CA LYS A 1139 -12.65 17.77 60.14
C LYS A 1139 -11.97 18.49 58.98
N THR A 1140 -12.24 19.79 58.87
CA THR A 1140 -11.74 20.59 57.76
C THR A 1140 -10.34 21.10 58.07
N GLU A 1141 -9.41 20.84 57.15
CA GLU A 1141 -8.03 21.29 57.27
C GLU A 1141 -7.65 22.11 56.04
N ASP A 1142 -6.85 23.14 56.26
CA ASP A 1142 -6.38 24.06 55.23
C ASP A 1142 -7.53 24.74 54.49
N ASP A 1143 -8.75 24.67 55.04
CA ASP A 1143 -9.94 25.29 54.46
C ASP A 1143 -10.28 24.65 53.12
N LYS A 1144 -9.48 23.66 52.70
CA LYS A 1144 -9.62 23.05 51.40
C LYS A 1144 -9.85 21.55 51.43
N ILE A 1145 -9.49 20.87 52.51
CA ILE A 1145 -9.55 19.41 52.54
C ILE A 1145 -10.36 18.96 53.75
N LEU A 1146 -10.95 17.77 53.62
CA LEU A 1146 -11.60 17.09 54.74
C LEU A 1146 -10.74 15.89 55.10
N VAL A 1147 -10.40 15.77 56.38
CA VAL A 1147 -9.61 14.63 56.85
C VAL A 1147 -10.37 13.94 57.96
N PRO A 1148 -10.43 12.61 57.97
CA PRO A 1148 -11.06 11.91 59.09
C PRO A 1148 -10.15 11.92 60.30
N ILE A 1149 -10.76 11.71 61.47
CA ILE A 1149 -9.98 11.53 62.68
C ILE A 1149 -9.03 10.36 62.48
N ASP A 1150 -7.76 10.58 62.79
CA ASP A 1150 -6.75 9.55 62.49
C ASP A 1150 -7.01 8.30 63.33
N ASP A 1151 -6.85 7.14 62.68
CA ASP A 1151 -7.15 5.85 63.28
C ASP A 1151 -8.58 5.80 63.82
N LEU A 1152 -9.51 6.33 63.05
CA LEU A 1152 -10.94 6.17 63.27
C LEU A 1152 -11.49 5.39 62.10
N VAL A 1153 -11.96 4.17 62.36
CA VAL A 1153 -12.35 3.27 61.28
C VAL A 1153 -13.67 3.73 60.69
N ILE A 1154 -13.71 3.86 59.35
CA ILE A 1154 -14.90 4.27 58.63
C ILE A 1154 -15.19 3.20 57.59
N SER A 1155 -16.38 2.60 57.66
CA SER A 1155 -16.74 1.53 56.75
C SER A 1155 -17.58 2.00 55.57
N GLU A 1156 -18.37 3.05 55.74
CA GLU A 1156 -19.20 3.57 54.64
C GLU A 1156 -19.12 5.08 54.62
N ILE A 1157 -18.92 5.64 53.43
CA ILE A 1157 -18.97 7.08 53.19
C ILE A 1157 -19.99 7.29 52.08
N ASP A 1158 -21.22 7.63 52.46
CA ASP A 1158 -22.32 7.78 51.51
C ASP A 1158 -22.39 9.25 51.10
N PHE A 1159 -21.81 9.56 49.94
CA PHE A 1159 -21.86 10.94 49.46
C PHE A 1159 -23.27 11.33 49.04
N ASN A 1160 -24.04 10.38 48.50
CA ASN A 1160 -25.38 10.70 48.01
C ASN A 1160 -26.28 11.18 49.14
N ASN A 1161 -26.22 10.50 50.29
CA ASN A 1161 -27.06 10.84 51.43
C ASN A 1161 -26.35 11.72 52.46
N ASN A 1162 -25.10 12.13 52.16
CA ASN A 1162 -24.29 12.91 53.10
C ASN A 1162 -24.20 12.22 54.45
N SER A 1163 -24.07 10.90 54.43
CA SER A 1163 -24.07 10.08 55.62
C SER A 1163 -22.80 9.25 55.68
N ILE A 1164 -22.42 8.87 56.89
CA ILE A 1164 -21.23 8.06 57.12
C ILE A 1164 -21.61 6.89 58.01
N LYS A 1165 -20.84 5.81 57.92
CA LYS A 1165 -20.98 4.66 58.80
C LYS A 1165 -19.59 4.21 59.22
N LEU A 1166 -19.45 3.83 60.48
CA LEU A 1166 -18.15 3.48 61.02
C LEU A 1166 -17.99 1.97 61.12
N GLY A 1167 -16.74 1.53 61.19
CA GLY A 1167 -16.46 0.08 61.32
C GLY A 1167 -16.57 -0.38 62.76
N THR A 1168 -15.48 -0.92 63.31
CA THR A 1168 -15.59 -1.48 64.68
C THR A 1168 -14.32 -1.17 65.50
N CYS A 1169 -14.29 -0.03 66.19
CA CYS A 1169 -13.16 0.24 67.13
C CYS A 1169 -13.53 -0.56 68.37
N ASN A 1170 -13.63 -1.89 68.23
CA ASN A 1170 -14.14 -2.71 69.31
C ASN A 1170 -13.04 -3.02 70.31
N ILE A 1171 -13.36 -2.89 71.59
CA ILE A 1171 -12.41 -3.13 72.67
C ILE A 1171 -12.98 -4.19 73.60
N LEU A 1172 -12.10 -5.02 74.15
CA LEU A 1172 -12.51 -6.16 74.96
C LEU A 1172 -13.21 -5.71 76.24
N ALA A 1173 -13.68 -6.69 77.01
CA ALA A 1173 -14.45 -6.44 78.21
C ALA A 1173 -13.86 -7.21 79.39
N MET A 1174 -14.45 -6.99 80.55
CA MET A 1174 -14.09 -7.64 81.80
C MET A 1174 -15.28 -8.39 82.37
N GLU A 1175 -15.03 -9.10 83.47
CA GLU A 1175 -16.09 -9.74 84.25
C GLU A 1175 -15.54 -10.04 85.63
N GLY A 1176 -16.06 -9.40 86.65
CA GLY A 1176 -15.62 -9.63 88.00
C GLY A 1176 -15.73 -8.36 88.83
N GLY A 1177 -15.27 -8.47 90.07
CA GLY A 1177 -15.27 -7.34 90.98
C GLY A 1177 -16.45 -7.30 91.92
N SER A 1178 -16.22 -7.66 93.18
CA SER A 1178 -17.27 -7.66 94.18
C SER A 1178 -17.27 -6.35 94.95
N GLY A 1179 -18.45 -5.97 95.44
CA GLY A 1179 -18.58 -4.74 96.21
C GLY A 1179 -18.12 -3.51 95.47
N HIS A 1180 -18.46 -3.41 94.19
CA HIS A 1180 -18.01 -2.28 93.38
C HIS A 1180 -18.63 -0.97 93.86
N THR A 1181 -17.82 0.08 93.89
CA THR A 1181 -18.28 1.40 94.27
C THR A 1181 -17.64 2.42 93.34
N VAL A 1182 -18.30 3.56 93.17
CA VAL A 1182 -17.76 4.67 92.39
C VAL A 1182 -17.76 5.90 93.27
N THR A 1183 -16.58 6.50 93.46
CA THR A 1183 -16.44 7.72 94.23
C THR A 1183 -15.48 8.65 93.49
N GLY A 1184 -15.93 9.88 93.24
CA GLY A 1184 -15.11 10.84 92.54
C GLY A 1184 -14.65 10.36 91.18
N ASN A 1185 -15.54 9.73 90.42
CA ASN A 1185 -15.25 9.14 89.12
C ASN A 1185 -14.19 8.05 89.19
N ILE A 1186 -13.96 7.49 90.38
CA ILE A 1186 -12.94 6.46 90.59
C ILE A 1186 -13.64 5.18 91.02
N ASP A 1187 -13.30 4.07 90.37
CA ASP A 1187 -13.94 2.78 90.63
C ASP A 1187 -13.17 2.06 91.73
N HIS A 1188 -13.72 2.06 92.93
CA HIS A 1188 -13.15 1.29 94.03
C HIS A 1188 -13.69 -0.13 94.00
N PHE A 1189 -12.79 -1.10 94.09
CA PHE A 1189 -13.13 -2.51 93.96
C PHE A 1189 -12.61 -3.29 95.17
N PHE A 1190 -13.25 -4.44 95.41
CA PHE A 1190 -12.75 -5.42 96.36
C PHE A 1190 -11.97 -6.52 95.68
N SER A 1191 -12.41 -6.96 94.50
CA SER A 1191 -11.68 -7.90 93.69
C SER A 1191 -10.97 -7.15 92.56
N SER A 1192 -10.34 -7.90 91.65
CA SER A 1192 -9.65 -7.31 90.50
C SER A 1192 -10.28 -7.81 89.22
N PRO A 1193 -11.12 -7.01 88.55
CA PRO A 1193 -11.68 -7.45 87.27
C PRO A 1193 -10.59 -7.69 86.24
N TYR A 1194 -10.82 -8.69 85.39
CA TYR A 1194 -9.80 -9.16 84.45
C TYR A 1194 -10.34 -9.13 83.03
N ILE A 1195 -9.44 -8.88 82.08
CA ILE A 1195 -9.82 -8.87 80.68
C ILE A 1195 -10.23 -10.27 80.24
N SER A 1196 -11.22 -10.34 79.36
CA SER A 1196 -11.65 -11.64 78.83
C SER A 1196 -11.95 -11.49 77.35
N SER A 1197 -11.29 -12.30 76.54
CA SER A 1197 -11.54 -12.36 75.10
C SER A 1197 -12.58 -13.39 74.72
N HIS A 1198 -13.20 -14.05 75.71
CA HIS A 1198 -14.21 -15.07 75.48
C HIS A 1198 -15.61 -14.58 75.82
N ILE A 1199 -15.80 -13.27 75.89
CA ILE A 1199 -17.12 -12.67 76.16
C ILE A 1199 -17.39 -11.62 75.10
N PRO A 1200 -18.65 -11.23 74.91
CA PRO A 1200 -18.95 -10.18 73.93
C PRO A 1200 -18.13 -8.92 74.18
N SER A 1201 -17.55 -8.40 73.12
CA SER A 1201 -16.70 -7.20 73.21
C SER A 1201 -17.56 -5.95 73.29
N LEU A 1202 -16.93 -4.86 73.74
CA LEU A 1202 -17.62 -3.60 74.01
C LEU A 1202 -17.19 -2.55 72.99
N SER A 1203 -18.17 -1.93 72.35
CA SER A 1203 -17.90 -1.00 71.25
C SER A 1203 -17.81 0.42 71.76
N VAL A 1204 -16.76 1.13 71.37
CA VAL A 1204 -16.62 2.54 71.73
C VAL A 1204 -17.48 3.43 70.84
N TYR A 1205 -17.84 2.96 69.64
CA TYR A 1205 -18.75 3.70 68.77
C TYR A 1205 -20.21 3.49 69.14
N SER A 1206 -20.50 3.57 70.44
CA SER A 1206 -21.85 3.76 70.96
C SER A 1206 -21.88 4.78 72.07
N ALA A 1207 -20.76 5.01 72.76
CA ALA A 1207 -20.63 6.06 73.75
C ALA A 1207 -19.85 7.25 73.24
N ILE A 1208 -19.10 7.11 72.14
CA ILE A 1208 -18.41 8.27 71.58
C ILE A 1208 -19.41 9.27 71.03
N GLY A 1209 -20.52 8.80 70.46
CA GLY A 1209 -21.56 9.68 69.97
C GLY A 1209 -21.26 10.31 68.63
N ILE A 1210 -21.16 9.49 67.59
CA ILE A 1210 -20.79 9.96 66.26
C ILE A 1210 -22.02 10.50 65.55
N LYS A 1211 -21.90 11.71 64.98
CA LYS A 1211 -22.93 12.26 64.12
C LYS A 1211 -22.73 11.66 62.73
N THR A 1212 -23.29 10.46 62.54
CA THR A 1212 -23.07 9.74 61.29
C THR A 1212 -23.85 10.34 60.13
N GLU A 1213 -25.09 10.77 60.38
CA GLU A 1213 -25.98 11.22 59.33
C GLU A 1213 -25.88 12.73 59.14
N ASN A 1214 -26.14 13.16 57.90
CA ASN A 1214 -26.27 14.57 57.54
C ASN A 1214 -25.01 15.36 57.90
N LEU A 1215 -23.92 14.98 57.25
CA LEU A 1215 -22.65 15.69 57.40
C LEU A 1215 -22.41 16.61 56.19
N ASP A 1216 -21.44 17.49 56.33
CA ASP A 1216 -21.13 18.50 55.33
C ASP A 1216 -19.94 18.03 54.50
N PHE A 1217 -20.23 17.34 53.41
CA PHE A 1217 -19.21 16.98 52.43
C PHE A 1217 -19.13 18.01 51.30
N SER A 1218 -19.03 19.28 51.67
CA SER A 1218 -19.06 20.36 50.68
C SER A 1218 -17.70 20.52 50.00
N LYS A 1219 -16.64 20.59 50.79
CA LYS A 1219 -15.30 20.70 50.23
C LYS A 1219 -14.97 19.45 49.42
N LYS A 1220 -14.42 19.66 48.24
CA LYS A 1220 -14.31 18.59 47.25
C LYS A 1220 -13.01 17.82 47.35
N ILE A 1221 -12.14 18.15 48.30
CA ILE A 1221 -10.91 17.41 48.56
C ILE A 1221 -11.11 16.66 49.86
N MET A 1222 -10.84 15.35 49.85
CA MET A 1222 -11.08 14.52 51.03
C MET A 1222 -9.93 13.54 51.19
N MET A 1223 -9.67 13.14 52.44
CA MET A 1223 -8.63 12.10 52.72
C MET A 1223 -9.34 10.80 53.10
N LEU A 1224 -8.86 9.66 52.59
CA LEU A 1224 -9.52 8.35 52.85
C LEU A 1224 -9.29 7.90 54.30
N PRO A 1225 -10.19 7.08 54.89
CA PRO A 1225 -9.98 6.56 56.25
C PRO A 1225 -8.69 5.74 56.36
N ASN A 1226 -7.91 5.96 57.42
CA ASN A 1226 -6.60 5.27 57.58
C ASN A 1226 -6.71 4.20 58.68
N ALA A 1227 -7.92 3.70 58.94
CA ALA A 1227 -8.10 2.78 60.04
C ALA A 1227 -8.95 1.60 59.63
N PRO A 1228 -8.42 0.38 59.63
CA PRO A 1228 -9.27 -0.81 59.45
C PRO A 1228 -9.99 -1.13 60.76
N SER A 1229 -10.85 -2.15 60.68
CA SER A 1229 -11.53 -2.62 61.87
C SER A 1229 -10.51 -3.19 62.85
N ARG A 1230 -10.63 -2.81 64.12
CA ARG A 1230 -9.64 -3.13 65.13
C ARG A 1230 -10.28 -3.74 66.36
N VAL A 1231 -9.56 -4.68 66.96
CA VAL A 1231 -9.94 -5.27 68.24
C VAL A 1231 -8.77 -5.09 69.20
N PHE A 1232 -9.07 -4.63 70.41
CA PHE A 1232 -8.09 -4.13 71.36
C PHE A 1232 -7.97 -5.06 72.57
N TRP A 1233 -6.92 -5.87 72.62
CA TRP A 1233 -6.49 -6.46 73.89
C TRP A 1233 -5.74 -5.42 74.69
N TRP A 1234 -6.34 -4.97 75.78
CA TRP A 1234 -5.73 -3.99 76.66
C TRP A 1234 -5.42 -4.63 78.01
N GLU A 1235 -4.24 -4.32 78.54
CA GLU A 1235 -3.78 -4.87 79.81
C GLU A 1235 -3.73 -3.77 80.85
N THR A 1236 -4.35 -4.02 82.00
CA THR A 1236 -4.42 -3.02 83.07
C THR A 1236 -3.23 -3.20 83.99
N GLY A 1237 -2.26 -2.31 83.89
CA GLY A 1237 -1.13 -2.29 84.80
C GLY A 1237 -1.46 -1.58 86.09
N ALA A 1238 -0.46 -1.49 86.96
CA ALA A 1238 -0.62 -0.91 88.29
C ALA A 1238 -0.03 0.50 88.37
N VAL A 1239 -0.18 1.30 87.33
CA VAL A 1239 0.38 2.66 87.33
C VAL A 1239 -0.30 3.48 88.41
N PRO A 1240 0.45 4.10 89.32
CA PRO A 1240 -0.19 4.83 90.43
C PRO A 1240 -0.38 6.32 90.16
N GLY A 1241 -1.31 6.93 90.87
CA GLY A 1241 -1.50 8.37 90.83
C GLY A 1241 -1.99 8.94 89.52
N LEU A 1242 -2.98 8.29 88.89
CA LEU A 1242 -3.65 8.84 87.71
C LEU A 1242 -5.12 9.14 87.97
N ARG A 1243 -5.54 9.19 89.23
CA ARG A 1243 -6.94 9.50 89.51
C ARG A 1243 -7.16 11.01 89.63
N SER A 1244 -6.59 11.74 88.69
CA SER A 1244 -6.89 13.16 88.53
C SER A 1244 -6.89 13.59 87.07
N LEU A 1245 -6.70 12.68 86.12
CA LEU A 1245 -6.52 13.03 84.72
C LEU A 1245 -7.87 13.29 84.09
N GLU A 1246 -8.10 14.52 83.63
CA GLU A 1246 -9.37 14.93 83.05
C GLU A 1246 -9.12 15.51 81.66
N ASN A 1247 -9.08 14.64 80.66
CA ASN A 1247 -9.03 15.02 79.25
C ASN A 1247 -10.35 14.63 78.60
N ASN A 1248 -10.40 14.78 77.27
CA ASN A 1248 -11.53 14.22 76.53
C ASN A 1248 -11.44 12.69 76.49
N GLY A 1249 -10.22 12.14 76.54
CA GLY A 1249 -10.08 10.70 76.54
C GLY A 1249 -10.67 10.04 77.78
N THR A 1250 -10.44 10.64 78.95
CA THR A 1250 -11.06 10.10 80.15
C THR A 1250 -12.58 10.26 80.11
N LYS A 1251 -13.08 11.31 79.46
CA LYS A 1251 -14.52 11.45 79.29
C LYS A 1251 -15.07 10.34 78.42
N LEU A 1252 -14.37 10.01 77.33
CA LEU A 1252 -14.80 8.92 76.46
C LEU A 1252 -14.76 7.58 77.20
N LEU A 1253 -13.70 7.35 77.99
CA LEU A 1253 -13.61 6.12 78.75
C LEU A 1253 -14.71 6.02 79.79
N ASP A 1254 -15.03 7.13 80.46
CA ASP A 1254 -16.14 7.11 81.42
C ASP A 1254 -17.46 6.85 80.71
N SER A 1255 -17.65 7.43 79.52
CA SER A 1255 -18.87 7.16 78.76
C SER A 1255 -18.97 5.70 78.38
N ILE A 1256 -17.86 5.09 77.95
CA ILE A 1256 -17.86 3.67 77.62
C ILE A 1256 -18.18 2.85 78.85
N ARG A 1257 -17.56 3.19 79.99
CA ARG A 1257 -17.85 2.50 81.24
C ARG A 1257 -19.30 2.69 81.65
N ASP A 1258 -19.82 3.91 81.49
CA ASP A 1258 -21.22 4.17 81.84
C ASP A 1258 -22.17 3.43 80.92
N LEU A 1259 -21.85 3.35 79.62
CA LEU A 1259 -22.75 2.69 78.68
C LEU A 1259 -22.80 1.18 78.87
N TYR A 1260 -21.75 0.59 79.46
CA TYR A 1260 -21.72 -0.82 79.81
C TYR A 1260 -21.58 -0.91 81.33
N PRO A 1261 -22.69 -0.88 82.07
CA PRO A 1261 -22.60 -0.74 83.53
C PRO A 1261 -22.05 -1.97 84.25
N GLY A 1262 -21.65 -3.01 83.53
CA GLY A 1262 -21.12 -4.20 84.17
C GLY A 1262 -19.69 -4.51 83.82
N LYS A 1263 -19.20 -3.96 82.72
CA LYS A 1263 -17.87 -4.28 82.21
C LYS A 1263 -17.14 -3.00 81.83
N PHE A 1264 -15.86 -3.16 81.48
CA PHE A 1264 -14.97 -2.08 81.05
C PHE A 1264 -14.85 -1.00 82.13
N TYR A 1265 -14.22 -1.38 83.23
CA TYR A 1265 -13.75 -0.42 84.22
C TYR A 1265 -12.32 -0.06 83.85
N TRP A 1266 -12.15 1.13 83.24
CA TRP A 1266 -10.87 1.47 82.63
C TRP A 1266 -9.79 1.72 83.68
N ARG A 1267 -10.10 2.49 84.71
CA ARG A 1267 -9.18 2.72 85.81
C ARG A 1267 -9.90 2.41 87.11
N PHE A 1268 -9.30 1.54 87.93
CA PHE A 1268 -9.95 1.08 89.15
C PHE A 1268 -8.91 1.01 90.25
N TYR A 1269 -9.32 0.51 91.42
CA TYR A 1269 -8.48 0.44 92.60
C TYR A 1269 -8.58 -0.98 93.17
N ALA A 1270 -7.76 -1.89 92.65
CA ALA A 1270 -7.70 -3.26 93.17
C ALA A 1270 -6.80 -3.31 94.39
N PHE A 1271 -7.11 -2.45 95.37
CA PHE A 1271 -6.31 -2.19 96.57
C PHE A 1271 -5.05 -1.41 96.19
N PHE A 1272 -4.76 -1.34 94.90
CA PHE A 1272 -3.70 -0.54 94.32
C PHE A 1272 -4.26 0.17 93.10
N ASP A 1273 -3.60 1.27 92.72
CA ASP A 1273 -4.04 2.05 91.56
C ASP A 1273 -3.79 1.25 90.29
N TYR A 1274 -4.87 0.85 89.64
CA TYR A 1274 -4.81 0.09 88.39
C TYR A 1274 -5.46 0.90 87.27
N ALA A 1275 -4.86 0.85 86.09
CA ALA A 1275 -5.37 1.60 84.95
C ALA A 1275 -4.89 0.94 83.67
N ILE A 1276 -5.53 1.32 82.55
CA ILE A 1276 -5.11 0.80 81.25
C ILE A 1276 -3.65 1.15 81.02
N THR A 1277 -2.90 0.17 80.53
CA THR A 1277 -1.48 0.36 80.27
C THR A 1277 -1.12 0.16 78.81
N THR A 1278 -1.68 -0.86 78.17
CA THR A 1278 -1.30 -1.23 76.81
C THR A 1278 -2.55 -1.34 75.95
N LEU A 1279 -2.38 -1.07 74.65
CA LEU A 1279 -3.43 -1.30 73.66
C LEU A 1279 -2.83 -2.12 72.53
N LYS A 1280 -3.20 -3.38 72.45
CA LYS A 1280 -2.69 -4.29 71.43
C LYS A 1280 -3.80 -4.57 70.44
N PRO A 1281 -3.74 -4.00 69.24
CA PRO A 1281 -4.81 -4.21 68.26
C PRO A 1281 -4.54 -5.31 67.25
N VAL A 1282 -5.58 -6.01 66.84
CA VAL A 1282 -5.54 -6.79 65.60
C VAL A 1282 -6.56 -6.19 64.64
N TYR A 1283 -6.29 -6.34 63.35
CA TYR A 1283 -7.05 -5.67 62.31
C TYR A 1283 -7.72 -6.69 61.39
N GLU A 1284 -9.02 -6.84 61.55
CA GLU A 1284 -9.80 -7.60 60.58
C GLU A 1284 -9.75 -6.91 59.23
N ASP A 1285 -9.85 -7.70 58.17
CA ASP A 1285 -9.90 -7.13 56.83
C ASP A 1285 -11.08 -6.19 56.72
N THR A 1286 -10.83 -4.97 56.27
CA THR A 1286 -11.83 -3.92 56.19
C THR A 1286 -11.95 -3.43 54.76
N ASN A 1287 -13.20 -3.32 54.29
CA ASN A 1287 -13.51 -2.76 52.98
C ASN A 1287 -14.40 -1.55 53.18
N THR A 1288 -13.94 -0.38 52.75
CA THR A 1288 -14.69 0.85 52.90
C THR A 1288 -15.45 1.14 51.62
N LYS A 1289 -16.78 1.18 51.73
CA LYS A 1289 -17.65 1.50 50.62
C LYS A 1289 -17.85 3.01 50.58
N ILE A 1290 -17.26 3.66 49.58
CA ILE A 1290 -17.46 5.08 49.35
C ILE A 1290 -18.38 5.22 48.15
N LYS A 1291 -19.60 5.68 48.38
CA LYS A 1291 -20.61 5.77 47.33
C LYS A 1291 -20.50 7.14 46.68
N LEU A 1292 -19.93 7.17 45.48
CA LEU A 1292 -19.68 8.44 44.80
C LEU A 1292 -20.98 9.07 44.34
N ASP A 1293 -21.04 10.40 44.43
CA ASP A 1293 -22.20 11.15 43.99
C ASP A 1293 -22.02 11.58 42.53
N LYS A 1294 -22.89 12.47 42.06
CA LYS A 1294 -22.83 12.98 40.70
C LYS A 1294 -21.92 14.19 40.58
N ASP A 1295 -21.37 14.68 41.69
CA ASP A 1295 -20.46 15.83 41.67
C ASP A 1295 -19.03 15.33 41.42
N THR A 1296 -18.06 16.22 41.59
CA THR A 1296 -16.65 15.88 41.46
C THR A 1296 -16.04 15.79 42.86
N ARG A 1297 -15.43 14.65 43.16
CA ARG A 1297 -14.80 14.43 44.46
C ARG A 1297 -13.34 14.04 44.27
N ASN A 1298 -12.51 14.48 45.20
CA ASN A 1298 -11.07 14.22 45.15
C ASN A 1298 -10.65 13.58 46.46
N PHE A 1299 -9.87 12.50 46.36
CA PHE A 1299 -9.52 11.69 47.52
C PHE A 1299 -8.01 11.64 47.71
N ILE A 1300 -7.60 11.56 48.97
CA ILE A 1300 -6.21 11.43 49.35
C ILE A 1300 -6.05 10.06 50.00
N MET A 1301 -5.22 9.21 49.41
CA MET A 1301 -4.96 7.90 49.99
C MET A 1301 -3.94 8.05 51.12
N PRO A 1302 -4.30 7.65 52.35
CA PRO A 1302 -3.34 7.80 53.45
C PRO A 1302 -2.16 6.87 53.28
N THR A 1303 -1.01 7.32 53.81
CA THR A 1303 0.21 6.53 53.80
C THR A 1303 0.34 5.87 55.16
N ILE A 1304 0.20 4.55 55.22
CA ILE A 1304 0.28 3.80 56.46
C ILE A 1304 1.60 3.02 56.45
N THR A 1305 2.47 3.32 57.42
CA THR A 1305 3.78 2.71 57.44
C THR A 1305 3.72 1.25 57.82
N THR A 1306 2.89 0.91 58.81
CA THR A 1306 2.82 -0.46 59.30
C THR A 1306 2.16 -1.35 58.26
N ASP A 1307 2.92 -2.33 57.74
CA ASP A 1307 2.39 -3.19 56.69
C ASP A 1307 1.22 -4.04 57.18
N GLU A 1308 1.22 -4.40 58.46
CA GLU A 1308 0.12 -5.18 59.00
C GLU A 1308 -1.18 -4.38 59.01
N ILE A 1309 -1.10 -3.06 59.16
CA ILE A 1309 -2.28 -2.22 59.02
C ILE A 1309 -2.70 -2.11 57.56
N ARG A 1310 -1.74 -1.89 56.68
CA ARG A 1310 -2.04 -1.61 55.29
C ARG A 1310 -2.63 -2.82 54.57
N ASN A 1311 -2.10 -4.01 54.84
CA ASN A 1311 -2.56 -5.22 54.17
C ASN A 1311 -3.93 -5.68 54.64
N LYS A 1312 -4.46 -5.07 55.70
CA LYS A 1312 -5.77 -5.44 56.23
C LYS A 1312 -6.79 -4.32 56.08
N LEU A 1313 -6.54 -3.38 55.17
CA LEU A 1313 -7.47 -2.30 54.86
C LEU A 1313 -7.63 -2.20 53.35
N SER A 1314 -8.87 -2.06 52.89
CA SER A 1314 -9.17 -1.99 51.47
C SER A 1314 -10.23 -0.93 51.22
N TYR A 1315 -10.18 -0.36 50.02
CA TYR A 1315 -11.11 0.68 49.61
C TYR A 1315 -11.98 0.18 48.47
N SER A 1316 -13.19 0.74 48.37
CA SER A 1316 -14.13 0.34 47.35
C SER A 1316 -15.01 1.54 47.03
N PHE A 1317 -14.82 2.13 45.86
CA PHE A 1317 -15.51 3.35 45.45
C PHE A 1317 -16.57 2.97 44.43
N ASP A 1318 -17.84 3.12 44.80
CA ASP A 1318 -18.94 2.84 43.89
C ASP A 1318 -19.11 4.03 42.95
N GLY A 1319 -18.94 3.78 41.65
CA GLY A 1319 -18.95 4.87 40.69
C GLY A 1319 -20.33 5.46 40.48
N ALA A 1320 -20.32 6.62 39.80
CA ALA A 1320 -21.54 7.33 39.44
C ALA A 1320 -21.20 8.23 38.25
N GLY A 1321 -22.08 9.18 37.97
CA GLY A 1321 -21.84 10.10 36.88
C GLY A 1321 -21.07 11.35 37.30
N GLY A 1322 -19.77 11.35 37.07
CA GLY A 1322 -18.95 12.49 37.43
C GLY A 1322 -17.48 12.19 37.23
N THR A 1323 -16.65 13.13 37.66
CA THR A 1323 -15.20 12.99 37.59
C THR A 1323 -14.64 12.91 39.01
N TYR A 1324 -13.81 11.90 39.26
CA TYR A 1324 -13.24 11.66 40.57
C TYR A 1324 -11.74 11.45 40.45
N SER A 1325 -11.02 11.90 41.47
CA SER A 1325 -9.58 11.79 41.52
C SER A 1325 -9.14 11.05 42.78
N LEU A 1326 -7.84 10.77 42.86
CA LEU A 1326 -7.29 10.01 43.97
C LEU A 1326 -5.78 10.21 44.01
N LEU A 1327 -5.27 10.61 45.17
CA LEU A 1327 -3.82 10.77 45.35
C LEU A 1327 -3.26 9.44 45.83
N LEU A 1328 -2.63 8.70 44.92
CA LEU A 1328 -2.03 7.43 45.29
C LEU A 1328 -0.91 7.63 46.30
N SER A 1329 -0.89 6.77 47.31
CA SER A 1329 0.18 6.78 48.29
C SER A 1329 1.30 5.84 47.86
N SER A 1330 2.52 6.13 48.31
CA SER A 1330 3.65 5.29 47.97
C SER A 1330 3.60 3.95 48.66
N TYR A 1331 2.77 3.81 49.69
CA TYR A 1331 2.57 2.53 50.35
C TYR A 1331 1.23 1.96 49.89
N PRO A 1332 1.22 0.93 49.05
CA PRO A 1332 -0.01 0.57 48.33
C PRO A 1332 -1.09 0.02 49.24
N ILE A 1333 -2.33 0.35 48.89
CA ILE A 1333 -3.52 -0.13 49.58
C ILE A 1333 -4.45 -0.75 48.54
N SER A 1334 -4.99 -1.93 48.85
CA SER A 1334 -5.90 -2.59 47.94
C SER A 1334 -7.18 -1.77 47.77
N MET A 1335 -7.63 -1.61 46.52
CA MET A 1335 -8.79 -0.81 46.22
C MET A 1335 -9.66 -1.53 45.20
N ASN A 1336 -10.96 -1.23 45.23
CA ASN A 1336 -11.93 -1.82 44.31
C ASN A 1336 -12.75 -0.69 43.70
N ILE A 1337 -12.33 -0.22 42.52
CA ILE A 1337 -13.05 0.84 41.83
C ILE A 1337 -14.21 0.23 41.05
N ASN A 1338 -15.43 0.67 41.36
CA ASN A 1338 -16.62 0.23 40.65
C ASN A 1338 -16.83 1.17 39.46
N LEU A 1339 -16.41 0.72 38.27
CA LEU A 1339 -16.55 1.53 37.07
C LEU A 1339 -18.01 1.73 36.72
N SER A 1340 -18.48 2.98 36.78
CA SER A 1340 -19.84 3.31 36.38
C SER A 1340 -19.85 3.70 34.90
N LYS A 1341 -20.94 4.29 34.44
CA LYS A 1341 -21.05 4.72 33.06
C LYS A 1341 -20.68 6.19 32.94
N ASP A 1342 -19.88 6.51 31.93
CA ASP A 1342 -19.39 7.85 31.63
C ASP A 1342 -18.92 8.58 32.89
N ASP A 1343 -17.89 8.01 33.52
CA ASP A 1343 -17.24 8.62 34.66
C ASP A 1343 -15.75 8.81 34.37
N LEU A 1344 -15.16 9.81 35.02
CA LEU A 1344 -13.76 10.15 34.84
C LEU A 1344 -13.00 9.80 36.11
N TRP A 1345 -11.97 8.98 35.99
CA TRP A 1345 -11.18 8.53 37.11
C TRP A 1345 -9.76 9.06 36.97
N ILE A 1346 -9.28 9.73 38.02
CA ILE A 1346 -7.95 10.31 38.05
C ILE A 1346 -7.19 9.71 39.23
N PHE A 1347 -5.98 9.23 38.98
CA PHE A 1347 -5.14 8.64 40.01
C PHE A 1347 -3.81 9.39 40.04
N ASN A 1348 -3.69 10.33 40.96
CA ASN A 1348 -2.45 11.10 41.10
C ASN A 1348 -1.34 10.16 41.60
N ILE A 1349 -0.36 9.89 40.75
CA ILE A 1349 0.68 8.93 41.06
C ILE A 1349 1.95 9.65 41.51
N ASP A 1350 1.78 10.85 42.08
CA ASP A 1350 2.93 11.64 42.51
C ASP A 1350 3.76 10.89 43.54
N ASN A 1351 3.11 10.29 44.53
CA ASN A 1351 3.84 9.55 45.55
C ASN A 1351 4.36 8.21 45.04
N GLU A 1352 3.69 7.63 44.05
CA GLU A 1352 4.08 6.31 43.55
C GLU A 1352 5.25 6.34 42.59
N VAL A 1353 5.68 7.53 42.14
CA VAL A 1353 6.79 7.64 41.20
C VAL A 1353 7.96 8.45 41.75
N ARG A 1354 7.81 9.08 42.91
CA ARG A 1354 8.86 9.90 43.50
C ARG A 1354 9.39 9.24 44.76
N GLU A 1355 10.70 9.39 45.00
CA GLU A 1355 11.33 8.89 46.21
C GLU A 1355 10.64 9.48 47.43
N ILE A 1356 9.97 8.65 48.21
CA ILE A 1356 9.24 9.11 49.38
C ILE A 1356 10.17 9.09 50.59
N SER A 1357 10.14 10.16 51.36
CA SER A 1357 10.87 10.25 52.62
C SER A 1357 9.91 10.66 53.71
N ILE A 1358 10.04 10.03 54.87
CA ILE A 1358 9.16 10.29 56.00
C ILE A 1358 9.97 11.01 57.08
N GLU A 1359 9.59 12.25 57.37
CA GLU A 1359 10.25 12.99 58.44
C GLU A 1359 9.27 13.95 59.06
N ASN A 1360 9.37 14.10 60.39
CA ASN A 1360 8.43 14.88 61.19
C ASN A 1360 7.00 14.35 61.03
N GLY A 1361 6.87 13.07 60.73
CA GLY A 1361 5.57 12.49 60.44
C GLY A 1361 4.94 12.98 59.16
N THR A 1362 5.75 13.48 58.23
CA THR A 1362 5.24 14.07 57.00
C THR A 1362 5.99 13.48 55.81
N ILE A 1363 5.29 13.39 54.68
CA ILE A 1363 5.82 12.81 53.46
C ILE A 1363 6.46 13.91 52.62
N LYS A 1364 7.67 13.65 52.14
CA LYS A 1364 8.36 14.53 51.20
C LYS A 1364 8.73 13.73 49.96
N LYS A 1365 8.44 14.29 48.80
CA LYS A 1365 8.68 13.62 47.53
C LYS A 1365 10.04 14.03 46.99
N GLY A 1366 10.88 13.05 46.69
CA GLY A 1366 12.21 13.32 46.18
C GLY A 1366 12.34 13.10 44.70
N ASN A 1367 13.40 12.41 44.29
CA ASN A 1367 13.65 12.12 42.89
C ASN A 1367 12.70 11.03 42.39
N LEU A 1368 12.62 10.90 41.07
CA LEU A 1368 11.77 9.90 40.46
C LEU A 1368 12.48 8.54 40.46
N ILE A 1369 11.74 7.48 40.81
CA ILE A 1369 12.31 6.14 40.76
C ILE A 1369 12.56 5.75 39.32
N GLU A 1370 13.76 5.25 39.03
CA GLU A 1370 14.09 4.84 37.68
C GLU A 1370 13.25 3.63 37.28
N ASP A 1371 12.64 3.70 36.09
CA ASP A 1371 11.84 2.63 35.53
C ASP A 1371 10.69 2.22 36.45
N VAL A 1372 10.14 3.19 37.19
CA VAL A 1372 9.00 2.89 38.05
C VAL A 1372 7.76 2.56 37.21
N LEU A 1373 7.61 3.22 36.07
CA LEU A 1373 6.50 2.98 35.15
C LEU A 1373 6.95 2.24 33.89
N SER A 1374 8.05 1.50 33.98
CA SER A 1374 8.55 0.78 32.81
C SER A 1374 7.54 -0.27 32.34
N LYS A 1375 6.95 -1.00 33.27
CA LYS A 1375 5.96 -2.03 32.96
C LYS A 1375 4.71 -1.78 33.80
N ILE A 1376 3.62 -1.43 33.15
CA ILE A 1376 2.34 -1.17 33.82
C ILE A 1376 1.38 -2.29 33.43
N ASP A 1377 0.80 -2.95 34.44
CA ASP A 1377 -0.24 -3.93 34.21
C ASP A 1377 -1.53 -3.18 33.92
N ILE A 1378 -1.98 -3.23 32.67
CA ILE A 1378 -3.13 -2.44 32.24
C ILE A 1378 -4.25 -3.41 31.88
N ASN A 1379 -4.32 -4.52 32.61
CA ASN A 1379 -5.38 -5.50 32.38
C ASN A 1379 -6.74 -4.83 32.55
N LYS A 1380 -7.70 -5.27 31.73
CA LYS A 1380 -9.02 -4.62 31.71
C LYS A 1380 -9.78 -4.79 33.01
N ASN A 1381 -9.31 -5.65 33.92
CA ASN A 1381 -9.96 -5.84 35.21
C ASN A 1381 -9.22 -5.16 36.36
N LYS A 1382 -7.90 -4.99 36.27
CA LYS A 1382 -7.14 -4.35 37.33
C LYS A 1382 -5.90 -3.71 36.74
N LEU A 1383 -5.42 -2.67 37.43
CA LEU A 1383 -4.28 -1.87 37.00
C LEU A 1383 -3.23 -1.89 38.09
N ILE A 1384 -2.07 -2.48 37.80
CA ILE A 1384 -0.93 -2.46 38.70
C ILE A 1384 0.09 -1.49 38.12
N ILE A 1385 0.45 -0.46 38.89
CA ILE A 1385 1.22 0.62 38.30
C ILE A 1385 2.70 0.48 38.58
N GLY A 1386 3.12 0.67 39.83
CA GLY A 1386 4.46 0.27 40.21
C GLY A 1386 4.49 -0.68 41.38
N ASN A 1387 3.59 -0.43 42.34
CA ASN A 1387 3.35 -1.35 43.44
C ASN A 1387 1.88 -1.37 43.86
N GLN A 1388 1.02 -0.62 43.16
CA GLN A 1388 -0.38 -0.45 43.55
C GLN A 1388 -1.26 -1.17 42.54
N THR A 1389 -2.18 -1.98 43.05
CA THR A 1389 -3.09 -2.80 42.25
C THR A 1389 -4.51 -2.32 42.49
N ILE A 1390 -5.00 -1.47 41.58
CA ILE A 1390 -6.37 -0.99 41.62
C ILE A 1390 -7.26 -2.04 40.95
N ASP A 1391 -8.29 -2.50 41.66
CA ASP A 1391 -9.21 -3.49 41.11
C ASP A 1391 -10.41 -2.77 40.51
N PHE A 1392 -10.63 -2.99 39.21
CA PHE A 1392 -11.74 -2.39 38.48
C PHE A 1392 -12.80 -3.45 38.24
N SER A 1393 -13.88 -3.39 39.01
CA SER A 1393 -14.98 -4.34 38.87
C SER A 1393 -16.27 -3.56 38.68
N GLY A 1394 -16.98 -3.84 37.60
CA GLY A 1394 -18.21 -3.13 37.28
C GLY A 1394 -18.45 -3.06 35.78
N ASP A 1395 -18.66 -1.85 35.27
CA ASP A 1395 -18.85 -1.65 33.83
C ASP A 1395 -17.51 -1.64 33.12
N ILE A 1396 -16.78 -2.76 33.28
CA ILE A 1396 -15.45 -2.90 32.66
C ILE A 1396 -15.54 -3.24 31.18
N ASP A 1397 -16.75 -3.36 30.63
CA ASP A 1397 -16.92 -3.65 29.22
C ASP A 1397 -16.93 -2.40 28.34
N ASN A 1398 -16.92 -1.21 28.95
CA ASN A 1398 -16.96 0.02 28.18
C ASN A 1398 -15.70 0.17 27.35
N LYS A 1399 -15.85 0.17 26.03
CA LYS A 1399 -14.72 0.31 25.12
C LYS A 1399 -14.22 1.74 25.01
N ASP A 1400 -14.97 2.72 25.53
CA ASP A 1400 -14.57 4.13 25.46
C ASP A 1400 -14.08 4.64 26.80
N ARG A 1401 -13.69 3.75 27.70
CA ARG A 1401 -13.22 4.15 29.02
C ARG A 1401 -11.83 4.76 28.93
N TYR A 1402 -11.57 5.76 29.76
CA TYR A 1402 -10.25 6.37 29.87
C TYR A 1402 -10.00 6.75 31.32
N ILE A 1403 -9.01 6.13 31.92
CA ILE A 1403 -8.53 6.50 33.25
C ILE A 1403 -7.29 7.37 33.07
N PHE A 1404 -7.00 8.21 34.06
CA PHE A 1404 -5.89 9.14 33.97
C PHE A 1404 -5.04 9.07 35.22
N LEU A 1405 -3.72 8.98 35.04
CA LEU A 1405 -2.76 8.99 36.12
C LEU A 1405 -1.92 10.27 36.01
N THR A 1406 -1.97 11.11 37.03
CA THR A 1406 -1.33 12.41 36.99
C THR A 1406 -0.11 12.43 37.89
N CYS A 1407 1.01 12.91 37.37
CA CYS A 1407 2.21 13.14 38.17
C CYS A 1407 2.79 14.50 37.82
N GLU A 1408 3.15 15.26 38.85
CA GLU A 1408 3.68 16.61 38.67
C GLU A 1408 5.18 16.49 38.40
N LEU A 1409 5.55 16.51 37.12
CA LEU A 1409 6.97 16.47 36.77
C LEU A 1409 7.71 17.70 37.29
N ASP A 1410 7.09 18.88 37.14
CA ASP A 1410 7.68 20.11 37.63
C ASP A 1410 6.64 20.92 38.41
N ASP A 1411 6.99 22.14 38.80
CA ASP A 1411 6.02 23.00 39.46
C ASP A 1411 4.90 23.43 38.50
N LYS A 1412 5.15 23.40 37.20
CA LYS A 1412 4.17 23.80 36.20
C LYS A 1412 3.80 22.68 35.23
N ILE A 1413 4.77 21.89 34.80
CA ILE A 1413 4.47 20.80 33.88
C ILE A 1413 3.77 19.67 34.63
N SER A 1414 2.69 19.16 34.05
CA SER A 1414 1.98 18.01 34.58
C SER A 1414 1.97 16.91 33.53
N LEU A 1415 2.32 15.70 33.94
CA LEU A 1415 2.31 14.55 33.06
C LEU A 1415 1.08 13.70 33.33
N ILE A 1416 0.32 13.41 32.28
CA ILE A 1416 -0.95 12.71 32.37
C ILE A 1416 -0.85 11.44 31.53
N ILE A 1417 -0.93 10.28 32.19
CA ILE A 1417 -0.95 9.00 31.51
C ILE A 1417 -2.41 8.63 31.30
N GLU A 1418 -2.87 8.70 30.06
CA GLU A 1418 -4.24 8.36 29.70
C GLU A 1418 -4.27 6.89 29.28
N ILE A 1419 -5.01 6.07 30.01
CA ILE A 1419 -5.02 4.63 29.80
C ILE A 1419 -6.43 4.19 29.42
N ASN A 1420 -6.50 3.26 28.47
CA ASN A 1420 -7.71 2.53 28.15
C ASN A 1420 -7.53 1.10 28.62
N LEU A 1421 -8.39 0.67 29.55
CA LEU A 1421 -8.22 -0.64 30.17
C LEU A 1421 -8.62 -1.77 29.23
N VAL A 1422 -9.73 -1.61 28.50
CA VAL A 1422 -10.19 -2.67 27.62
C VAL A 1422 -9.18 -2.91 26.50
N ALA A 1423 -8.54 -1.85 26.02
CA ALA A 1423 -7.46 -2.00 25.05
C ALA A 1423 -6.11 -2.21 25.69
N LYS A 1424 -6.00 -2.03 27.02
CA LYS A 1424 -4.74 -2.17 27.74
C LYS A 1424 -3.65 -1.29 27.13
N SER A 1425 -4.00 -0.03 26.87
CA SER A 1425 -3.10 0.89 26.20
C SER A 1425 -2.96 2.16 27.03
N TYR A 1426 -1.86 2.88 26.80
CA TYR A 1426 -1.63 4.13 27.51
C TYR A 1426 -0.91 5.11 26.60
N SER A 1427 -1.12 6.40 26.88
CA SER A 1427 -0.52 7.49 26.13
C SER A 1427 -0.13 8.59 27.11
N LEU A 1428 0.73 9.50 26.67
CA LEU A 1428 1.29 10.54 27.52
C LEU A 1428 0.85 11.91 27.08
N LEU A 1429 0.51 12.75 28.05
CA LEU A 1429 0.17 14.16 27.87
C LEU A 1429 1.10 15.00 28.73
N LEU A 1430 1.59 16.11 28.18
CA LEU A 1430 2.52 16.99 28.89
C LEU A 1430 1.93 18.38 28.93
N SER A 1431 1.06 18.64 29.91
CA SER A 1431 0.44 19.95 30.03
C SER A 1431 1.45 20.96 30.60
N GLY A 1432 0.97 22.17 30.83
CA GLY A 1432 1.80 23.26 31.31
C GLY A 1432 2.01 24.34 30.25
N ASP A 1433 2.59 25.44 30.70
CA ASP A 1433 2.83 26.58 29.82
C ASP A 1433 3.76 26.19 28.68
N LYS A 1434 3.41 26.60 27.46
CA LYS A 1434 4.19 26.18 26.30
C LYS A 1434 5.57 26.83 26.27
N ASN A 1435 5.66 28.09 26.69
CA ASN A 1435 6.97 28.75 26.76
C ASN A 1435 7.85 28.07 27.80
N TYR A 1436 7.31 27.82 28.99
CA TYR A 1436 8.07 27.14 30.03
C TYR A 1436 8.44 25.72 29.61
N LEU A 1437 7.50 25.00 28.99
CA LEU A 1437 7.79 23.64 28.56
C LEU A 1437 8.88 23.60 27.50
N ILE A 1438 8.81 24.50 26.52
CA ILE A 1438 9.82 24.54 25.47
C ILE A 1438 11.18 24.96 26.02
N SER A 1439 11.19 25.86 27.00
CA SER A 1439 12.46 26.34 27.56
C SER A 1439 13.26 25.20 28.17
N ASN A 1440 12.60 24.30 28.91
CA ASN A 1440 13.26 23.19 29.57
C ASN A 1440 12.62 21.87 29.17
N LEU A 1441 12.44 21.66 27.86
CA LEU A 1441 11.88 20.41 27.39
C LEU A 1441 12.81 19.23 27.63
N SER A 1442 14.13 19.46 27.58
CA SER A 1442 15.07 18.36 27.77
C SER A 1442 14.95 17.77 29.17
N ASN A 1443 14.79 18.63 30.18
CA ASN A 1443 14.61 18.14 31.54
C ASN A 1443 13.34 17.30 31.66
N THR A 1444 12.25 17.76 31.04
CA THR A 1444 11.00 16.99 31.09
C THR A 1444 11.16 15.64 30.39
N ILE A 1445 11.83 15.62 29.23
CA ILE A 1445 12.01 14.37 28.50
C ILE A 1445 12.87 13.40 29.29
N GLU A 1446 13.95 13.89 29.91
CA GLU A 1446 14.79 13.00 30.71
C GLU A 1446 14.06 12.52 31.95
N LYS A 1447 13.20 13.35 32.54
CA LYS A 1447 12.38 12.89 33.66
C LYS A 1447 11.44 11.78 33.23
N ILE A 1448 10.82 11.92 32.06
CA ILE A 1448 9.93 10.88 31.56
C ILE A 1448 10.70 9.61 31.26
N ASN A 1449 11.89 9.73 30.67
CA ASN A 1449 12.72 8.57 30.41
C ASN A 1449 13.12 7.88 31.72
N THR A 1450 13.39 8.68 32.77
CA THR A 1450 13.67 8.11 34.07
C THR A 1450 12.47 7.35 34.61
N LEU A 1451 11.26 7.88 34.41
CA LEU A 1451 10.06 7.16 34.83
C LEU A 1451 9.92 5.83 34.12
N GLY A 1452 10.47 5.71 32.91
CA GLY A 1452 10.46 4.46 32.18
C GLY A 1452 9.37 4.31 31.16
N LEU A 1453 8.58 5.35 30.90
CA LEU A 1453 7.52 5.26 29.91
C LEU A 1453 8.11 5.17 28.51
N ASP A 1454 7.62 4.21 27.73
CA ASP A 1454 8.16 3.93 26.41
C ASP A 1454 7.35 4.56 25.29
N SER A 1455 6.38 5.40 25.62
CA SER A 1455 5.59 6.09 24.60
C SER A 1455 6.47 7.06 23.83
N LYS A 1456 6.71 6.78 22.55
CA LYS A 1456 7.64 7.56 21.76
C LYS A 1456 7.12 8.95 21.42
N ASN A 1457 5.84 9.21 21.59
CA ASN A 1457 5.26 10.52 21.29
C ASN A 1457 4.38 10.96 22.46
N ILE A 1458 4.33 12.26 22.68
CA ILE A 1458 3.59 12.85 23.79
C ILE A 1458 2.67 13.92 23.22
N ALA A 1459 1.45 13.99 23.72
CA ALA A 1459 0.53 15.03 23.31
C ALA A 1459 0.64 16.23 24.26
N TYR A 1460 0.00 17.33 23.87
CA TYR A 1460 0.07 18.57 24.62
C TYR A 1460 -1.26 19.28 24.47
N ASN A 1461 -1.93 19.54 25.59
CA ASN A 1461 -3.29 20.06 25.58
C ASN A 1461 -3.45 21.19 26.60
N TYR A 1462 -2.54 22.15 26.58
CA TYR A 1462 -2.59 23.23 27.57
C TYR A 1462 -3.85 24.08 27.41
N THR A 1463 -4.40 24.51 28.55
CA THR A 1463 -5.47 25.50 28.59
C THR A 1463 -5.08 26.53 29.64
N ASP A 1464 -4.70 27.73 29.19
CA ASP A 1464 -4.14 28.73 30.10
C ASP A 1464 -5.27 29.38 30.90
N GLU A 1465 -4.93 30.43 31.66
CA GLU A 1465 -5.93 31.09 32.49
C GLU A 1465 -6.96 31.84 31.64
N SER A 1466 -6.53 32.44 30.54
CA SER A 1466 -7.44 33.18 29.67
C SER A 1466 -7.97 32.31 28.54
N ASN A 1467 -8.43 31.11 28.90
CA ASN A 1467 -9.08 30.16 27.99
C ASN A 1467 -8.38 30.01 26.64
N ASN A 1468 -7.06 30.15 26.61
CA ASN A 1468 -6.29 29.90 25.40
C ASN A 1468 -5.88 28.44 25.39
N LYS A 1469 -6.26 27.73 24.33
CA LYS A 1469 -6.00 26.29 24.21
C LYS A 1469 -4.82 26.09 23.27
N TYR A 1470 -3.69 25.68 23.83
CA TYR A 1470 -2.50 25.34 23.06
C TYR A 1470 -2.46 23.82 22.93
N PHE A 1471 -2.80 23.32 21.75
CA PHE A 1471 -2.63 21.90 21.48
C PHE A 1471 -1.30 21.68 20.79
N GLY A 1472 -0.90 20.43 20.70
CA GLY A 1472 0.32 20.11 19.99
C GLY A 1472 0.86 18.75 20.37
N ALA A 1473 2.06 18.48 19.87
CA ALA A 1473 2.72 17.21 20.11
C ALA A 1473 4.22 17.42 20.32
N ILE A 1474 4.83 16.45 21.01
CA ILE A 1474 6.25 16.43 21.30
C ILE A 1474 6.78 15.04 20.96
N SER A 1475 7.91 14.99 20.28
CA SER A 1475 8.59 13.72 20.02
C SER A 1475 9.56 13.44 21.15
N LYS A 1476 9.46 12.24 21.73
CA LYS A 1476 10.35 11.88 22.84
C LYS A 1476 11.80 11.88 22.40
N THR A 1477 12.07 11.38 21.19
CA THR A 1477 13.40 11.46 20.59
C THR A 1477 13.46 12.68 19.69
N SER A 1478 14.64 13.32 19.65
CA SER A 1478 14.92 14.51 18.84
C SER A 1478 14.23 15.74 19.41
N GLN A 1479 13.37 15.54 20.42
CA GLN A 1479 12.78 16.62 21.20
C GLN A 1479 12.10 17.69 20.33
N LYS A 1480 11.64 17.30 19.15
CA LYS A 1480 10.87 18.22 18.33
C LYS A 1480 9.47 18.39 18.90
N SER A 1481 8.82 19.49 18.53
CA SER A 1481 7.48 19.74 19.05
C SER A 1481 6.74 20.71 18.13
N ILE A 1482 5.44 20.50 17.99
CA ILE A 1482 4.56 21.42 17.28
C ILE A 1482 3.49 21.91 18.25
N ILE A 1483 3.30 23.23 18.31
CA ILE A 1483 2.30 23.84 19.17
C ILE A 1483 1.39 24.68 18.27
N HIS A 1484 0.12 24.32 18.21
CA HIS A 1484 -0.89 25.06 17.47
C HIS A 1484 -1.92 25.61 18.44
N TYR A 1485 -2.30 26.87 18.26
CA TYR A 1485 -3.30 27.49 19.11
C TYR A 1485 -3.94 28.64 18.37
N LYS A 1486 -4.85 29.32 19.04
CA LYS A 1486 -5.59 30.45 18.48
C LYS A 1486 -5.49 31.64 19.43
N LYS A 1487 -5.33 32.82 18.84
CA LYS A 1487 -5.26 34.07 19.65
C LYS A 1487 -5.84 35.20 18.81
N ASP A 1488 -6.98 35.76 19.22
CA ASP A 1488 -7.67 36.83 18.45
C ASP A 1488 -8.07 36.29 17.08
N SER A 1489 -8.88 35.22 17.04
CA SER A 1489 -9.36 34.63 15.76
C SER A 1489 -8.20 34.42 14.78
N LYS A 1490 -7.00 34.14 15.28
CA LYS A 1490 -5.85 33.90 14.42
C LYS A 1490 -5.21 32.57 14.81
N ASN A 1491 -4.89 31.76 13.81
CA ASN A 1491 -4.29 30.44 14.04
C ASN A 1491 -2.78 30.57 14.01
N ILE A 1492 -2.12 30.23 15.12
CA ILE A 1492 -0.68 30.33 15.24
C ILE A 1492 -0.11 28.92 15.41
N LEU A 1493 0.88 28.57 14.61
CA LEU A 1493 1.61 27.33 14.81
C LEU A 1493 3.10 27.61 14.95
N GLU A 1494 3.73 26.89 15.87
CA GLU A 1494 5.15 27.05 16.15
C GLU A 1494 5.78 25.67 16.22
N PHE A 1495 6.85 25.47 15.45
CA PHE A 1495 7.61 24.23 15.42
C PHE A 1495 8.95 24.48 16.09
N TYR A 1496 9.18 23.84 17.23
CA TYR A 1496 10.40 23.96 18.00
C TYR A 1496 11.23 22.71 17.82
N ASN A 1497 12.53 22.88 17.60
CA ASN A 1497 13.49 21.78 17.63
C ASN A 1497 14.24 21.87 18.95
N GLY A 1498 14.17 20.81 19.76
CA GLY A 1498 14.71 20.82 21.12
C GLY A 1498 14.06 21.96 21.91
N SER A 1499 14.73 23.11 21.96
CA SER A 1499 14.20 24.28 22.65
C SER A 1499 14.18 25.53 21.78
N THR A 1500 14.61 25.45 20.53
CA THR A 1500 14.69 26.61 19.65
C THR A 1500 13.56 26.56 18.64
N LEU A 1501 12.90 27.71 18.44
CA LEU A 1501 11.82 27.82 17.47
C LEU A 1501 12.39 27.81 16.06
N GLU A 1502 12.17 26.72 15.34
CA GLU A 1502 12.61 26.63 13.95
C GLU A 1502 11.49 26.91 12.95
N PHE A 1503 10.28 27.18 13.41
CA PHE A 1503 9.23 27.58 12.48
C PHE A 1503 8.15 28.30 13.26
N ASN A 1504 7.57 29.33 12.65
CA ASN A 1504 6.48 30.06 13.29
C ASN A 1504 5.63 30.71 12.22
N SER A 1505 4.37 30.30 12.13
CA SER A 1505 3.37 30.97 11.31
C SER A 1505 2.35 31.58 12.25
N LYS A 1506 2.33 32.91 12.33
CA LYS A 1506 1.45 33.61 13.26
C LYS A 1506 0.03 33.77 12.76
N ASP A 1507 -0.22 33.52 11.47
CA ASP A 1507 -1.58 33.57 10.92
C ASP A 1507 -1.71 32.39 9.96
N PHE A 1508 -2.15 31.24 10.48
CA PHE A 1508 -2.33 30.04 9.69
C PHE A 1508 -3.73 30.09 9.08
N ILE A 1509 -3.81 30.45 7.81
CA ILE A 1509 -5.09 30.67 7.15
C ILE A 1509 -5.63 29.35 6.64
N ALA A 1510 -6.33 28.60 7.50
CA ALA A 1510 -6.89 27.32 7.11
C ALA A 1510 -7.86 26.86 8.20
N GLU A 1511 -8.96 26.25 7.77
CA GLU A 1511 -9.97 25.73 8.67
C GLU A 1511 -9.80 24.22 8.82
N ASP A 1512 -10.35 23.69 9.92
CA ASP A 1512 -10.27 22.27 10.25
C ASP A 1512 -8.81 21.81 10.31
N ILE A 1513 -8.06 22.43 11.21
CA ILE A 1513 -6.66 22.07 11.43
C ILE A 1513 -6.61 20.84 12.32
N ASN A 1514 -5.76 19.88 11.95
CA ASN A 1514 -5.58 18.68 12.75
C ASN A 1514 -4.16 18.17 12.54
N VAL A 1515 -3.40 18.08 13.62
CA VAL A 1515 -1.99 17.73 13.53
C VAL A 1515 -1.78 16.35 14.15
N PHE A 1516 -0.80 15.62 13.62
CA PHE A 1516 -0.42 14.33 14.18
C PHE A 1516 1.01 14.01 13.77
N MET A 1517 1.70 13.24 14.62
CA MET A 1517 3.09 12.89 14.38
C MET A 1517 3.24 11.39 14.24
N LYS A 1518 3.93 10.97 13.19
CA LYS A 1518 4.39 9.59 13.05
C LYS A 1518 5.83 9.52 13.54
N ASP A 1519 6.05 8.86 14.68
CA ASP A 1519 7.36 8.76 15.29
C ASP A 1519 7.95 10.15 15.51
N ASP A 1520 8.81 10.60 14.60
CA ASP A 1520 9.40 11.94 14.66
C ASP A 1520 8.84 12.90 13.63
N ILE A 1521 8.39 12.39 12.48
CA ILE A 1521 7.82 13.26 11.46
C ILE A 1521 6.49 13.80 11.94
N ASN A 1522 6.18 15.04 11.55
CA ASN A 1522 4.94 15.69 11.95
C ASN A 1522 4.18 16.13 10.70
N THR A 1523 2.85 16.11 10.79
CA THR A 1523 2.01 16.49 9.68
C THR A 1523 0.79 17.26 10.19
N ILE A 1524 0.48 18.34 9.49
CA ILE A 1524 -0.71 19.15 9.75
C ILE A 1524 -1.63 19.00 8.55
N THR A 1525 -2.87 18.59 8.79
CA THR A 1525 -3.88 18.46 7.76
C THR A 1525 -4.92 19.55 7.98
N GLY A 1526 -5.14 20.37 6.96
CA GLY A 1526 -6.07 21.47 7.06
C GLY A 1526 -6.74 21.74 5.73
N LYS A 1527 -7.57 22.78 5.71
CA LYS A 1527 -8.36 23.16 4.54
C LYS A 1527 -8.07 24.61 4.21
N TYR A 1528 -7.06 24.84 3.38
CA TYR A 1528 -6.79 26.18 2.90
C TYR A 1528 -7.83 26.59 1.86
N TYR A 1529 -8.05 27.90 1.75
CA TYR A 1529 -8.98 28.44 0.77
C TYR A 1529 -8.21 29.32 -0.20
N VAL A 1530 -8.34 29.03 -1.49
CA VAL A 1530 -7.56 29.73 -2.51
C VAL A 1530 -8.10 31.15 -2.68
N ASP A 1531 -7.26 32.13 -2.36
CA ASP A 1531 -7.59 33.55 -2.54
C ASP A 1531 -8.86 33.90 -1.78
N ASN A 1532 -9.03 33.33 -0.58
CA ASN A 1532 -10.17 33.59 0.28
C ASN A 1532 -11.49 33.33 -0.44
N ASN A 1533 -11.51 32.25 -1.23
CA ASN A 1533 -12.70 31.83 -1.95
C ASN A 1533 -13.22 30.54 -1.32
N THR A 1534 -14.43 30.59 -0.77
CA THR A 1534 -15.02 29.40 -0.16
C THR A 1534 -15.28 28.30 -1.17
N ASP A 1535 -15.49 28.64 -2.43
CA ASP A 1535 -15.66 27.63 -3.47
C ASP A 1535 -14.34 26.96 -3.83
N LYS A 1536 -13.23 27.70 -3.78
CA LYS A 1536 -11.92 27.16 -4.10
C LYS A 1536 -11.26 26.67 -2.82
N SER A 1537 -11.52 25.40 -2.48
CA SER A 1537 -11.03 24.79 -1.27
C SER A 1537 -9.98 23.74 -1.59
N ILE A 1538 -8.82 23.84 -0.95
CA ILE A 1538 -7.73 22.89 -1.14
C ILE A 1538 -7.36 22.30 0.22
N ASP A 1539 -7.46 20.99 0.34
CA ASP A 1539 -7.02 20.31 1.55
C ASP A 1539 -5.54 20.03 1.45
N PHE A 1540 -4.82 20.20 2.56
CA PHE A 1540 -3.38 20.03 2.56
C PHE A 1540 -2.95 19.18 3.74
N SER A 1541 -1.86 18.45 3.55
CA SER A 1541 -1.15 17.75 4.61
C SER A 1541 0.32 18.08 4.44
N ILE A 1542 0.90 18.78 5.42
CA ILE A 1542 2.21 19.38 5.30
C ILE A 1542 3.07 18.98 6.49
N SER A 1543 4.39 19.05 6.29
CA SER A 1543 5.37 18.75 7.32
C SER A 1543 6.32 19.93 7.48
N LEU A 1544 6.44 20.44 8.70
CA LEU A 1544 7.31 21.58 8.97
C LEU A 1544 8.73 21.08 9.22
N VAL A 1545 9.69 21.60 8.45
CA VAL A 1545 11.09 21.18 8.54
C VAL A 1545 11.93 22.45 8.59
N SER A 1546 12.39 22.80 9.79
CA SER A 1546 13.32 23.92 9.99
C SER A 1546 12.75 25.24 9.51
N LYS A 1547 13.63 26.23 9.33
CA LYS A 1547 13.19 27.57 8.97
C LYS A 1547 12.71 27.63 7.52
N ASN A 1548 11.59 28.34 7.31
CA ASN A 1548 11.01 28.63 6.01
C ASN A 1548 11.06 27.45 5.05
N GLN A 1549 10.80 26.24 5.56
CA GLN A 1549 10.81 25.05 4.73
C GLN A 1549 9.72 24.11 5.22
N VAL A 1550 8.76 23.81 4.35
CA VAL A 1550 7.63 22.95 4.69
C VAL A 1550 7.55 21.84 3.66
N LYS A 1551 7.41 20.60 4.14
CA LYS A 1551 7.29 19.45 3.25
C LYS A 1551 5.82 19.15 3.01
N VAL A 1552 5.37 19.30 1.76
CA VAL A 1552 3.99 19.05 1.41
C VAL A 1552 3.81 17.56 1.22
N ASN A 1553 3.17 16.91 2.19
CA ASN A 1553 2.95 15.46 2.09
C ASN A 1553 1.82 15.13 1.14
N GLY A 1554 0.78 15.94 1.11
CA GLY A 1554 -0.38 15.64 0.28
C GLY A 1554 -1.23 16.85 0.01
N LEU A 1555 -1.91 16.83 -1.14
CA LEU A 1555 -2.86 17.86 -1.51
C LEU A 1555 -4.13 17.20 -2.04
N TYR A 1556 -5.26 17.85 -1.79
CA TYR A 1556 -6.55 17.42 -2.32
C TYR A 1556 -7.25 18.64 -2.90
N LEU A 1557 -7.72 18.53 -4.13
CA LEU A 1557 -8.35 19.64 -4.84
C LEU A 1557 -9.82 19.32 -5.06
N ASN A 1558 -10.68 20.29 -4.75
CA ASN A 1558 -12.09 20.15 -5.09
C ASN A 1558 -12.26 20.37 -6.58
N GLU A 1559 -13.52 20.41 -7.05
CA GLU A 1559 -13.76 20.51 -8.48
C GLU A 1559 -13.19 21.81 -9.05
N SER A 1560 -13.38 22.93 -8.36
CA SER A 1560 -12.90 24.21 -8.87
C SER A 1560 -11.38 24.30 -8.83
N VAL A 1561 -10.78 23.92 -7.71
CA VAL A 1561 -9.32 23.99 -7.59
C VAL A 1561 -8.68 22.99 -8.54
N TYR A 1562 -9.28 21.81 -8.71
CA TYR A 1562 -8.72 20.85 -9.65
C TYR A 1562 -8.88 21.32 -11.09
N SER A 1563 -9.97 22.02 -11.41
CA SER A 1563 -10.11 22.60 -12.74
C SER A 1563 -9.03 23.65 -12.99
N SER A 1564 -8.77 24.49 -12.00
CA SER A 1564 -7.70 25.48 -12.13
C SER A 1564 -6.34 24.79 -12.27
N TYR A 1565 -6.13 23.71 -11.51
CA TYR A 1565 -4.88 22.97 -11.61
C TYR A 1565 -4.72 22.36 -12.99
N LEU A 1566 -5.80 21.81 -13.56
CA LEU A 1566 -5.73 21.25 -14.90
C LEU A 1566 -5.44 22.32 -15.93
N ASP A 1567 -6.04 23.51 -15.77
CA ASP A 1567 -5.73 24.62 -16.66
C ASP A 1567 -4.25 25.00 -16.55
N PHE A 1568 -3.72 25.03 -15.33
CA PHE A 1568 -2.30 25.33 -15.15
C PHE A 1568 -1.42 24.27 -15.79
N VAL A 1569 -1.79 22.99 -15.64
CA VAL A 1569 -0.99 21.91 -16.20
C VAL A 1569 -0.98 22.00 -17.73
N LYS A 1570 -2.15 22.20 -18.33
CA LYS A 1570 -2.23 22.30 -19.78
C LYS A 1570 -1.49 23.54 -20.29
N ASN A 1571 -1.65 24.67 -19.61
CA ASN A 1571 -0.96 25.89 -20.02
C ASN A 1571 0.53 25.83 -19.80
N SER A 1572 1.02 24.86 -19.04
CA SER A 1572 2.46 24.67 -18.91
C SER A 1572 3.05 24.17 -20.23
N ASP A 1573 4.36 24.36 -20.37
CA ASP A 1573 5.07 24.05 -21.61
C ASP A 1573 5.84 22.74 -21.49
N GLY A 1574 5.23 21.74 -20.86
CA GLY A 1574 5.87 20.48 -20.59
C GLY A 1574 6.34 20.32 -19.16
N HIS A 1575 6.39 21.40 -18.40
CA HIS A 1575 6.75 21.34 -16.99
C HIS A 1575 5.54 20.86 -16.19
N HIS A 1576 5.22 19.56 -16.28
CA HIS A 1576 4.00 19.05 -15.66
C HIS A 1576 4.17 17.75 -14.91
N ASN A 1577 5.37 17.19 -14.83
CA ASN A 1577 5.56 15.90 -14.17
C ASN A 1577 6.69 15.86 -13.16
N THR A 1578 7.65 16.77 -13.22
CA THR A 1578 8.70 16.79 -12.20
C THR A 1578 8.17 17.35 -10.89
N SER A 1579 8.94 17.13 -9.81
CA SER A 1579 8.49 17.58 -8.50
C SER A 1579 8.45 19.10 -8.39
N ASN A 1580 9.37 19.79 -9.08
CA ASN A 1580 9.40 21.25 -9.03
C ASN A 1580 8.13 21.85 -9.63
N PHE A 1581 7.47 21.11 -10.51
CA PHE A 1581 6.20 21.55 -11.08
C PHE A 1581 5.17 21.85 -10.00
N MET A 1582 5.14 21.03 -8.95
CA MET A 1582 4.18 21.30 -7.88
C MET A 1582 4.57 22.52 -7.07
N ASN A 1583 5.87 22.82 -6.95
CA ASN A 1583 6.28 24.08 -6.34
C ASN A 1583 5.82 25.26 -7.19
N LEU A 1584 5.94 25.15 -8.52
CA LEU A 1584 5.42 26.20 -9.39
C LEU A 1584 3.92 26.36 -9.23
N PHE A 1585 3.19 25.25 -9.10
CA PHE A 1585 1.75 25.33 -8.89
C PHE A 1585 1.41 25.99 -7.56
N LEU A 1586 2.16 25.64 -6.50
CA LEU A 1586 1.91 26.24 -5.19
C LEU A 1586 2.19 27.73 -5.20
N ASN A 1587 3.22 28.16 -5.94
CA ASN A 1587 3.42 29.59 -6.15
C ASN A 1587 2.26 30.20 -6.92
N ASN A 1588 1.77 29.50 -7.95
CA ASN A 1588 0.65 30.00 -8.73
C ASN A 1588 -0.62 30.10 -7.89
N ILE A 1589 -0.89 29.08 -7.07
CA ILE A 1589 -2.09 29.09 -6.23
C ILE A 1589 -1.89 29.94 -5.00
N SER A 1590 -0.68 30.44 -4.78
CA SER A 1590 -0.33 31.26 -3.61
C SER A 1590 -0.57 30.48 -2.31
N PHE A 1591 0.14 29.36 -2.20
CA PHE A 1591 0.08 28.56 -0.98
C PHE A 1591 0.93 29.14 0.15
N TRP A 1592 1.82 30.08 -0.16
CA TRP A 1592 2.59 30.73 0.90
C TRP A 1592 1.69 31.58 1.78
N LYS A 1593 0.56 32.05 1.25
CA LYS A 1593 -0.39 32.81 2.06
C LYS A 1593 -1.03 31.97 3.15
N LEU A 1594 -0.88 30.65 3.09
CA LEU A 1594 -1.38 29.79 4.16
C LEU A 1594 -0.67 30.09 5.47
N PHE A 1595 0.63 30.35 5.41
CA PHE A 1595 1.40 30.69 6.60
C PHE A 1595 1.47 32.19 6.84
N GLY A 1596 1.80 32.95 5.81
CA GLY A 1596 1.81 34.40 5.94
C GLY A 1596 3.02 35.08 5.34
N PHE A 1597 4.08 34.33 5.06
CA PHE A 1597 5.30 34.91 4.51
C PHE A 1597 5.71 34.17 3.25
N GLU A 1598 6.41 34.89 2.37
CA GLU A 1598 6.58 34.49 0.98
C GLU A 1598 7.83 33.67 0.73
N ASN A 1599 8.76 33.61 1.67
CA ASN A 1599 10.05 32.96 1.46
C ASN A 1599 10.05 31.50 1.90
N ILE A 1600 8.90 30.85 1.83
CA ILE A 1600 8.78 29.45 2.25
C ILE A 1600 9.19 28.56 1.08
N ASN A 1601 10.15 27.68 1.33
CA ASN A 1601 10.56 26.68 0.35
C ASN A 1601 9.77 25.40 0.62
N PHE A 1602 8.91 25.03 -0.33
CA PHE A 1602 8.06 23.86 -0.16
C PHE A 1602 8.78 22.63 -0.71
N VAL A 1603 8.77 21.55 0.06
CA VAL A 1603 9.47 20.32 -0.28
C VAL A 1603 8.47 19.33 -0.86
N ILE A 1604 8.68 18.95 -2.11
CA ILE A 1604 7.87 17.91 -2.76
C ILE A 1604 8.66 16.61 -2.64
N ASP A 1605 8.26 15.78 -1.68
CA ASP A 1605 9.04 14.61 -1.29
C ASP A 1605 8.69 13.40 -2.14
N LYS A 1606 9.14 12.23 -1.71
CA LYS A 1606 8.95 11.01 -2.49
C LYS A 1606 7.49 10.60 -2.56
N TYR A 1607 6.79 10.62 -1.42
CA TYR A 1607 5.43 10.11 -1.34
C TYR A 1607 4.38 11.23 -1.38
N PHE A 1608 4.65 12.30 -2.12
CA PHE A 1608 3.68 13.38 -2.24
C PHE A 1608 2.53 12.95 -3.13
N THR A 1609 1.30 13.16 -2.66
CA THR A 1609 0.09 12.76 -3.38
C THR A 1609 -0.82 13.96 -3.56
N LEU A 1610 -1.31 14.16 -4.78
CA LEU A 1610 -2.29 15.19 -5.08
C LEU A 1610 -3.54 14.52 -5.66
N VAL A 1611 -4.66 14.69 -4.98
CA VAL A 1611 -5.93 14.11 -5.42
C VAL A 1611 -6.81 15.24 -5.92
N GLY A 1612 -7.19 15.18 -7.19
CA GLY A 1612 -8.05 16.18 -7.80
C GLY A 1612 -9.40 15.58 -8.15
N LYS A 1613 -10.45 16.24 -7.66
CA LYS A 1613 -11.82 15.77 -7.87
C LYS A 1613 -12.37 16.35 -9.16
N THR A 1614 -12.95 15.50 -9.99
CA THR A 1614 -13.59 15.88 -11.24
C THR A 1614 -15.10 15.79 -11.05
N ASN A 1615 -15.85 16.47 -11.93
CA ASN A 1615 -17.30 16.41 -11.85
C ASN A 1615 -17.84 14.99 -11.99
N LEU A 1616 -17.07 14.09 -12.61
CA LEU A 1616 -17.43 12.69 -12.73
C LEU A 1616 -16.75 11.80 -11.69
N GLY A 1617 -15.50 12.07 -11.37
CA GLY A 1617 -14.77 11.25 -10.43
C GLY A 1617 -13.55 11.95 -9.85
N TYR A 1618 -12.43 11.23 -9.74
CA TYR A 1618 -11.22 11.80 -9.19
C TYR A 1618 -10.00 11.17 -9.85
N VAL A 1619 -8.88 11.87 -9.75
CA VAL A 1619 -7.58 11.38 -10.20
C VAL A 1619 -6.55 11.66 -9.11
N GLU A 1620 -5.81 10.63 -8.72
CA GLU A 1620 -4.77 10.73 -7.70
C GLU A 1620 -3.40 10.59 -8.36
N PHE A 1621 -2.58 11.63 -8.24
CA PHE A 1621 -1.20 11.62 -8.70
C PHE A 1621 -0.29 11.40 -7.50
N ILE A 1622 0.79 10.65 -7.72
CA ILE A 1622 1.78 10.41 -6.67
C ILE A 1622 3.15 10.75 -7.23
N CYS A 1623 4.06 11.11 -6.32
CA CYS A 1623 5.45 11.36 -6.70
C CYS A 1623 6.23 10.06 -6.65
N ASP A 1624 7.20 9.94 -7.56
CA ASP A 1624 7.95 8.70 -7.72
C ASP A 1624 9.29 8.80 -7.00
N ASN A 1625 10.06 7.71 -7.07
CA ASN A 1625 11.41 7.70 -6.51
C ASN A 1625 12.33 8.68 -7.22
N ASN A 1626 12.04 9.00 -8.48
CA ASN A 1626 12.82 9.95 -9.25
C ASN A 1626 12.30 11.37 -9.11
N LYS A 1627 11.47 11.64 -8.09
CA LYS A 1627 10.86 12.96 -7.89
C LYS A 1627 10.05 13.39 -9.10
N ASN A 1628 9.32 12.43 -9.69
CA ASN A 1628 8.42 12.69 -10.80
C ASN A 1628 7.00 12.41 -10.37
N ILE A 1629 6.07 13.27 -10.81
CA ILE A 1629 4.66 13.15 -10.46
C ILE A 1629 3.91 12.58 -11.65
N ASP A 1630 3.16 11.50 -11.41
CA ASP A 1630 2.39 10.85 -12.45
C ASP A 1630 1.13 10.28 -11.83
N ILE A 1631 0.16 9.93 -12.67
CA ILE A 1631 -1.11 9.41 -12.20
C ILE A 1631 -0.89 8.09 -11.49
N TYR A 1632 -1.24 8.03 -10.20
CA TYR A 1632 -1.22 6.78 -9.47
C TYR A 1632 -2.54 6.02 -9.63
N PHE A 1633 -3.65 6.74 -9.66
CA PHE A 1633 -4.96 6.12 -9.77
C PHE A 1633 -5.93 7.14 -10.34
N GLY A 1634 -7.07 6.66 -10.81
CA GLY A 1634 -8.12 7.54 -11.27
C GLY A 1634 -9.39 6.80 -11.61
N GLU A 1635 -10.53 7.38 -11.30
CA GLU A 1635 -11.80 6.72 -11.59
C GLU A 1635 -12.87 7.77 -11.81
N TRP A 1636 -13.60 7.66 -12.93
CA TRP A 1636 -14.72 8.54 -13.20
C TRP A 1636 -15.82 7.77 -13.91
N LYS A 1637 -17.06 8.03 -13.51
CA LYS A 1637 -18.22 7.32 -14.02
C LYS A 1637 -19.19 8.29 -14.68
N THR A 1638 -19.72 7.90 -15.84
CA THR A 1638 -20.65 8.72 -16.60
C THR A 1638 -22.06 8.13 -16.61
N SER A 1639 -22.42 7.39 -15.57
CA SER A 1639 -23.75 6.81 -15.36
C SER A 1639 -24.02 5.67 -16.34
N SER A 1640 -23.12 5.47 -17.28
CA SER A 1640 -23.20 4.33 -18.21
C SER A 1640 -21.87 3.64 -18.43
N SER A 1641 -20.74 4.32 -18.19
CA SER A 1641 -19.42 3.75 -18.40
C SER A 1641 -18.50 4.21 -17.28
N LYS A 1642 -17.75 3.27 -16.71
CA LYS A 1642 -16.78 3.57 -15.67
C LYS A 1642 -15.38 3.49 -16.26
N SER A 1643 -14.60 4.55 -16.07
CA SER A 1643 -13.24 4.63 -16.56
C SER A 1643 -12.29 4.64 -15.38
N THR A 1644 -11.32 3.72 -15.39
CA THR A 1644 -10.38 3.55 -14.30
C THR A 1644 -8.97 3.46 -14.84
N ILE A 1645 -8.06 4.19 -14.21
CA ILE A 1645 -6.65 4.17 -14.56
C ILE A 1645 -5.84 3.81 -13.32
N PHE A 1646 -4.87 2.92 -13.49
CA PHE A 1646 -3.93 2.54 -12.45
C PHE A 1646 -2.51 2.90 -12.91
N SER A 1647 -1.53 2.49 -12.11
CA SER A 1647 -0.13 2.62 -12.50
C SER A 1647 0.53 1.28 -12.83
N GLY A 1648 -0.06 0.16 -12.39
CA GLY A 1648 0.52 -1.13 -12.68
C GLY A 1648 0.15 -1.69 -14.04
N ASN A 1649 -0.90 -1.18 -14.67
CA ASN A 1649 -1.29 -1.58 -16.01
C ASN A 1649 -0.85 -0.55 -17.04
N GLY A 1650 0.29 0.09 -16.82
CA GLY A 1650 0.60 1.28 -17.56
C GLY A 1650 -0.32 2.39 -17.07
N ARG A 1651 -0.27 3.51 -17.77
CA ARG A 1651 -1.20 4.60 -17.52
C ARG A 1651 -2.35 4.55 -18.51
N ASN A 1652 -3.10 3.45 -18.42
CA ASN A 1652 -4.17 3.13 -19.36
C ASN A 1652 -5.51 3.36 -18.71
N VAL A 1653 -6.39 4.09 -19.40
CA VAL A 1653 -7.75 4.33 -18.94
C VAL A 1653 -8.60 3.18 -19.48
N VAL A 1654 -8.93 2.23 -18.61
CA VAL A 1654 -9.84 1.14 -18.97
C VAL A 1654 -11.27 1.63 -18.80
N VAL A 1655 -12.00 1.68 -19.89
CA VAL A 1655 -13.41 2.09 -19.90
C VAL A 1655 -14.25 0.84 -20.07
N GLU A 1656 -15.10 0.56 -19.08
CA GLU A 1656 -15.93 -0.62 -19.12
C GLU A 1656 -17.37 -0.25 -18.79
N PRO A 1657 -18.33 -1.00 -19.31
CA PRO A 1657 -19.73 -0.76 -18.93
C PRO A 1657 -19.91 -0.97 -17.44
N ILE A 1658 -20.69 -0.08 -16.82
CA ILE A 1658 -20.86 -0.13 -15.38
C ILE A 1658 -21.75 -1.31 -15.02
N TYR A 1659 -21.24 -2.22 -14.21
CA TYR A 1659 -21.97 -3.43 -13.82
C TYR A 1659 -22.93 -3.05 -12.71
N ASN A 1660 -24.20 -2.91 -13.06
CA ASN A 1660 -25.21 -2.52 -12.08
C ASN A 1660 -25.42 -3.63 -11.07
N PRO A 1661 -25.31 -3.38 -9.78
CA PRO A 1661 -25.62 -4.41 -8.78
C PRO A 1661 -27.11 -4.70 -8.76
N ASP A 1662 -27.47 -5.78 -8.08
CA ASP A 1662 -28.85 -6.29 -8.07
C ASP A 1662 -29.32 -6.58 -9.51
N THR A 1663 -28.65 -7.57 -10.10
CA THR A 1663 -28.75 -7.86 -11.53
C THR A 1663 -30.16 -8.23 -11.98
N GLY A 1664 -31.13 -8.26 -11.06
CA GLY A 1664 -32.50 -8.52 -11.45
C GLY A 1664 -33.03 -7.52 -12.46
N GLU A 1665 -32.64 -6.26 -12.32
CA GLU A 1665 -33.03 -5.24 -13.29
C GLU A 1665 -32.34 -5.50 -14.63
N ASP A 1666 -32.91 -4.89 -15.68
CA ASP A 1666 -32.34 -5.03 -17.01
C ASP A 1666 -30.96 -4.40 -17.07
N ILE A 1667 -30.07 -5.01 -17.86
CA ILE A 1667 -28.68 -4.59 -17.98
C ILE A 1667 -28.54 -3.74 -19.23
N SER A 1668 -27.89 -2.59 -19.09
CA SER A 1668 -27.72 -1.68 -20.21
C SER A 1668 -26.80 -2.27 -21.27
N THR A 1669 -27.00 -1.83 -22.52
CA THR A 1669 -26.19 -2.27 -23.64
C THR A 1669 -25.25 -1.20 -24.16
N SER A 1670 -25.46 0.05 -23.81
CA SER A 1670 -24.63 1.13 -24.32
C SER A 1670 -23.34 1.26 -23.50
N LEU A 1671 -22.33 1.86 -24.13
CA LEU A 1671 -21.04 2.08 -23.49
C LEU A 1671 -20.38 3.26 -24.18
N ASP A 1672 -20.46 4.43 -23.56
CA ASP A 1672 -20.00 5.67 -24.16
C ASP A 1672 -18.60 6.03 -23.69
N PHE A 1673 -17.94 6.88 -24.47
CA PHE A 1673 -16.63 7.40 -24.11
C PHE A 1673 -16.50 8.80 -24.68
N SER A 1674 -15.80 9.67 -23.96
CA SER A 1674 -15.56 11.03 -24.41
C SER A 1674 -14.21 11.48 -23.90
N TYR A 1675 -13.62 12.46 -24.59
CA TYR A 1675 -12.35 13.03 -24.18
C TYR A 1675 -12.49 14.12 -23.13
N GLU A 1676 -13.72 14.43 -22.72
CA GLU A 1676 -13.92 15.46 -21.69
C GLU A 1676 -13.19 15.16 -20.39
N PRO A 1677 -13.31 13.96 -19.79
CA PRO A 1677 -12.59 13.72 -18.53
C PRO A 1677 -11.09 13.67 -18.68
N LEU A 1678 -10.57 13.49 -19.90
CA LEU A 1678 -9.13 13.45 -20.13
C LEU A 1678 -8.54 14.84 -20.33
N TYR A 1679 -9.23 15.90 -19.90
CA TYR A 1679 -8.67 17.23 -20.02
C TYR A 1679 -7.53 17.41 -19.02
N GLY A 1680 -6.44 18.01 -19.48
CA GLY A 1680 -5.30 18.25 -18.61
C GLY A 1680 -4.44 17.05 -18.30
N ILE A 1681 -5.06 15.93 -17.89
CA ILE A 1681 -4.31 14.71 -17.59
C ILE A 1681 -4.00 13.88 -18.82
N ASP A 1682 -4.37 14.35 -20.01
CA ASP A 1682 -4.11 13.60 -21.23
C ASP A 1682 -2.62 13.38 -21.46
N ARG A 1683 -1.77 14.21 -20.86
CA ARG A 1683 -0.32 14.05 -20.98
C ARG A 1683 0.22 12.95 -20.10
N TYR A 1684 -0.58 12.44 -19.16
CA TYR A 1684 -0.19 11.29 -18.35
C TYR A 1684 -0.77 9.98 -18.84
N ILE A 1685 -1.86 10.03 -19.63
CA ILE A 1685 -2.50 8.82 -20.09
C ILE A 1685 -1.63 8.13 -21.15
N ASN A 1686 -1.66 6.80 -21.14
CA ASN A 1686 -0.99 6.03 -22.18
C ASN A 1686 -1.93 5.69 -23.32
N LYS A 1687 -3.00 4.95 -23.02
CA LYS A 1687 -3.97 4.53 -24.01
C LYS A 1687 -5.32 4.39 -23.34
N VAL A 1688 -6.37 4.34 -24.16
CA VAL A 1688 -7.73 4.14 -23.69
C VAL A 1688 -8.16 2.74 -24.12
N LEU A 1689 -8.37 1.86 -23.16
CA LEU A 1689 -8.77 0.48 -23.42
C LEU A 1689 -10.25 0.35 -23.11
N ILE A 1690 -11.09 0.39 -24.13
CA ILE A 1690 -12.51 0.12 -23.95
C ILE A 1690 -12.71 -1.39 -23.88
N ALA A 1691 -13.38 -1.87 -22.83
CA ALA A 1691 -13.55 -3.28 -22.56
C ALA A 1691 -15.04 -3.59 -22.46
N PRO A 1692 -15.74 -3.66 -23.59
CA PRO A 1692 -17.15 -4.03 -23.56
C PRO A 1692 -17.35 -5.45 -23.06
N ASP A 1693 -18.40 -5.65 -22.28
CA ASP A 1693 -18.74 -6.97 -21.78
C ASP A 1693 -19.61 -7.70 -22.81
N LEU A 1694 -20.15 -8.85 -22.43
CA LEU A 1694 -21.00 -9.59 -23.35
C LEU A 1694 -22.37 -8.97 -23.52
N TYR A 1695 -22.72 -7.98 -22.71
CA TYR A 1695 -24.00 -7.28 -22.85
C TYR A 1695 -23.91 -6.02 -23.69
N THR A 1696 -22.71 -5.57 -24.03
CA THR A 1696 -22.55 -4.29 -24.71
C THR A 1696 -22.87 -4.42 -26.19
N SER A 1697 -23.79 -3.59 -26.68
CA SER A 1697 -24.20 -3.59 -28.07
C SER A 1697 -23.85 -2.31 -28.81
N LEU A 1698 -23.87 -1.16 -28.14
CA LEU A 1698 -23.58 0.12 -28.74
C LEU A 1698 -22.42 0.78 -28.01
N ILE A 1699 -21.47 1.31 -28.76
CA ILE A 1699 -20.32 2.01 -28.21
C ILE A 1699 -20.27 3.40 -28.85
N ASN A 1700 -20.46 4.43 -28.03
CA ASN A 1700 -20.47 5.81 -28.51
C ASN A 1700 -19.11 6.43 -28.24
N ILE A 1701 -18.45 6.90 -29.29
CA ILE A 1701 -17.12 7.50 -29.17
C ILE A 1701 -17.24 8.98 -29.49
N ASN A 1702 -17.40 9.81 -28.45
CA ASN A 1702 -17.55 11.24 -28.65
C ASN A 1702 -16.20 11.86 -28.99
N THR A 1703 -15.87 11.91 -30.27
CA THR A 1703 -14.59 12.43 -30.74
C THR A 1703 -14.58 13.94 -30.95
N ASN A 1704 -15.71 14.61 -30.70
CA ASN A 1704 -15.81 16.05 -30.95
C ASN A 1704 -15.45 16.80 -29.66
N TYR A 1705 -14.16 16.79 -29.34
CA TYR A 1705 -13.65 17.54 -28.19
C TYR A 1705 -12.24 18.01 -28.55
N TYR A 1706 -12.13 19.24 -29.04
CA TYR A 1706 -10.89 19.74 -29.61
C TYR A 1706 -10.11 20.62 -28.64
N SER A 1707 -10.55 20.74 -27.39
CA SER A 1707 -9.86 21.57 -26.40
C SER A 1707 -8.90 20.77 -25.55
N ASN A 1708 -8.30 19.72 -26.10
CA ASN A 1708 -7.27 18.95 -25.46
C ASN A 1708 -5.94 19.14 -26.19
N GLU A 1709 -4.90 18.50 -25.69
CA GLU A 1709 -3.59 18.55 -26.33
C GLU A 1709 -3.10 17.18 -26.77
N TYR A 1710 -3.38 16.15 -26.00
CA TYR A 1710 -3.00 14.78 -26.33
C TYR A 1710 -4.24 13.91 -26.41
N TYR A 1711 -4.32 13.09 -27.45
CA TYR A 1711 -5.45 12.20 -27.66
C TYR A 1711 -4.97 10.77 -27.62
N PRO A 1712 -5.12 10.08 -26.49
CA PRO A 1712 -4.62 8.70 -26.39
C PRO A 1712 -5.33 7.78 -27.36
N GLU A 1713 -4.60 6.77 -27.83
CA GLU A 1713 -5.20 5.75 -28.66
C GLU A 1713 -6.31 5.05 -27.91
N ILE A 1714 -7.45 4.87 -28.57
CA ILE A 1714 -8.61 4.20 -27.98
C ILE A 1714 -8.62 2.76 -28.45
N ILE A 1715 -8.41 1.82 -27.52
CA ILE A 1715 -8.37 0.41 -27.85
C ILE A 1715 -9.71 -0.20 -27.42
N VAL A 1716 -10.46 -0.70 -28.41
CA VAL A 1716 -11.73 -1.36 -28.16
C VAL A 1716 -11.45 -2.86 -28.10
N LEU A 1717 -11.55 -3.44 -26.91
CA LEU A 1717 -11.31 -4.86 -26.76
C LEU A 1717 -12.42 -5.66 -27.41
N ASN A 1718 -12.06 -6.81 -27.98
CA ASN A 1718 -13.04 -7.64 -28.67
C ASN A 1718 -14.01 -8.24 -27.67
N PRO A 1719 -15.31 -7.99 -27.79
CA PRO A 1719 -16.27 -8.54 -26.82
C PRO A 1719 -16.75 -9.93 -27.22
N ASN A 1720 -16.60 -10.90 -26.30
CA ASN A 1720 -17.21 -12.22 -26.47
C ASN A 1720 -18.66 -12.11 -26.05
N THR A 1721 -19.46 -11.52 -26.92
CA THR A 1721 -20.85 -11.17 -26.62
C THR A 1721 -21.81 -12.08 -27.38
N PHE A 1722 -23.07 -12.07 -26.93
CA PHE A 1722 -24.14 -12.76 -27.62
C PHE A 1722 -24.78 -11.91 -28.70
N HIS A 1723 -24.45 -10.63 -28.78
CA HIS A 1723 -25.05 -9.75 -29.77
C HIS A 1723 -24.55 -10.11 -31.17
N LYS A 1724 -25.47 -10.10 -32.13
CA LYS A 1724 -25.08 -10.36 -33.51
C LYS A 1724 -24.19 -9.26 -34.05
N LYS A 1725 -24.50 -8.00 -33.73
CA LYS A 1725 -23.72 -6.85 -34.16
C LYS A 1725 -23.47 -5.94 -32.97
N VAL A 1726 -22.26 -5.37 -32.91
CA VAL A 1726 -21.90 -4.37 -31.92
C VAL A 1726 -21.62 -3.07 -32.66
N ASN A 1727 -22.29 -2.00 -32.25
CA ASN A 1727 -22.26 -0.73 -32.96
C ASN A 1727 -21.25 0.20 -32.31
N ILE A 1728 -20.29 0.67 -33.09
CA ILE A 1728 -19.33 1.68 -32.65
C ILE A 1728 -19.76 2.98 -33.32
N ASN A 1729 -20.39 3.86 -32.55
CA ASN A 1729 -20.95 5.10 -33.08
C ASN A 1729 -19.99 6.24 -32.75
N LEU A 1730 -19.37 6.81 -33.78
CA LEU A 1730 -18.41 7.89 -33.64
C LEU A 1730 -19.11 9.21 -33.98
N ASP A 1731 -19.05 10.16 -33.05
CA ASP A 1731 -19.67 11.47 -33.25
C ASP A 1731 -18.72 12.33 -34.07
N SER A 1732 -18.58 11.96 -35.34
CA SER A 1732 -17.69 12.65 -36.27
C SER A 1732 -18.05 12.23 -37.67
N SER A 1733 -17.49 12.93 -38.65
CA SER A 1733 -17.76 12.64 -40.05
C SER A 1733 -16.96 11.41 -40.49
N SER A 1734 -17.10 11.05 -41.76
CA SER A 1734 -16.44 9.86 -42.30
C SER A 1734 -15.32 10.17 -43.28
N PHE A 1735 -15.29 11.37 -43.87
CA PHE A 1735 -14.21 11.72 -44.78
C PHE A 1735 -12.91 12.04 -44.04
N GLU A 1736 -12.98 12.28 -42.74
CA GLU A 1736 -11.77 12.55 -41.97
C GLU A 1736 -10.98 11.27 -41.69
N TYR A 1737 -11.68 10.15 -41.53
CA TYR A 1737 -11.05 8.92 -41.07
C TYR A 1737 -10.36 8.18 -42.21
N LYS A 1738 -9.14 7.73 -41.93
CA LYS A 1738 -8.46 6.70 -42.70
C LYS A 1738 -8.39 5.44 -41.83
N TRP A 1739 -7.92 4.35 -42.42
CA TRP A 1739 -7.85 3.09 -41.69
C TRP A 1739 -6.55 2.37 -42.01
N SER A 1740 -6.20 1.43 -41.14
CA SER A 1740 -5.00 0.63 -41.29
C SER A 1740 -5.14 -0.62 -40.43
N THR A 1741 -4.19 -1.53 -40.57
CA THR A 1741 -4.14 -2.73 -39.74
C THR A 1741 -2.70 -3.03 -39.36
N GLU A 1742 -2.49 -3.38 -38.09
CA GLU A 1742 -1.26 -4.02 -37.66
C GLU A 1742 -1.65 -5.31 -36.93
N GLY A 1743 -1.05 -6.42 -37.35
CA GLY A 1743 -1.47 -7.71 -36.80
C GLY A 1743 -2.93 -7.95 -37.10
N SER A 1744 -3.69 -8.29 -36.06
CA SER A 1744 -5.11 -8.58 -36.18
C SER A 1744 -5.97 -7.49 -35.57
N ASP A 1745 -5.51 -6.25 -35.62
CA ASP A 1745 -6.22 -5.11 -35.03
C ASP A 1745 -6.59 -4.12 -36.12
N PHE A 1746 -7.81 -3.59 -36.05
CA PHE A 1746 -8.24 -2.53 -36.95
C PHE A 1746 -7.83 -1.18 -36.39
N ILE A 1747 -7.59 -0.22 -37.28
CA ILE A 1747 -7.14 1.11 -36.87
C ILE A 1747 -7.90 2.14 -37.68
N LEU A 1748 -8.55 3.08 -37.00
CA LEU A 1748 -9.24 4.21 -37.62
C LEU A 1748 -8.60 5.49 -37.11
N VAL A 1749 -8.06 6.30 -38.00
CA VAL A 1749 -7.34 7.51 -37.64
C VAL A 1749 -8.10 8.70 -38.20
N ARG A 1750 -8.55 9.59 -37.32
CA ARG A 1750 -9.19 10.83 -37.69
C ARG A 1750 -8.17 11.95 -37.55
N TYR A 1751 -7.77 12.53 -38.67
CA TYR A 1751 -6.81 13.63 -38.69
C TYR A 1751 -7.51 14.88 -39.20
N LEU A 1752 -7.42 15.97 -38.45
CA LEU A 1752 -8.11 17.19 -38.82
C LEU A 1752 -7.35 18.41 -38.31
N GLU A 1753 -7.74 19.56 -38.85
CA GLU A 1753 -7.12 20.86 -38.55
C GLU A 1753 -8.20 21.74 -37.91
N GLU A 1754 -8.35 21.62 -36.59
CA GLU A 1754 -9.36 22.37 -35.86
C GLU A 1754 -8.68 23.50 -35.10
N SER A 1755 -8.92 24.73 -35.55
CA SER A 1755 -8.34 25.94 -34.95
C SER A 1755 -6.82 25.86 -34.92
N ASN A 1756 -6.23 25.55 -36.08
CA ASN A 1756 -4.78 25.44 -36.24
C ASN A 1756 -4.18 24.39 -35.30
N LYS A 1757 -4.90 23.29 -35.09
CA LYS A 1757 -4.43 22.18 -34.29
C LYS A 1757 -4.42 20.92 -35.16
N LYS A 1758 -3.26 20.25 -35.18
CA LYS A 1758 -3.10 19.02 -35.95
C LYS A 1758 -3.62 17.84 -35.13
N ILE A 1759 -4.94 17.78 -34.99
CA ILE A 1759 -5.55 16.78 -34.13
C ILE A 1759 -5.55 15.43 -34.84
N LEU A 1760 -5.03 14.41 -34.16
CA LEU A 1760 -4.95 13.05 -34.70
C LEU A 1760 -5.45 12.09 -33.63
N GLN A 1761 -6.61 11.48 -33.87
CA GLN A 1761 -7.24 10.58 -32.92
C GLN A 1761 -7.25 9.17 -33.51
N LYS A 1762 -6.70 8.21 -32.77
CA LYS A 1762 -6.61 6.83 -33.22
C LYS A 1762 -7.56 5.96 -32.41
N ILE A 1763 -8.31 5.12 -33.12
CA ILE A 1763 -9.20 4.14 -32.51
C ILE A 1763 -8.86 2.79 -33.12
N ARG A 1764 -8.20 1.93 -32.36
CA ARG A 1764 -7.94 0.57 -32.79
C ARG A 1764 -8.92 -0.37 -32.12
N ILE A 1765 -9.32 -1.41 -32.85
CA ILE A 1765 -10.11 -2.50 -32.33
C ILE A 1765 -9.22 -3.73 -32.26
N LYS A 1766 -9.15 -4.33 -31.06
CA LYS A 1766 -8.18 -5.38 -30.77
C LYS A 1766 -8.72 -6.74 -31.18
N GLY A 1767 -7.92 -7.47 -31.95
CA GLY A 1767 -8.29 -8.82 -32.34
C GLY A 1767 -9.52 -8.91 -33.21
N ILE A 1768 -9.89 -7.83 -33.88
CA ILE A 1768 -11.13 -7.83 -34.65
C ILE A 1768 -10.96 -8.52 -35.99
N LEU A 1769 -9.73 -8.67 -36.47
CA LEU A 1769 -9.45 -9.37 -37.71
C LEU A 1769 -9.05 -10.81 -37.49
N SER A 1770 -9.14 -11.30 -36.26
CA SER A 1770 -8.74 -12.67 -35.96
C SER A 1770 -9.63 -13.68 -36.68
N ASN A 1771 -10.94 -13.44 -36.71
CA ASN A 1771 -11.86 -14.36 -37.34
C ASN A 1771 -13.04 -13.58 -37.90
N THR A 1772 -13.78 -14.22 -38.81
CA THR A 1772 -14.96 -13.58 -39.39
C THR A 1772 -16.08 -13.40 -38.38
N GLN A 1773 -16.04 -14.13 -37.25
CA GLN A 1773 -17.03 -13.90 -36.20
C GLN A 1773 -16.89 -12.51 -35.60
N SER A 1774 -15.67 -11.98 -35.56
CA SER A 1774 -15.43 -10.64 -35.05
C SER A 1774 -15.38 -9.59 -36.15
N PHE A 1775 -14.88 -9.95 -37.32
CA PHE A 1775 -14.78 -8.99 -38.42
C PHE A 1775 -16.15 -8.49 -38.85
N ASN A 1776 -17.14 -9.39 -38.91
CA ASN A 1776 -18.49 -9.04 -39.33
C ASN A 1776 -19.38 -8.64 -38.18
N LYS A 1777 -18.83 -8.54 -36.96
CA LYS A 1777 -19.61 -8.18 -35.79
C LYS A 1777 -19.71 -6.68 -35.58
N MET A 1778 -18.60 -5.95 -35.77
CA MET A 1778 -18.60 -4.51 -35.56
C MET A 1778 -19.26 -3.79 -36.73
N SER A 1779 -20.08 -2.79 -36.40
CA SER A 1779 -20.69 -1.90 -37.38
C SER A 1779 -20.34 -0.47 -36.99
N ILE A 1780 -19.72 0.26 -37.90
CA ILE A 1780 -19.28 1.63 -37.64
C ILE A 1780 -20.38 2.60 -38.03
N ASP A 1781 -20.62 3.58 -37.18
CA ASP A 1781 -21.71 4.55 -37.36
C ASP A 1781 -21.13 5.96 -37.28
N PHE A 1782 -20.87 6.56 -38.43
CA PHE A 1782 -20.40 7.95 -38.46
C PHE A 1782 -21.60 8.89 -38.40
N LYS A 1783 -21.31 10.20 -38.32
CA LYS A 1783 -22.38 11.18 -38.23
C LYS A 1783 -23.09 11.40 -39.55
N ASP A 1784 -22.41 11.16 -40.68
CA ASP A 1784 -23.00 11.34 -41.99
C ASP A 1784 -23.46 10.04 -42.63
N ILE A 1785 -22.69 8.96 -42.46
CA ILE A 1785 -23.04 7.66 -42.99
C ILE A 1785 -22.99 6.65 -41.85
N LYS A 1786 -24.00 5.78 -41.79
CA LYS A 1786 -24.19 4.89 -40.65
C LYS A 1786 -24.31 3.45 -41.13
N LYS A 1787 -24.28 2.53 -40.16
CA LYS A 1787 -24.42 1.09 -40.40
C LYS A 1787 -23.36 0.59 -41.36
N LEU A 1788 -22.12 1.06 -41.20
CA LEU A 1788 -21.01 0.64 -42.03
C LEU A 1788 -20.32 -0.55 -41.39
N SER A 1789 -20.15 -1.62 -42.16
CA SER A 1789 -19.37 -2.76 -41.70
C SER A 1789 -17.89 -2.50 -41.90
N LEU A 1790 -17.07 -3.31 -41.24
CA LEU A 1790 -15.62 -3.15 -41.35
C LEU A 1790 -15.15 -3.38 -42.78
N GLY A 1791 -15.77 -4.31 -43.51
CA GLY A 1791 -15.44 -4.48 -44.91
C GLY A 1791 -15.75 -3.25 -45.74
N TYR A 1792 -16.87 -2.58 -45.44
CA TYR A 1792 -17.19 -1.34 -46.12
C TYR A 1792 -16.13 -0.28 -45.86
N ILE A 1793 -15.65 -0.18 -44.61
CA ILE A 1793 -14.59 0.76 -44.30
C ILE A 1793 -13.32 0.41 -45.07
N MET A 1794 -12.97 -0.88 -45.10
CA MET A 1794 -11.73 -1.29 -45.74
C MET A 1794 -11.78 -1.12 -47.25
N SER A 1795 -12.98 -1.18 -47.85
CA SER A 1795 -13.10 -1.05 -49.29
C SER A 1795 -13.43 0.35 -49.76
N ASN A 1796 -13.89 1.23 -48.87
CA ASN A 1796 -14.29 2.58 -49.27
C ASN A 1796 -13.41 3.69 -48.70
N PHE A 1797 -12.74 3.46 -47.57
CA PHE A 1797 -11.93 4.48 -46.93
C PHE A 1797 -10.47 4.34 -47.34
N LYS A 1798 -9.78 5.47 -47.41
CA LYS A 1798 -8.37 5.47 -47.74
C LYS A 1798 -7.56 4.79 -46.63
N SER A 1799 -6.54 4.05 -47.03
CA SER A 1799 -5.73 3.27 -46.10
C SER A 1799 -4.34 3.87 -45.99
N PHE A 1800 -3.80 3.86 -44.78
CA PHE A 1800 -2.46 4.35 -44.50
C PHE A 1800 -1.65 3.26 -43.81
N ASN A 1801 -0.36 3.52 -43.62
CA ASN A 1801 0.56 2.59 -42.97
C ASN A 1801 0.68 2.97 -41.50
N SER A 1802 0.29 2.05 -40.62
CA SER A 1802 0.17 2.37 -39.20
C SER A 1802 1.43 2.04 -38.39
N GLU A 1803 2.30 1.17 -38.88
CA GLU A 1803 3.44 0.76 -38.09
C GLU A 1803 4.45 1.90 -37.98
N ASN A 1804 4.91 2.15 -36.77
CA ASN A 1804 5.89 3.20 -36.51
C ASN A 1804 6.88 2.71 -35.46
N GLU A 1805 8.11 3.23 -35.53
CA GLU A 1805 9.14 2.81 -34.60
C GLU A 1805 8.88 3.31 -33.19
N LEU A 1806 8.25 4.48 -33.05
CA LEU A 1806 8.01 5.07 -31.75
C LEU A 1806 6.94 4.33 -30.95
N ASP A 1807 6.23 3.39 -31.56
CA ASP A 1807 5.17 2.65 -30.89
C ASP A 1807 5.62 1.29 -30.39
N ARG A 1808 6.93 1.03 -30.37
CA ARG A 1808 7.45 -0.23 -29.89
C ARG A 1808 7.46 -0.23 -28.36
N ASP A 1809 8.13 -1.21 -27.76
CA ASP A 1809 8.21 -1.33 -26.31
C ASP A 1809 9.69 -1.28 -25.90
N HIS A 1810 10.06 -0.21 -25.19
CA HIS A 1810 11.41 -0.04 -24.66
C HIS A 1810 11.31 0.44 -23.21
N LEU A 1811 12.44 0.44 -22.52
CA LEU A 1811 12.49 0.85 -21.13
C LEU A 1811 13.46 2.00 -20.85
N GLY A 1812 14.24 2.43 -21.82
CA GLY A 1812 15.23 3.47 -21.57
C GLY A 1812 15.31 4.51 -22.67
N PHE A 1813 16.53 4.86 -23.07
CA PHE A 1813 16.75 5.87 -24.08
C PHE A 1813 16.90 5.20 -25.46
N LYS A 1814 16.16 5.72 -26.43
CA LYS A 1814 16.23 5.27 -27.81
C LYS A 1814 16.72 6.42 -28.68
N ILE A 1815 17.43 6.07 -29.76
CA ILE A 1815 18.14 7.02 -30.60
C ILE A 1815 17.49 7.03 -31.97
N ILE A 1816 16.16 6.93 -32.00
CA ILE A 1816 15.44 6.62 -33.23
C ILE A 1816 15.71 7.70 -34.27
N ASP A 1817 16.16 7.27 -35.46
CA ASP A 1817 16.59 8.17 -36.53
C ASP A 1817 17.77 9.00 -36.02
N ASN A 1818 17.51 10.24 -35.64
CA ASN A 1818 18.52 11.08 -35.00
C ASN A 1818 17.99 11.75 -33.74
N LYS A 1819 16.82 11.33 -33.26
CA LYS A 1819 16.17 11.93 -32.11
C LYS A 1819 16.12 10.94 -30.96
N THR A 1820 16.42 11.43 -29.76
CA THR A 1820 16.46 10.62 -28.56
C THR A 1820 15.14 10.73 -27.83
N TYR A 1821 14.56 9.58 -27.50
CA TYR A 1821 13.33 9.48 -26.73
C TYR A 1821 13.60 8.66 -25.48
N TYR A 1822 12.78 8.87 -24.46
CA TYR A 1822 12.87 8.09 -23.24
C TYR A 1822 11.54 7.38 -22.99
N TYR A 1823 11.61 6.07 -22.80
CA TYR A 1823 10.44 5.27 -22.47
C TYR A 1823 10.48 4.97 -20.98
N ASP A 1824 9.43 5.38 -20.26
CA ASP A 1824 9.41 5.21 -18.82
C ASP A 1824 9.05 3.78 -18.48
N GLU A 1825 8.70 3.54 -17.21
CA GLU A 1825 8.42 2.19 -16.74
C GLU A 1825 7.26 1.54 -17.49
N ASP A 1826 6.33 2.35 -18.00
CA ASP A 1826 5.19 1.83 -18.74
C ASP A 1826 5.51 1.60 -20.22
N SER A 1827 6.78 1.70 -20.61
CA SER A 1827 7.19 1.53 -22.01
C SER A 1827 6.47 2.51 -22.92
N LYS A 1828 6.26 3.72 -22.44
CA LYS A 1828 5.64 4.79 -23.21
C LYS A 1828 6.53 6.02 -23.20
N LEU A 1829 6.42 6.80 -24.27
CA LEU A 1829 7.24 8.01 -24.39
C LEU A 1829 6.91 8.99 -23.29
N VAL A 1830 7.93 9.59 -22.71
CA VAL A 1830 7.75 10.67 -21.75
C VAL A 1830 7.74 11.98 -22.50
N LYS A 1831 7.00 12.94 -21.96
CA LYS A 1831 6.79 14.23 -22.60
C LYS A 1831 6.96 15.34 -21.58
N GLY A 1832 7.69 16.38 -21.96
CA GLY A 1832 7.93 17.50 -21.09
C GLY A 1832 9.27 17.44 -20.39
N LEU A 1833 9.34 18.15 -19.26
CA LEU A 1833 10.56 18.28 -18.48
C LEU A 1833 10.49 17.32 -17.30
N ILE A 1834 11.24 16.22 -17.36
CA ILE A 1834 11.14 15.13 -16.41
C ILE A 1834 12.52 14.83 -15.82
N ASN A 1835 12.51 14.27 -14.62
CA ASN A 1835 13.74 13.88 -13.93
C ASN A 1835 14.09 12.43 -14.26
N ILE A 1836 15.29 12.21 -14.80
CA ILE A 1836 15.77 10.88 -15.14
C ILE A 1836 17.18 10.72 -14.60
N ASN A 1837 17.43 9.65 -13.85
CA ASN A 1837 18.75 9.31 -13.35
C ASN A 1837 19.37 10.46 -12.55
N ASN A 1838 18.56 11.06 -11.68
CA ASN A 1838 18.98 12.21 -10.88
C ASN A 1838 19.49 13.35 -11.77
N SER A 1839 18.85 13.51 -12.93
CA SER A 1839 19.17 14.59 -13.85
C SER A 1839 17.87 15.03 -14.51
N LEU A 1840 17.88 16.26 -15.02
CA LEU A 1840 16.68 16.89 -15.55
C LEU A 1840 16.80 17.00 -17.07
N PHE A 1841 15.82 16.42 -17.77
CA PHE A 1841 15.80 16.40 -19.22
C PHE A 1841 14.47 16.97 -19.72
N TYR A 1842 14.50 17.55 -20.92
CA TYR A 1842 13.32 18.09 -21.56
C TYR A 1842 13.03 17.34 -22.85
N PHE A 1843 11.80 16.86 -22.98
CA PHE A 1843 11.32 16.23 -24.20
C PHE A 1843 10.22 17.09 -24.78
N ASP A 1844 10.25 17.28 -26.11
CA ASP A 1844 9.31 18.18 -26.76
C ASP A 1844 7.88 17.76 -26.45
N PRO A 1845 7.03 18.67 -26.01
CA PRO A 1845 5.64 18.29 -25.68
C PRO A 1845 4.82 17.95 -26.91
N ILE A 1846 5.45 17.92 -28.08
CA ILE A 1846 4.81 17.53 -29.32
C ILE A 1846 5.41 16.23 -29.88
N GLU A 1847 6.72 16.23 -30.14
CA GLU A 1847 7.39 15.07 -30.72
C GLU A 1847 8.02 14.15 -29.68
N SER A 1848 8.01 14.54 -28.40
CA SER A 1848 8.48 13.70 -27.29
C SER A 1848 9.95 13.31 -27.44
N ASN A 1849 10.76 14.18 -28.05
CA ASN A 1849 12.16 13.90 -28.28
C ASN A 1849 13.02 14.87 -27.47
N LEU A 1850 14.23 14.43 -27.12
CA LEU A 1850 15.15 15.29 -26.38
C LEU A 1850 15.53 16.50 -27.20
N VAL A 1851 15.57 17.65 -26.54
CA VAL A 1851 16.00 18.90 -27.14
C VAL A 1851 17.17 19.43 -26.33
N THR A 1852 18.19 19.93 -27.02
CA THR A 1852 19.39 20.44 -26.39
C THR A 1852 19.57 21.91 -26.73
N GLY A 1853 20.13 22.66 -25.79
CA GLY A 1853 20.30 24.08 -25.98
C GLY A 1853 19.43 24.89 -25.03
N TRP A 1854 18.96 26.05 -25.50
CA TRP A 1854 18.13 26.94 -24.70
C TRP A 1854 16.66 26.62 -24.93
N GLN A 1855 15.93 26.36 -23.85
CA GLN A 1855 14.50 26.07 -23.93
C GLN A 1855 13.76 26.99 -22.98
N THR A 1856 12.79 27.72 -23.51
CA THR A 1856 11.96 28.62 -22.69
C THR A 1856 10.69 27.88 -22.29
N ILE A 1857 10.72 27.28 -21.10
CA ILE A 1857 9.58 26.56 -20.57
C ILE A 1857 8.74 27.54 -19.76
N ASN A 1858 7.57 27.89 -20.29
CA ASN A 1858 6.61 28.76 -19.59
C ASN A 1858 7.24 30.08 -19.16
N GLY A 1859 8.17 30.60 -19.95
CA GLY A 1859 8.84 31.85 -19.67
C GLY A 1859 10.18 31.72 -18.97
N LYS A 1860 10.46 30.57 -18.35
CA LYS A 1860 11.70 30.35 -17.63
C LYS A 1860 12.70 29.65 -18.54
N LYS A 1861 13.91 30.19 -18.62
CA LYS A 1861 14.92 29.66 -19.53
C LYS A 1861 15.73 28.57 -18.86
N TYR A 1862 15.84 27.43 -19.54
CA TYR A 1862 16.67 26.31 -19.13
C TYR A 1862 17.72 26.08 -20.21
N TYR A 1863 18.88 25.56 -19.81
CA TYR A 1863 19.88 25.10 -20.76
C TYR A 1863 20.09 23.61 -20.56
N PHE A 1864 20.08 22.87 -21.67
CA PHE A 1864 20.26 21.43 -21.66
C PHE A 1864 21.50 21.09 -22.46
N ASP A 1865 22.36 20.23 -21.89
CA ASP A 1865 23.66 19.95 -22.47
C ASP A 1865 23.53 19.41 -23.89
N ILE A 1866 24.45 19.84 -24.75
CA ILE A 1866 24.45 19.36 -26.14
C ILE A 1866 24.69 17.86 -26.18
N ASN A 1867 25.61 17.35 -25.35
CA ASN A 1867 25.98 15.95 -25.42
C ASN A 1867 24.98 15.06 -24.67
N THR A 1868 24.89 15.24 -23.35
CA THR A 1868 24.09 14.34 -22.52
C THR A 1868 22.63 14.76 -22.40
N GLY A 1869 22.28 15.98 -22.78
CA GLY A 1869 20.91 16.43 -22.72
C GLY A 1869 20.42 16.82 -21.34
N ALA A 1870 21.23 16.65 -20.31
CA ALA A 1870 20.82 17.00 -18.96
C ALA A 1870 20.80 18.51 -18.78
N ALA A 1871 19.99 18.96 -17.83
CA ALA A 1871 19.86 20.39 -17.56
C ALA A 1871 21.03 20.88 -16.74
N SER A 1872 21.51 22.08 -17.06
CA SER A 1872 22.55 22.71 -16.27
C SER A 1872 21.97 23.17 -14.93
N THR A 1873 22.68 22.85 -13.85
CA THR A 1873 22.17 23.13 -12.51
C THR A 1873 23.15 23.96 -11.68
N SER A 1874 24.08 24.66 -12.32
CA SER A 1874 25.03 25.51 -11.62
C SER A 1874 25.64 26.47 -12.63
N TYR A 1875 26.71 27.14 -12.22
CA TYR A 1875 27.45 28.03 -13.11
C TYR A 1875 27.90 27.27 -14.35
N LYS A 1876 27.61 27.82 -15.52
CA LYS A 1876 27.89 27.15 -16.78
C LYS A 1876 28.47 28.15 -17.77
N ILE A 1877 29.25 27.63 -18.72
CA ILE A 1877 29.84 28.43 -19.78
C ILE A 1877 29.22 28.01 -21.10
N ILE A 1878 28.46 28.93 -21.70
CA ILE A 1878 27.79 28.69 -22.97
C ILE A 1878 28.41 29.63 -24.00
N ASN A 1879 29.07 29.05 -25.01
CA ASN A 1879 29.69 29.82 -26.09
C ASN A 1879 30.63 30.87 -25.53
N GLY A 1880 31.38 30.50 -24.48
CA GLY A 1880 32.30 31.44 -23.86
C GLY A 1880 31.65 32.31 -22.81
N LYS A 1881 30.39 32.67 -23.03
CA LYS A 1881 29.67 33.50 -22.07
C LYS A 1881 29.34 32.68 -20.82
N HIS A 1882 28.94 33.38 -19.76
CA HIS A 1882 28.72 32.76 -18.46
C HIS A 1882 27.26 32.91 -18.06
N PHE A 1883 26.67 31.82 -17.56
CA PHE A 1883 25.29 31.80 -17.12
C PHE A 1883 25.20 31.07 -15.79
N TYR A 1884 24.15 31.37 -15.03
CA TYR A 1884 23.93 30.76 -13.73
C TYR A 1884 22.55 30.14 -13.68
N PHE A 1885 22.47 28.89 -13.23
CA PHE A 1885 21.21 28.19 -13.06
C PHE A 1885 21.15 27.62 -11.65
N ASN A 1886 19.96 27.59 -11.07
CA ASN A 1886 19.78 27.03 -9.74
C ASN A 1886 19.73 25.51 -9.85
N ASN A 1887 19.42 24.84 -8.73
CA ASN A 1887 19.35 23.39 -8.74
C ASN A 1887 18.18 22.87 -9.57
N ASN A 1888 17.18 23.70 -9.84
CA ASN A 1888 16.06 23.31 -10.67
C ASN A 1888 16.31 23.53 -12.16
N GLY A 1889 17.47 24.07 -12.53
CA GLY A 1889 17.80 24.29 -13.91
C GLY A 1889 17.36 25.62 -14.48
N VAL A 1890 16.61 26.42 -13.72
CA VAL A 1890 16.11 27.69 -14.22
C VAL A 1890 17.25 28.70 -14.28
N MET A 1891 17.34 29.43 -15.39
CA MET A 1891 18.32 30.50 -15.50
C MET A 1891 18.01 31.60 -14.49
N GLN A 1892 19.06 32.18 -13.92
CA GLN A 1892 18.93 33.15 -12.83
C GLN A 1892 19.44 34.51 -13.26
N LEU A 1893 18.84 35.55 -12.70
CA LEU A 1893 19.23 36.94 -12.95
C LEU A 1893 19.70 37.57 -11.64
N GLY A 1894 20.83 38.25 -11.71
CA GLY A 1894 21.38 38.91 -10.54
C GLY A 1894 22.83 38.54 -10.34
N VAL A 1895 23.33 38.80 -9.14
CA VAL A 1895 24.74 38.54 -8.80
C VAL A 1895 24.80 37.19 -8.12
N PHE A 1896 25.56 36.26 -8.70
CA PHE A 1896 25.70 34.92 -8.16
C PHE A 1896 27.16 34.50 -8.21
N LYS A 1897 27.54 33.60 -7.31
CA LYS A 1897 28.93 33.23 -7.12
C LYS A 1897 29.27 32.02 -7.99
N GLY A 1898 30.00 32.25 -9.07
CA GLY A 1898 30.64 31.19 -9.80
C GLY A 1898 32.06 31.01 -9.31
N PRO A 1899 32.78 30.04 -9.88
CA PRO A 1899 34.15 29.77 -9.41
C PRO A 1899 35.07 30.97 -9.49
N ASP A 1900 34.88 31.85 -10.47
CA ASP A 1900 35.72 33.03 -10.59
C ASP A 1900 35.38 34.09 -9.55
N GLY A 1901 34.18 34.09 -9.01
CA GLY A 1901 33.74 35.07 -8.06
C GLY A 1901 32.29 35.40 -8.27
N PHE A 1902 31.84 36.51 -7.67
CA PHE A 1902 30.45 36.92 -7.78
C PHE A 1902 30.28 37.70 -9.08
N GLU A 1903 29.66 37.07 -10.07
CA GLU A 1903 29.41 37.71 -11.35
C GLU A 1903 27.96 38.17 -11.43
N TYR A 1904 27.75 39.26 -12.15
CA TYR A 1904 26.42 39.85 -12.33
C TYR A 1904 25.86 39.42 -13.68
N PHE A 1905 24.89 38.51 -13.66
CA PHE A 1905 24.18 38.08 -14.85
C PHE A 1905 22.99 39.02 -15.03
N ALA A 1906 23.11 39.93 -16.01
CA ALA A 1906 22.22 41.06 -16.22
C ALA A 1906 21.03 40.66 -17.08
N PRO A 1907 19.81 41.01 -16.67
CA PRO A 1907 18.63 40.66 -17.47
C PRO A 1907 18.58 41.43 -18.78
N ALA A 1908 18.00 40.78 -19.79
CA ALA A 1908 17.60 41.40 -21.05
C ALA A 1908 18.81 42.04 -21.73
N ASN A 1909 18.83 43.35 -21.96
CA ASN A 1909 19.85 44.02 -22.75
C ASN A 1909 20.47 45.16 -21.95
N THR A 1910 20.90 44.84 -20.73
CA THR A 1910 21.40 45.87 -19.82
C THR A 1910 22.63 46.56 -20.40
N GLN A 1911 23.59 45.80 -20.91
CA GLN A 1911 24.84 46.40 -21.36
C GLN A 1911 25.51 45.48 -22.36
N ASN A 1912 26.11 46.09 -23.40
CA ASN A 1912 26.90 45.39 -24.41
C ASN A 1912 26.07 44.39 -25.21
N ASN A 1913 24.77 44.65 -25.35
CA ASN A 1913 23.86 43.78 -26.10
C ASN A 1913 23.93 42.34 -25.60
N ASN A 1914 23.92 42.19 -24.28
CA ASN A 1914 24.07 40.87 -23.68
C ASN A 1914 22.81 40.04 -23.86
N ILE A 1915 23.00 38.72 -23.78
CA ILE A 1915 21.88 37.80 -23.70
C ILE A 1915 21.35 37.82 -22.27
N GLU A 1916 20.04 37.69 -22.11
CA GLU A 1916 19.44 37.67 -20.78
C GLU A 1916 20.06 36.56 -19.94
N GLY A 1917 20.45 36.90 -18.72
CA GLY A 1917 21.07 35.97 -17.81
C GLY A 1917 22.57 35.79 -17.98
N GLN A 1918 23.21 36.58 -18.84
CA GLN A 1918 24.64 36.45 -19.08
C GLN A 1918 25.42 37.44 -18.23
N ALA A 1919 26.52 36.96 -17.65
CA ALA A 1919 27.43 37.84 -16.94
C ALA A 1919 28.09 38.82 -17.91
N ILE A 1920 28.20 40.08 -17.48
CA ILE A 1920 28.68 41.14 -18.36
C ILE A 1920 29.83 41.88 -17.70
N VAL A 1921 30.31 42.93 -18.35
CA VAL A 1921 31.29 43.83 -17.76
C VAL A 1921 30.54 44.90 -16.97
N TYR A 1922 30.88 45.03 -15.70
CA TYR A 1922 30.21 45.98 -14.81
C TYR A 1922 31.25 46.36 -13.74
N GLN A 1923 31.91 47.50 -13.93
CA GLN A 1923 33.10 47.83 -13.17
C GLN A 1923 32.94 49.11 -12.39
N SER A 1924 33.37 49.07 -11.12
CA SER A 1924 33.57 50.26 -10.30
C SER A 1924 32.31 51.13 -10.21
N LYS A 1925 31.18 50.48 -9.96
CA LYS A 1925 29.93 51.21 -9.77
C LYS A 1925 29.03 50.41 -8.85
N PHE A 1926 28.08 51.11 -8.24
CA PHE A 1926 27.15 50.51 -7.30
C PHE A 1926 25.92 50.01 -8.03
N LEU A 1927 25.51 48.79 -7.73
CA LEU A 1927 24.36 48.15 -8.36
C LEU A 1927 23.28 47.92 -7.32
N THR A 1928 22.02 48.12 -7.71
CA THR A 1928 20.90 47.99 -6.79
C THR A 1928 19.77 47.25 -7.50
N LEU A 1929 19.50 46.02 -7.06
CA LEU A 1929 18.35 45.26 -7.51
C LEU A 1929 17.61 44.69 -6.31
N ASN A 1930 16.27 44.80 -6.33
CA ASN A 1930 15.42 44.28 -5.27
C ASN A 1930 15.81 44.82 -3.90
N GLY A 1931 16.21 46.09 -3.87
CA GLY A 1931 16.62 46.71 -2.61
C GLY A 1931 17.84 46.08 -1.99
N LYS A 1932 18.82 45.72 -2.80
CA LYS A 1932 20.09 45.17 -2.33
C LYS A 1932 21.22 45.79 -3.13
N LYS A 1933 22.29 46.18 -2.44
CA LYS A 1933 23.38 46.91 -3.05
C LYS A 1933 24.62 46.04 -3.18
N TYR A 1934 25.29 46.17 -4.33
CA TYR A 1934 26.53 45.46 -4.62
C TYR A 1934 27.54 46.45 -5.17
N TYR A 1935 28.82 46.15 -4.97
CA TYR A 1935 29.90 46.92 -5.57
C TYR A 1935 30.83 45.97 -6.31
N PHE A 1936 31.23 46.36 -7.51
CA PHE A 1936 31.99 45.51 -8.41
C PHE A 1936 33.36 46.10 -8.67
N ASP A 1937 34.39 45.27 -8.61
CA ASP A 1937 35.75 45.69 -8.87
C ASP A 1937 35.96 45.90 -10.38
N ASN A 1938 37.20 46.17 -10.76
CA ASN A 1938 37.51 46.41 -12.17
C ASN A 1938 37.25 45.17 -13.03
N ASP A 1939 37.33 43.98 -12.43
CA ASP A 1939 37.09 42.74 -13.15
C ASP A 1939 35.62 42.33 -13.13
N SER A 1940 34.73 43.25 -12.76
CA SER A 1940 33.29 43.02 -12.79
C SER A 1940 32.87 41.85 -11.90
N LYS A 1941 33.54 41.71 -10.75
CA LYS A 1941 33.18 40.72 -9.75
C LYS A 1941 32.84 41.46 -8.46
N ALA A 1942 31.72 41.08 -7.85
CA ALA A 1942 31.30 41.74 -6.62
C ALA A 1942 32.27 41.41 -5.49
N VAL A 1943 32.70 42.45 -4.79
CA VAL A 1943 33.63 42.29 -3.67
C VAL A 1943 32.86 41.86 -2.43
N THR A 1944 33.51 41.03 -1.61
CA THR A 1944 32.87 40.36 -0.48
C THR A 1944 33.63 40.64 0.81
N GLY A 1945 33.93 41.91 1.06
CA GLY A 1945 34.60 42.27 2.29
C GLY A 1945 34.51 43.76 2.54
N TRP A 1946 35.14 44.20 3.63
CA TRP A 1946 35.20 45.62 3.94
C TRP A 1946 35.83 46.37 2.79
N ARG A 1947 35.18 47.44 2.34
CA ARG A 1947 35.67 48.20 1.21
C ARG A 1947 35.50 49.69 1.47
N ILE A 1948 36.31 50.50 0.80
CA ILE A 1948 36.21 51.95 0.85
C ILE A 1948 36.12 52.45 -0.58
N ILE A 1949 35.04 53.16 -0.90
CA ILE A 1949 34.82 53.63 -2.27
C ILE A 1949 34.75 55.15 -2.29
N ASN A 1950 33.71 55.70 -1.68
CA ASN A 1950 33.52 57.15 -1.63
C ASN A 1950 34.02 57.71 -0.30
N ASN A 1951 35.29 57.42 0.00
CA ASN A 1951 35.92 57.78 1.28
C ASN A 1951 35.13 57.26 2.46
N GLU A 1952 34.27 56.27 2.24
CA GLU A 1952 33.45 55.66 3.28
C GLU A 1952 33.48 54.15 3.11
N LYS A 1953 33.41 53.45 4.22
CA LYS A 1953 33.58 52.00 4.23
C LYS A 1953 32.23 51.29 4.30
N TYR A 1954 32.06 50.32 3.41
CA TYR A 1954 30.91 49.43 3.38
C TYR A 1954 31.36 48.03 3.72
N TYR A 1955 30.41 47.22 4.19
CA TYR A 1955 30.65 45.81 4.48
C TYR A 1955 29.76 44.98 3.57
N PHE A 1956 30.37 44.24 2.65
CA PHE A 1956 29.66 43.33 1.77
C PHE A 1956 29.87 41.90 2.25
N ASN A 1957 28.77 41.15 2.36
CA ASN A 1957 28.83 39.82 2.93
C ASN A 1957 29.70 38.90 2.08
N PRO A 1958 30.38 37.93 2.69
CA PRO A 1958 31.22 36.99 1.92
C PRO A 1958 30.45 35.82 1.33
N ASN A 1959 29.15 35.71 1.58
CA ASN A 1959 28.36 34.59 1.08
C ASN A 1959 27.39 34.97 -0.04
N ASN A 1960 26.85 36.18 -0.03
CA ASN A 1960 25.99 36.65 -1.11
C ASN A 1960 26.37 38.02 -1.64
N ALA A 1961 27.41 38.65 -1.10
CA ALA A 1961 27.98 39.90 -1.60
C ALA A 1961 27.01 41.07 -1.55
N ILE A 1962 25.94 40.96 -0.77
CA ILE A 1962 25.01 42.07 -0.62
C ILE A 1962 25.55 43.05 0.42
N ALA A 1963 25.29 44.33 0.22
CA ALA A 1963 25.72 45.33 1.18
C ALA A 1963 24.92 45.19 2.47
N ALA A 1964 25.62 45.09 3.59
CA ALA A 1964 24.95 44.96 4.88
C ALA A 1964 24.21 46.24 5.22
N VAL A 1965 23.03 46.11 5.81
CA VAL A 1965 22.21 47.24 6.21
C VAL A 1965 21.71 47.01 7.63
N GLY A 1966 21.36 48.11 8.30
CA GLY A 1966 20.89 48.01 9.66
C GLY A 1966 22.00 47.62 10.62
N LEU A 1967 21.61 46.97 11.71
CA LEU A 1967 22.58 46.49 12.69
C LEU A 1967 23.16 45.16 12.23
N GLN A 1968 24.47 44.99 12.46
CA GLN A 1968 25.16 43.78 12.08
C GLN A 1968 26.15 43.39 13.16
N VAL A 1969 26.38 42.11 13.30
CA VAL A 1969 27.41 41.58 14.20
C VAL A 1969 28.46 40.89 13.33
N ILE A 1970 29.64 41.49 13.27
CA ILE A 1970 30.76 40.98 12.48
C ILE A 1970 31.93 40.76 13.43
N ASP A 1971 32.38 39.51 13.52
CA ASP A 1971 33.49 39.14 14.40
C ASP A 1971 33.23 39.59 15.83
N ASN A 1972 31.99 39.38 16.28
CA ASN A 1972 31.55 39.78 17.63
C ASN A 1972 31.72 41.27 17.86
N ASN A 1973 31.57 42.08 16.81
CA ASN A 1973 31.58 43.53 16.90
C ASN A 1973 30.33 44.07 16.23
N LYS A 1974 29.64 44.97 16.92
CA LYS A 1974 28.36 45.49 16.43
C LYS A 1974 28.61 46.74 15.59
N TYR A 1975 28.17 46.72 14.34
CA TYR A 1975 28.25 47.85 13.44
C TYR A 1975 26.84 48.24 12.99
N TYR A 1976 26.70 49.50 12.59
CA TYR A 1976 25.46 50.00 12.00
C TYR A 1976 25.75 50.52 10.60
N PHE A 1977 24.99 50.04 9.63
CA PHE A 1977 25.09 50.47 8.25
C PHE A 1977 23.79 51.14 7.84
N ASN A 1978 23.91 52.20 7.05
CA ASN A 1978 22.76 53.00 6.68
C ASN A 1978 21.74 52.12 5.95
N PRO A 1979 20.47 52.11 6.39
CA PRO A 1979 19.48 51.29 5.69
C PRO A 1979 19.28 51.67 4.24
N ASP A 1980 19.53 52.92 3.87
CA ASP A 1980 19.32 53.37 2.51
C ASP A 1980 20.60 53.28 1.67
N THR A 1981 21.65 53.98 2.08
CA THR A 1981 22.85 54.10 1.26
C THR A 1981 23.93 53.09 1.66
N ALA A 1982 23.67 52.27 2.68
CA ALA A 1982 24.55 51.18 3.10
C ALA A 1982 25.89 51.68 3.65
N ILE A 1983 26.02 53.00 3.85
CA ILE A 1983 27.23 53.53 4.46
C ILE A 1983 27.27 53.15 5.93
N ILE A 1984 28.48 52.88 6.44
CA ILE A 1984 28.63 52.60 7.85
C ILE A 1984 28.27 53.86 8.65
N SER A 1985 27.78 53.66 9.86
CA SER A 1985 27.35 54.76 10.72
C SER A 1985 28.35 54.98 11.85
N LYS A 1986 28.37 56.21 12.36
CA LYS A 1986 29.22 56.58 13.47
C LYS A 1986 28.44 57.51 14.40
N GLY A 1987 28.86 57.53 15.67
CA GLY A 1987 28.20 58.39 16.63
C GLY A 1987 26.95 57.78 17.22
N TRP A 1988 25.98 58.60 17.57
CA TRP A 1988 24.71 58.14 18.14
C TRP A 1988 23.75 57.80 17.02
N GLN A 1989 23.26 56.57 17.01
CA GLN A 1989 22.26 56.13 16.03
C GLN A 1989 21.17 55.34 16.74
N THR A 1990 19.93 55.71 16.50
CA THR A 1990 18.78 55.06 17.12
C THR A 1990 18.22 54.03 16.15
N VAL A 1991 18.40 52.75 16.47
CA VAL A 1991 17.90 51.65 15.67
C VAL A 1991 17.11 50.70 16.57
N ASN A 1992 15.93 50.28 16.10
CA ASN A 1992 15.08 49.33 16.79
C ASN A 1992 14.78 49.77 18.24
N GLY A 1993 14.56 51.07 18.42
CA GLY A 1993 14.21 51.60 19.73
C GLY A 1993 15.36 51.74 20.70
N SER A 1994 16.60 51.61 20.25
CA SER A 1994 17.77 51.73 21.12
C SER A 1994 18.78 52.67 20.49
N ARG A 1995 19.44 53.45 21.33
CA ARG A 1995 20.37 54.49 20.88
C ARG A 1995 21.80 53.98 21.03
N TYR A 1996 22.26 53.25 20.03
CA TYR A 1996 23.63 52.76 20.04
C TYR A 1996 24.61 53.90 19.77
N TYR A 1997 25.85 53.71 20.21
CA TYR A 1997 26.94 54.63 19.90
C TYR A 1997 28.08 53.84 19.26
N PHE A 1998 28.58 54.33 18.14
CA PHE A 1998 29.66 53.71 17.41
C PHE A 1998 30.84 54.66 17.28
N ASP A 1999 32.04 54.07 17.21
CA ASP A 1999 33.27 54.83 17.31
C ASP A 1999 33.36 55.88 16.22
N THR A 2000 34.07 56.97 16.53
CA THR A 2000 34.31 58.01 15.55
C THR A 2000 35.31 57.59 14.48
N ASP A 2001 36.12 56.57 14.76
CA ASP A 2001 37.12 56.08 13.82
C ASP A 2001 36.88 54.64 13.39
N THR A 2002 36.71 53.72 14.35
CA THR A 2002 36.66 52.30 14.03
C THR A 2002 35.24 51.79 13.82
N ALA A 2003 34.24 52.49 14.34
CA ALA A 2003 32.79 52.25 14.19
C ALA A 2003 32.27 51.08 15.02
N ILE A 2004 33.11 50.39 15.80
CA ILE A 2004 32.60 49.34 16.68
C ILE A 2004 31.83 49.99 17.83
N ALA A 2005 30.65 49.43 18.14
CA ALA A 2005 29.83 49.95 19.21
C ALA A 2005 30.54 49.80 20.56
N PHE A 2006 30.44 50.83 21.40
CA PHE A 2006 31.09 50.80 22.69
C PHE A 2006 30.42 49.80 23.62
N ASN A 2007 31.17 49.39 24.64
CA ASN A 2007 30.67 48.53 25.71
C ASN A 2007 31.29 48.97 27.03
N GLY A 2008 30.64 48.61 28.12
CA GLY A 2008 31.10 49.04 29.42
C GLY A 2008 30.83 50.52 29.65
N TYR A 2009 31.52 51.08 30.63
CA TYR A 2009 31.40 52.50 30.94
C TYR A 2009 32.47 53.27 30.15
N LYS A 2010 32.01 54.23 29.34
CA LYS A 2010 32.88 54.97 28.44
C LYS A 2010 32.51 56.45 28.50
N THR A 2011 33.48 57.29 28.12
CA THR A 2011 33.31 58.73 28.16
C THR A 2011 33.25 59.31 26.73
N ILE A 2012 32.17 60.03 26.45
CA ILE A 2012 31.96 60.70 25.18
C ILE A 2012 31.42 62.10 25.44
N ASP A 2013 31.94 63.09 24.72
CA ASP A 2013 31.50 64.48 24.85
C ASP A 2013 31.71 64.99 26.27
N GLY A 2014 32.80 64.56 26.90
CA GLY A 2014 33.05 64.94 28.27
C GLY A 2014 32.05 64.38 29.25
N LYS A 2015 31.28 63.37 28.84
CA LYS A 2015 30.24 62.78 29.65
C LYS A 2015 30.40 61.27 29.63
N HIS A 2016 30.23 60.64 30.80
CA HIS A 2016 30.44 59.20 30.95
C HIS A 2016 29.14 58.45 30.73
N PHE A 2017 29.19 57.44 29.86
CA PHE A 2017 28.03 56.64 29.50
C PHE A 2017 28.32 55.18 29.80
N TYR A 2018 27.27 54.40 29.98
CA TYR A 2018 27.38 52.97 30.24
C TYR A 2018 26.70 52.19 29.13
N PHE A 2019 27.38 51.17 28.62
CA PHE A 2019 26.86 50.32 27.56
C PHE A 2019 27.06 48.86 27.93
N ASP A 2020 26.14 48.01 27.48
CA ASP A 2020 26.22 46.58 27.70
C ASP A 2020 25.88 45.81 26.44
N SER A 2021 26.61 44.71 26.22
CA SER A 2021 26.41 43.85 25.05
C SER A 2021 26.47 44.66 23.74
N ASP A 2022 27.43 45.58 23.68
CA ASP A 2022 27.58 46.49 22.53
C ASP A 2022 26.28 47.25 22.26
N CYS A 2023 25.58 47.61 23.34
CA CYS A 2023 24.31 48.31 23.24
C CYS A 2023 24.17 49.25 24.42
N VAL A 2024 23.34 50.27 24.24
CA VAL A 2024 23.14 51.26 25.30
C VAL A 2024 22.20 50.70 26.35
N VAL A 2025 22.43 51.07 27.60
CA VAL A 2025 21.55 50.72 28.71
C VAL A 2025 20.89 52.01 29.20
N LYS A 2026 19.58 51.96 29.39
CA LYS A 2026 18.83 53.15 29.75
C LYS A 2026 18.67 53.30 31.26
N ILE A 2027 18.48 52.18 31.97
CA ILE A 2027 18.34 52.24 33.42
C ILE A 2027 19.63 52.73 34.06
N GLY A 2028 20.76 52.20 33.62
CA GLY A 2028 22.03 52.65 34.14
C GLY A 2028 22.21 52.28 35.60
N VAL A 2029 22.49 53.29 36.42
CA VAL A 2029 22.81 53.20 37.85
C VAL A 2029 23.60 51.94 38.19
N PHE A 2030 24.63 51.67 37.40
CA PHE A 2030 25.57 50.60 37.73
C PHE A 2030 26.73 51.18 38.53
N SER A 2031 27.81 50.40 38.66
CA SER A 2031 29.01 50.79 39.38
C SER A 2031 30.19 50.84 38.43
N GLY A 2032 31.38 51.01 39.00
CA GLY A 2032 32.61 51.08 38.22
C GLY A 2032 33.46 52.26 38.59
N SER A 2033 34.76 52.21 38.27
CA SER A 2033 35.65 53.32 38.58
C SER A 2033 35.18 54.57 37.86
N ASN A 2034 35.06 55.67 38.61
CA ASN A 2034 34.43 56.89 38.12
C ASN A 2034 33.06 56.60 37.54
N GLY A 2035 32.33 55.69 38.20
CA GLY A 2035 30.99 55.35 37.81
C GLY A 2035 30.01 55.62 38.93
N PHE A 2036 29.30 54.58 39.38
CA PHE A 2036 28.32 54.65 40.48
C PHE A 2036 27.52 55.94 40.43
N GLU A 2037 26.96 56.22 39.26
CA GLU A 2037 26.23 57.47 39.04
C GLU A 2037 24.82 57.22 38.54
N TYR A 2038 24.14 58.27 38.12
CA TYR A 2038 22.78 58.18 37.57
C TYR A 2038 22.89 58.32 36.05
N PHE A 2039 22.78 57.20 35.34
CA PHE A 2039 22.71 57.21 33.89
C PHE A 2039 21.24 57.39 33.47
N ALA A 2040 20.71 58.56 33.82
CA ALA A 2040 19.29 58.87 33.75
C ALA A 2040 18.84 59.10 32.30
N PRO A 2041 17.62 58.69 31.98
CA PRO A 2041 17.03 59.08 30.69
C PRO A 2041 16.38 60.45 30.76
N ALA A 2042 15.96 60.84 31.96
CA ALA A 2042 15.24 62.09 32.14
C ALA A 2042 16.16 63.29 31.90
N ASN A 2043 15.63 64.30 31.22
CA ASN A 2043 16.39 65.48 30.82
C ASN A 2043 16.33 66.60 31.86
N THR A 2044 16.16 66.26 33.14
CA THR A 2044 16.05 67.28 34.17
C THR A 2044 17.36 68.04 34.38
N TYR A 2045 18.49 67.49 33.94
CA TYR A 2045 19.79 68.11 34.15
C TYR A 2045 20.26 68.72 32.82
N ASN A 2046 19.86 69.97 32.59
CA ASN A 2046 20.30 70.75 31.42
C ASN A 2046 19.99 70.02 30.11
N ASN A 2047 18.83 69.36 30.07
CA ASN A 2047 18.40 68.61 28.90
C ASN A 2047 19.47 67.62 28.45
N ASN A 2048 19.76 66.68 29.35
CA ASN A 2048 20.80 65.69 29.08
C ASN A 2048 20.36 64.73 27.97
N ILE A 2049 21.34 64.08 27.37
CA ILE A 2049 21.07 63.05 26.37
C ILE A 2049 20.84 61.73 27.09
N GLU A 2050 20.26 60.77 26.36
CA GLU A 2050 19.91 59.49 26.96
C GLU A 2050 21.16 58.77 27.43
N GLY A 2051 21.10 58.24 28.66
CA GLY A 2051 22.23 57.52 29.22
C GLY A 2051 23.37 58.39 29.69
N GLN A 2052 23.14 59.66 29.97
CA GLN A 2052 24.18 60.55 30.45
C GLN A 2052 24.21 60.57 31.97
N ALA A 2053 25.42 60.77 32.51
CA ALA A 2053 25.58 60.85 33.96
C ALA A 2053 25.02 62.16 34.50
N ILE A 2054 24.28 62.06 35.61
CA ILE A 2054 23.65 63.21 36.25
C ILE A 2054 24.21 63.33 37.66
N VAL A 2055 24.63 64.54 38.03
CA VAL A 2055 25.09 64.79 39.40
C VAL A 2055 23.93 64.56 40.37
N TYR A 2056 22.79 65.19 40.10
CA TYR A 2056 21.50 64.97 40.74
C TYR A 2056 21.46 65.40 42.20
N GLN A 2057 22.59 65.86 42.76
CA GLN A 2057 22.67 66.29 44.16
C GLN A 2057 22.25 65.18 45.13
N SER A 2058 22.11 65.54 46.41
CA SER A 2058 21.80 64.56 47.45
C SER A 2058 20.31 64.57 47.72
N LYS A 2059 19.57 63.87 46.87
CA LYS A 2059 18.12 63.73 47.02
C LYS A 2059 17.72 62.28 46.79
N PHE A 2060 16.68 61.87 47.51
CA PHE A 2060 16.18 60.50 47.40
C PHE A 2060 15.60 60.24 46.02
N LEU A 2061 15.92 59.08 45.46
CA LEU A 2061 15.51 58.77 44.09
C LEU A 2061 15.35 57.27 43.91
N THR A 2062 14.46 56.90 43.00
CA THR A 2062 14.23 55.51 42.65
C THR A 2062 13.99 55.41 41.16
N LEU A 2063 14.27 54.23 40.59
CA LEU A 2063 14.15 54.03 39.15
C LEU A 2063 13.07 53.01 38.79
N ASN A 2064 13.16 51.79 39.31
CA ASN A 2064 12.21 50.72 39.01
C ASN A 2064 11.83 49.99 40.28
N GLY A 2065 11.55 50.75 41.33
CA GLY A 2065 11.39 50.18 42.65
C GLY A 2065 12.68 49.97 43.40
N LYS A 2066 13.82 50.34 42.80
CA LYS A 2066 15.12 50.24 43.45
C LYS A 2066 15.56 51.64 43.86
N LYS A 2067 15.96 51.78 45.11
CA LYS A 2067 16.30 53.08 45.69
C LYS A 2067 17.80 53.33 45.54
N TYR A 2068 18.16 54.50 45.02
CA TYR A 2068 19.54 54.84 44.70
C TYR A 2068 19.89 56.22 45.22
N TYR A 2069 19.60 56.48 46.49
CA TYR A 2069 19.90 57.79 47.07
C TYR A 2069 21.38 58.12 46.92
N PHE A 2070 21.67 59.33 46.46
CA PHE A 2070 23.01 59.77 46.11
C PHE A 2070 23.43 60.94 46.99
N ASP A 2071 24.58 61.52 46.67
CA ASP A 2071 25.12 62.69 47.35
C ASP A 2071 25.26 63.84 46.34
N ASN A 2072 25.81 64.96 46.81
CA ASN A 2072 26.02 66.11 45.95
C ASN A 2072 27.16 65.91 44.97
N ASN A 2073 27.98 64.87 45.15
CA ASN A 2073 29.13 64.62 44.29
C ASN A 2073 28.89 63.51 43.29
N SER A 2074 27.62 63.12 43.09
CA SER A 2074 27.23 62.08 42.14
C SER A 2074 27.93 60.75 42.46
N LYS A 2075 27.63 60.22 43.64
CA LYS A 2075 28.21 58.98 44.12
C LYS A 2075 27.11 58.10 44.69
N ALA A 2076 27.27 56.79 44.51
CA ALA A 2076 26.39 55.81 45.12
C ALA A 2076 26.93 55.45 46.50
N VAL A 2077 26.08 55.54 47.52
CA VAL A 2077 26.51 55.29 48.90
C VAL A 2077 26.37 53.79 49.12
N THR A 2078 27.40 53.06 48.70
CA THR A 2078 27.41 51.61 48.81
C THR A 2078 27.69 51.20 50.25
N GLY A 2079 26.82 50.37 50.79
CA GLY A 2079 26.96 49.90 52.16
C GLY A 2079 26.19 50.80 53.13
N TRP A 2080 26.89 51.35 54.12
CA TRP A 2080 26.27 52.11 55.19
C TRP A 2080 26.06 53.56 54.75
N GLN A 2081 24.83 54.04 54.87
CA GLN A 2081 24.50 55.42 54.58
C GLN A 2081 24.73 56.26 55.83
N THR A 2082 24.29 57.52 55.79
CA THR A 2082 24.39 58.43 56.92
C THR A 2082 23.15 58.39 57.80
N ILE A 2083 22.49 57.24 57.88
CA ILE A 2083 21.29 57.01 58.69
C ILE A 2083 20.12 57.78 58.09
N ASP A 2084 20.26 59.11 57.99
CA ASP A 2084 19.21 59.99 57.48
C ASP A 2084 17.92 59.82 58.29
N SER A 2085 18.07 59.68 59.61
CA SER A 2085 16.98 59.49 60.56
C SER A 2085 16.20 58.20 60.33
N LYS A 2086 16.68 57.33 59.44
CA LYS A 2086 15.98 56.08 59.17
C LYS A 2086 16.91 54.87 59.12
N LYS A 2087 18.22 55.04 59.33
CA LYS A 2087 19.19 53.94 59.30
C LYS A 2087 19.12 53.22 57.94
N TYR A 2088 19.54 53.97 56.92
CA TYR A 2088 19.49 53.47 55.55
C TYR A 2088 20.73 52.64 55.22
N TYR A 2089 20.52 51.56 54.47
CA TYR A 2089 21.59 50.70 54.01
C TYR A 2089 21.37 50.40 52.52
N PHE A 2090 22.46 50.25 51.78
CA PHE A 2090 22.40 50.02 50.34
C PHE A 2090 23.22 48.80 49.97
N ASN A 2091 22.87 48.21 48.84
CA ASN A 2091 23.61 47.05 48.34
C ASN A 2091 25.05 47.43 48.03
N THR A 2092 25.95 46.48 48.28
CA THR A 2092 27.37 46.72 48.02
C THR A 2092 27.64 46.91 46.54
N ASN A 2093 27.00 46.10 45.69
CA ASN A 2093 27.21 46.16 44.25
C ASN A 2093 26.01 46.79 43.53
N THR A 2094 24.81 46.27 43.74
CA THR A 2094 23.62 46.80 43.08
C THR A 2094 23.32 48.23 43.50
N ALA A 2095 23.81 48.65 44.67
CA ALA A 2095 23.54 49.99 45.21
C ALA A 2095 22.04 50.24 45.35
N GLU A 2096 21.31 49.19 45.70
CA GLU A 2096 19.87 49.27 45.91
C GLU A 2096 19.56 49.05 47.38
N ALA A 2097 18.52 49.73 47.86
CA ALA A 2097 18.06 49.55 49.24
C ALA A 2097 17.27 48.26 49.33
N ALA A 2098 17.94 47.18 49.74
CA ALA A 2098 17.33 45.85 49.73
C ALA A 2098 16.31 45.71 50.84
N THR A 2099 15.06 46.05 50.57
CA THR A 2099 14.00 45.86 51.55
C THR A 2099 13.74 44.38 51.76
N GLY A 2100 13.28 44.06 52.97
CA GLY A 2100 13.07 42.67 53.34
C GLY A 2100 14.02 42.22 54.41
N TRP A 2101 14.63 41.05 54.24
CA TRP A 2101 15.60 40.51 55.19
C TRP A 2101 16.99 40.56 54.58
N GLN A 2102 17.98 40.97 55.38
CA GLN A 2102 19.35 41.01 54.91
C GLN A 2102 20.31 40.70 56.06
N THR A 2103 21.33 39.92 55.74
CA THR A 2103 22.32 39.48 56.73
C THR A 2103 23.58 40.34 56.65
N ILE A 2104 23.43 41.60 57.05
CA ILE A 2104 24.58 42.48 57.17
C ILE A 2104 25.39 42.07 58.40
N ASP A 2105 26.70 41.87 58.20
CA ASP A 2105 27.61 41.51 59.30
C ASP A 2105 27.14 40.25 60.01
N GLY A 2106 26.57 39.32 59.24
CA GLY A 2106 26.00 38.13 59.84
C GLY A 2106 24.87 38.42 60.80
N LYS A 2107 23.97 39.34 60.42
CA LYS A 2107 22.89 39.78 61.31
C LYS A 2107 21.54 39.59 60.63
N LYS A 2108 20.49 40.17 61.21
CA LYS A 2108 19.12 39.95 60.79
C LYS A 2108 18.41 41.27 60.54
N TYR A 2109 19.02 42.16 59.75
CA TYR A 2109 18.45 43.48 59.52
C TYR A 2109 17.23 43.37 58.62
N TYR A 2110 16.09 43.84 59.11
CA TYR A 2110 14.87 43.90 58.32
C TYR A 2110 14.67 45.34 57.86
N PHE A 2111 14.61 45.53 56.55
CA PHE A 2111 14.38 46.84 55.95
C PHE A 2111 12.91 46.95 55.56
N ASN A 2112 12.24 47.98 56.08
CA ASN A 2112 10.81 48.09 55.93
C ASN A 2112 10.42 48.27 54.47
N THR A 2113 9.24 47.78 54.12
CA THR A 2113 8.77 47.76 52.74
C THR A 2113 8.48 49.15 52.19
N ASN A 2114 8.37 50.17 53.04
CA ASN A 2114 7.94 51.47 52.56
C ASN A 2114 8.93 52.02 51.53
N THR A 2115 10.12 52.43 51.95
CA THR A 2115 11.26 52.49 51.04
C THR A 2115 12.44 51.67 51.58
N ALA A 2116 13.06 52.11 52.68
CA ALA A 2116 14.15 51.35 53.30
C ALA A 2116 14.20 51.57 54.82
N GLU A 2117 13.03 51.76 55.46
CA GLU A 2117 12.99 52.34 56.80
C GLU A 2117 13.77 51.52 57.82
N ALA A 2118 14.01 50.23 57.56
CA ALA A 2118 14.93 49.39 58.34
C ALA A 2118 14.39 49.23 59.76
N ALA A 2119 15.17 49.52 60.79
CA ALA A 2119 14.76 49.26 62.16
C ALA A 2119 13.77 50.30 62.65
N THR A 2120 12.67 49.85 63.22
CA THR A 2120 11.65 50.70 63.82
C THR A 2120 11.26 50.18 65.20
N GLY A 2121 12.21 49.61 65.92
CA GLY A 2121 11.93 48.99 67.20
C GLY A 2121 11.01 47.79 67.02
N TRP A 2122 9.77 47.92 67.50
CA TRP A 2122 8.77 46.91 67.23
C TRP A 2122 8.55 46.76 65.73
N GLN A 2123 8.50 45.51 65.26
CA GLN A 2123 8.28 45.24 63.84
C GLN A 2123 7.63 43.87 63.71
N THR A 2124 6.32 43.85 63.52
CA THR A 2124 5.60 42.62 63.25
C THR A 2124 5.74 42.27 61.77
N ILE A 2125 6.27 41.08 61.49
CA ILE A 2125 6.60 40.67 60.13
C ILE A 2125 5.96 39.31 59.90
N ASP A 2126 4.88 39.27 59.12
CA ASP A 2126 4.17 38.04 58.78
C ASP A 2126 3.77 37.27 60.04
N GLY A 2127 3.24 38.00 61.01
CA GLY A 2127 2.88 37.45 62.30
C GLY A 2127 4.01 37.42 63.31
N LYS A 2128 5.22 37.11 62.84
CA LYS A 2128 6.38 37.09 63.71
C LYS A 2128 6.70 38.51 64.18
N LYS A 2129 6.98 38.66 65.47
CA LYS A 2129 7.24 39.95 66.07
C LYS A 2129 8.73 40.07 66.40
N TYR A 2130 9.34 41.18 65.98
CA TYR A 2130 10.73 41.47 66.28
C TYR A 2130 10.81 42.87 66.89
N TYR A 2131 11.66 43.01 67.91
CA TYR A 2131 12.00 44.32 68.45
C TYR A 2131 13.41 44.68 67.99
N PHE A 2132 13.55 45.89 67.44
CA PHE A 2132 14.81 46.34 66.88
C PHE A 2132 15.46 47.39 67.77
N ASN A 2133 16.79 47.39 67.78
CA ASN A 2133 17.54 48.41 68.50
C ASN A 2133 17.34 49.76 67.83
N THR A 2134 16.88 50.75 68.60
CA THR A 2134 16.65 52.07 68.04
C THR A 2134 17.95 52.71 67.58
N ASN A 2135 19.04 52.50 68.33
CA ASN A 2135 20.35 53.05 67.98
C ASN A 2135 21.02 52.16 66.94
N THR A 2136 20.34 52.03 65.79
CA THR A 2136 20.79 51.20 64.69
C THR A 2136 21.15 49.80 65.16
N SER A 2137 22.39 49.38 64.91
CA SER A 2137 22.96 48.13 65.44
C SER A 2137 22.09 46.96 64.99
N ILE A 2138 22.07 45.89 65.79
CA ILE A 2138 21.45 44.62 65.43
C ILE A 2138 20.30 44.35 66.39
N ALA A 2139 19.41 43.43 65.99
CA ALA A 2139 18.36 42.93 66.88
C ALA A 2139 18.33 41.41 66.82
N SER A 2140 19.24 40.77 67.54
CA SER A 2140 19.08 39.37 67.95
C SER A 2140 19.97 39.16 69.17
N THR A 2141 19.39 39.32 70.36
CA THR A 2141 20.16 39.17 71.59
C THR A 2141 19.58 38.12 72.53
N GLY A 2142 18.31 38.22 72.89
CA GLY A 2142 17.78 37.46 74.00
C GLY A 2142 18.22 38.05 75.31
N TYR A 2143 17.32 38.10 76.31
CA TYR A 2143 17.61 38.71 77.60
C TYR A 2143 18.03 40.17 77.42
N THR A 2144 17.19 40.92 76.70
CA THR A 2144 17.46 42.30 76.33
C THR A 2144 16.58 43.23 77.15
N ILE A 2145 17.17 44.27 77.71
CA ILE A 2145 16.45 45.28 78.48
C ILE A 2145 16.13 46.46 77.57
N ILE A 2146 14.84 46.78 77.47
CA ILE A 2146 14.39 47.90 76.64
C ILE A 2146 13.31 48.68 77.38
N ASN A 2147 13.70 49.80 77.98
CA ASN A 2147 12.77 50.67 78.73
C ASN A 2147 12.01 49.88 79.79
N GLY A 2148 12.72 49.00 80.50
CA GLY A 2148 12.12 48.18 81.53
C GLY A 2148 11.53 46.88 81.04
N LYS A 2149 11.69 46.53 79.77
CA LYS A 2149 11.12 45.32 79.20
C LYS A 2149 12.24 44.33 78.91
N TYR A 2150 12.08 43.10 79.38
CA TYR A 2150 13.03 42.02 79.13
C TYR A 2150 12.42 41.01 78.18
N PHE A 2151 13.04 40.84 77.02
CA PHE A 2151 12.51 40.01 75.95
C PHE A 2151 13.54 38.98 75.51
N TYR A 2152 13.06 37.85 75.02
CA TYR A 2152 13.92 36.78 74.52
C TYR A 2152 13.81 36.69 73.01
N PHE A 2153 14.95 36.67 72.34
CA PHE A 2153 15.05 36.46 70.91
C PHE A 2153 15.77 35.13 70.67
N ASN A 2154 15.21 34.31 69.79
CA ASN A 2154 15.82 33.04 69.45
C ASN A 2154 16.97 33.27 68.46
N THR A 2155 17.48 32.19 67.86
CA THR A 2155 18.61 32.33 66.95
C THR A 2155 18.27 33.22 65.76
N ASP A 2156 17.07 33.04 65.19
CA ASP A 2156 16.67 33.90 64.08
C ASP A 2156 16.21 35.27 64.55
N GLY A 2157 15.64 35.36 65.76
CA GLY A 2157 15.20 36.63 66.31
C GLY A 2157 13.72 36.75 66.57
N ILE A 2158 12.92 35.71 66.30
CA ILE A 2158 11.48 35.79 66.55
C ILE A 2158 11.23 35.85 68.05
N MET A 2159 10.25 36.66 68.44
CA MET A 2159 9.85 36.72 69.84
C MET A 2159 9.19 35.40 70.25
N GLN A 2160 9.51 34.95 71.47
CA GLN A 2160 8.95 33.72 72.02
C GLN A 2160 8.04 34.05 73.20
N ILE A 2161 7.31 33.04 73.65
CA ILE A 2161 6.34 33.20 74.72
C ILE A 2161 6.53 32.11 75.75
N GLY A 2162 7.65 31.38 75.66
CA GLY A 2162 7.94 30.28 76.55
C GLY A 2162 8.70 30.70 77.78
N VAL A 2163 9.28 29.69 78.45
CA VAL A 2163 10.10 29.89 79.64
C VAL A 2163 11.53 29.57 79.25
N PHE A 2164 12.41 30.56 79.33
CA PHE A 2164 13.76 30.43 78.79
C PHE A 2164 14.78 30.86 79.83
N LYS A 2165 16.00 30.34 79.69
CA LYS A 2165 17.03 30.52 80.69
C LYS A 2165 17.86 31.77 80.39
N VAL A 2166 17.89 32.68 81.35
CA VAL A 2166 18.82 33.81 81.35
C VAL A 2166 19.84 33.49 82.43
N PRO A 2167 21.00 34.16 82.50
CA PRO A 2167 22.00 33.83 83.53
C PRO A 2167 21.50 33.97 84.97
N ASN A 2168 20.28 34.47 85.14
CA ASN A 2168 19.69 34.62 86.47
C ASN A 2168 18.66 33.54 86.78
N GLY A 2169 18.54 32.53 85.94
CA GLY A 2169 17.57 31.46 86.11
C GLY A 2169 16.65 31.34 84.91
N PHE A 2170 15.70 30.42 85.03
CA PHE A 2170 14.73 30.20 83.97
C PHE A 2170 13.59 31.19 84.15
N GLU A 2171 13.61 32.28 83.38
CA GLU A 2171 12.61 33.32 83.47
C GLU A 2171 11.45 33.00 82.54
N TYR A 2172 10.24 33.33 82.99
CA TYR A 2172 9.01 33.08 82.24
C TYR A 2172 8.56 34.35 81.56
N PHE A 2173 8.22 34.25 80.27
CA PHE A 2173 7.74 35.37 79.48
C PHE A 2173 6.30 35.09 79.06
N ALA A 2174 5.42 36.06 79.30
CA ALA A 2174 3.99 35.86 79.24
C ALA A 2174 3.34 36.77 78.19
N PRO A 2175 2.17 36.39 77.69
CA PRO A 2175 1.41 37.29 76.80
C PRO A 2175 1.01 38.59 77.50
N ALA A 2176 0.43 39.48 76.71
CA ALA A 2176 0.12 40.82 77.20
C ALA A 2176 -0.93 40.80 78.31
N ASN A 2177 -1.95 39.96 78.18
CA ASN A 2177 -3.11 39.99 79.08
C ASN A 2177 -2.95 39.07 80.28
N THR A 2178 -1.72 38.74 80.67
CA THR A 2178 -1.53 37.85 81.82
C THR A 2178 -1.58 38.61 83.14
N HIS A 2179 -0.66 39.56 83.32
CA HIS A 2179 -0.53 40.27 84.58
C HIS A 2179 -0.14 41.71 84.32
N ASN A 2180 -0.77 42.62 85.07
CA ASN A 2180 -0.47 44.05 85.03
C ASN A 2180 -0.68 44.67 83.65
N ASN A 2181 -1.43 44.00 82.78
CA ASN A 2181 -1.70 44.47 81.43
C ASN A 2181 -0.40 44.82 80.70
N ASN A 2182 0.56 43.90 80.80
CA ASN A 2182 1.90 44.13 80.28
C ASN A 2182 1.90 44.02 78.75
N ILE A 2183 3.11 44.11 78.18
CA ILE A 2183 3.33 43.91 76.75
C ILE A 2183 3.80 42.48 76.55
N GLU A 2184 3.50 41.92 75.38
CA GLU A 2184 3.82 40.54 75.07
C GLU A 2184 5.32 40.28 75.18
N GLY A 2185 5.71 39.41 76.10
CA GLY A 2185 7.11 39.07 76.32
C GLY A 2185 7.70 39.55 77.62
N GLN A 2186 6.97 40.36 78.39
CA GLN A 2186 7.49 40.87 79.66
C GLN A 2186 7.78 39.73 80.62
N ALA A 2187 8.87 39.87 81.37
CA ALA A 2187 9.21 38.92 82.42
C ALA A 2187 8.30 39.12 83.62
N ILE A 2188 7.12 38.49 83.59
CA ILE A 2188 6.13 38.70 84.64
C ILE A 2188 6.64 38.18 85.97
N LEU A 2189 6.30 38.89 87.05
CA LEU A 2189 6.64 38.46 88.39
C LEU A 2189 5.74 37.30 88.81
N TYR A 2190 5.90 36.16 88.13
CA TYR A 2190 5.12 34.97 88.43
C TYR A 2190 5.90 34.15 89.45
N GLN A 2191 5.34 34.00 90.65
CA GLN A 2191 6.02 33.30 91.73
C GLN A 2191 5.01 32.53 92.56
N ASN A 2192 5.51 31.50 93.24
CA ASN A 2192 4.72 30.64 94.12
C ASN A 2192 3.54 30.01 93.39
N LYS A 2193 3.73 29.69 92.11
CA LYS A 2193 2.65 29.13 91.31
C LYS A 2193 3.21 28.16 90.28
N PHE A 2194 2.36 27.25 89.84
CA PHE A 2194 2.67 26.33 88.76
C PHE A 2194 2.33 26.97 87.41
N LEU A 2195 2.85 26.37 86.34
CA LEU A 2195 2.65 26.93 85.01
C LEU A 2195 2.93 25.85 83.98
N THR A 2196 2.29 25.99 82.82
CA THR A 2196 2.46 25.03 81.74
C THR A 2196 2.26 25.72 80.40
N LEU A 2197 2.98 25.21 79.39
CA LEU A 2197 2.84 25.69 78.02
C LEU A 2197 2.11 24.69 77.14
N ASN A 2198 2.62 23.46 77.05
CA ASN A 2198 2.02 22.39 76.24
C ASN A 2198 2.04 21.09 77.03
N GLY A 2199 1.67 21.19 78.31
CA GLY A 2199 1.84 20.08 79.23
C GLY A 2199 3.19 20.06 79.91
N LYS A 2200 4.10 20.94 79.53
CA LYS A 2200 5.41 21.04 80.16
C LYS A 2200 5.27 21.86 81.44
N LYS A 2201 5.51 21.24 82.58
CA LYS A 2201 5.21 21.85 83.87
C LYS A 2201 6.44 22.53 84.45
N TYR A 2202 6.27 23.79 84.87
CA TYR A 2202 7.27 24.52 85.62
C TYR A 2202 6.61 25.06 86.88
N TYR A 2203 7.45 25.38 87.88
CA TYR A 2203 6.98 26.02 89.10
C TYR A 2203 7.89 27.18 89.43
N PHE A 2204 7.31 28.23 90.02
CA PHE A 2204 8.07 29.42 90.39
C PHE A 2204 7.78 29.79 91.84
N GLY A 2205 8.82 30.15 92.56
CA GLY A 2205 8.69 30.57 93.94
C GLY A 2205 9.70 31.62 94.28
N SER A 2206 9.33 32.53 95.18
CA SER A 2206 10.15 33.68 95.55
C SER A 2206 10.48 34.51 94.30
N ASP A 2207 11.68 34.33 93.76
CA ASP A 2207 12.02 34.96 92.50
C ASP A 2207 11.26 34.28 91.36
N SER A 2208 11.07 35.03 90.28
CA SER A 2208 10.32 34.50 89.15
C SER A 2208 11.21 33.65 88.26
N LYS A 2209 11.91 32.68 88.85
CA LYS A 2209 12.79 31.79 88.12
C LYS A 2209 12.56 30.35 88.59
N ALA A 2210 12.87 29.41 87.70
CA ALA A 2210 12.65 28.00 88.02
C ALA A 2210 13.57 27.54 89.13
N ILE A 2211 13.13 26.53 89.86
CA ILE A 2211 13.84 25.99 91.00
C ILE A 2211 14.22 24.55 90.71
N THR A 2212 14.58 24.29 89.45
CA THR A 2212 14.88 22.96 88.93
C THR A 2212 15.62 22.09 89.95
N GLY A 2213 15.12 20.87 90.14
CA GLY A 2213 15.61 19.95 91.13
C GLY A 2213 14.44 19.22 91.77
N TRP A 2214 14.67 18.71 92.97
CA TRP A 2214 13.60 18.10 93.75
C TRP A 2214 12.87 19.16 94.54
N GLN A 2215 11.54 19.19 94.42
CA GLN A 2215 10.73 20.20 95.08
C GLN A 2215 9.54 19.52 95.77
N THR A 2216 9.09 20.15 96.85
CA THR A 2216 8.12 19.53 97.75
C THR A 2216 6.90 20.44 97.91
N ILE A 2217 6.34 20.91 96.80
CA ILE A 2217 5.17 21.77 96.84
C ILE A 2217 4.00 20.99 97.42
N ASP A 2218 3.44 21.48 98.53
CA ASP A 2218 2.29 20.88 99.19
C ASP A 2218 2.54 19.41 99.57
N GLY A 2219 3.79 19.08 99.89
CA GLY A 2219 4.14 17.73 100.28
C GLY A 2219 4.35 16.77 99.14
N LYS A 2220 4.26 17.22 97.89
CA LYS A 2220 4.50 16.35 96.74
C LYS A 2220 6.01 16.23 96.54
N LYS A 2221 6.43 15.55 95.47
CA LYS A 2221 7.85 15.29 95.24
C LYS A 2221 8.20 15.54 93.78
N TYR A 2222 7.87 16.73 93.28
CA TYR A 2222 8.14 17.04 91.88
C TYR A 2222 9.64 17.07 91.62
N TYR A 2223 10.01 16.79 90.38
CA TYR A 2223 11.39 16.91 89.93
C TYR A 2223 11.42 17.67 88.62
N PHE A 2224 12.11 18.80 88.59
CA PHE A 2224 12.27 19.60 87.39
C PHE A 2224 13.68 19.43 86.85
N ASN A 2225 13.77 19.12 85.55
CA ASN A 2225 15.05 18.86 84.93
C ASN A 2225 15.91 20.12 84.93
N PRO A 2226 17.13 20.08 85.48
CA PRO A 2226 17.98 21.28 85.45
C PRO A 2226 18.31 21.76 84.05
N ASN A 2227 18.32 20.86 83.06
CA ASN A 2227 18.61 21.27 81.69
C ASN A 2227 17.55 22.22 81.15
N ASN A 2228 16.28 21.93 81.41
CA ASN A 2228 15.20 22.67 80.77
C ASN A 2228 14.07 23.09 81.70
N ALA A 2229 14.20 22.88 83.02
CA ALA A 2229 13.20 23.29 84.00
C ALA A 2229 11.88 22.57 83.82
N ILE A 2230 11.80 21.66 82.85
CA ILE A 2230 10.59 20.90 82.61
C ILE A 2230 10.49 19.77 83.62
N ALA A 2231 9.34 19.66 84.28
CA ALA A 2231 9.14 18.60 85.24
C ALA A 2231 9.16 17.24 84.55
N ALA A 2232 9.91 16.30 85.12
CA ALA A 2232 9.91 14.94 84.60
C ALA A 2232 8.55 14.31 84.84
N THR A 2233 8.05 13.58 83.84
CA THR A 2233 6.71 13.02 83.87
C THR A 2233 6.70 11.59 83.35
N HIS A 2234 7.75 10.84 83.63
CA HIS A 2234 7.88 9.46 83.15
C HIS A 2234 9.01 8.80 83.93
N LEU A 2235 9.42 7.61 83.48
CA LEU A 2235 10.59 6.95 84.03
C LEU A 2235 11.82 7.76 83.66
N CYS A 2236 12.41 8.44 84.65
CA CYS A 2236 13.52 9.35 84.45
C CYS A 2236 14.74 8.86 85.20
N THR A 2237 15.89 8.82 84.52
CA THR A 2237 17.14 8.39 85.12
C THR A 2237 17.86 9.60 85.68
N ILE A 2238 17.99 9.64 87.01
CA ILE A 2238 18.69 10.73 87.69
C ILE A 2238 19.79 10.12 88.55
N ASN A 2239 21.04 10.41 88.19
CA ASN A 2239 22.21 9.87 88.89
C ASN A 2239 22.15 8.35 88.97
N ASN A 2240 21.77 7.72 87.86
CA ASN A 2240 21.57 6.27 87.80
C ASN A 2240 20.60 5.81 88.87
N ASP A 2241 19.52 6.57 89.04
CA ASP A 2241 18.59 6.39 90.14
C ASP A 2241 17.15 6.47 89.65
N LYS A 2242 16.82 5.68 88.63
CA LYS A 2242 15.55 5.75 87.91
C LYS A 2242 14.35 5.93 88.84
N TYR A 2243 13.54 6.95 88.55
CA TYR A 2243 12.31 7.25 89.27
C TYR A 2243 11.14 7.23 88.31
N TYR A 2244 9.93 7.10 88.84
CA TYR A 2244 8.71 7.15 88.06
C TYR A 2244 7.92 8.39 88.44
N PHE A 2245 7.59 9.22 87.44
CA PHE A 2245 6.78 10.41 87.63
C PHE A 2245 5.51 10.28 86.79
N SER A 2246 4.38 10.61 87.40
CA SER A 2246 3.10 10.52 86.71
C SER A 2246 2.99 11.60 85.64
N TYR A 2247 1.82 11.68 85.00
CA TYR A 2247 1.60 12.68 83.97
C TYR A 2247 1.75 14.09 84.54
N ASP A 2248 1.31 14.30 85.78
CA ASP A 2248 1.52 15.59 86.42
C ASP A 2248 3.01 15.83 86.66
N GLY A 2249 3.74 14.80 87.08
CA GLY A 2249 5.14 14.92 87.43
C GLY A 2249 5.46 14.49 88.84
N ILE A 2250 4.45 14.18 89.66
CA ILE A 2250 4.70 13.80 91.04
C ILE A 2250 5.45 12.48 91.10
N LEU A 2251 6.39 12.37 92.03
CA LEU A 2251 7.15 11.10 92.20
C LEU A 2251 6.21 10.02 92.71
N GLN A 2252 5.99 8.98 91.91
CA GLN A 2252 5.11 7.85 92.31
C GLN A 2252 5.94 6.82 93.06
N ASN A 2253 5.46 6.36 94.22
CA ASN A 2253 6.25 5.42 95.05
C ASN A 2253 5.46 4.13 95.31
N GLY A 2254 6.11 2.98 95.15
CA GLY A 2254 5.44 1.69 95.43
C GLY A 2254 5.50 0.74 94.25
N TYR A 2255 4.47 -0.10 94.09
CA TYR A 2255 4.43 -1.06 92.99
C TYR A 2255 3.94 -0.36 91.73
N ILE A 2256 4.77 -0.35 90.68
CA ILE A 2256 4.46 0.34 89.44
C ILE A 2256 4.66 -0.65 88.30
N THR A 2257 3.96 -0.41 87.20
CA THR A 2257 4.05 -1.25 86.00
C THR A 2257 4.59 -0.40 84.86
N ILE A 2258 5.82 -0.67 84.45
CA ILE A 2258 6.42 0.03 83.32
C ILE A 2258 6.39 -0.89 82.12
N GLU A 2259 5.79 -0.41 81.03
CA GLU A 2259 5.42 -1.26 79.91
C GLU A 2259 4.63 -2.46 80.43
N ARG A 2260 5.10 -3.68 80.15
CA ARG A 2260 4.50 -4.87 80.72
C ARG A 2260 5.34 -5.47 81.84
N ASN A 2261 6.47 -4.87 82.17
CA ASN A 2261 7.29 -5.32 83.28
C ASN A 2261 6.83 -4.64 84.57
N ASN A 2262 7.12 -5.29 85.69
CA ASN A 2262 6.68 -4.82 87.00
C ASN A 2262 7.89 -4.39 87.81
N PHE A 2263 7.83 -3.19 88.38
CA PHE A 2263 8.94 -2.61 89.11
C PHE A 2263 8.44 -2.14 90.47
N TYR A 2264 9.38 -2.02 91.41
CA TYR A 2264 9.10 -1.45 92.72
C TYR A 2264 10.02 -0.27 92.95
N PHE A 2265 9.42 0.89 93.18
CA PHE A 2265 10.15 2.11 93.49
C PHE A 2265 9.80 2.44 94.94
N ASP A 2266 10.61 1.93 95.85
CA ASP A 2266 10.29 2.00 97.27
C ASP A 2266 10.49 3.40 97.82
N ALA A 2267 9.61 3.78 98.75
CA ALA A 2267 9.60 5.11 99.33
C ALA A 2267 10.39 5.22 100.62
N ASN A 2268 10.95 4.11 101.12
CA ASN A 2268 11.69 4.16 102.38
C ASN A 2268 12.87 5.11 102.26
N ASN A 2269 13.70 4.92 101.26
CA ASN A 2269 14.78 5.88 100.98
C ASN A 2269 14.36 6.90 99.93
N GLU A 2270 13.17 7.48 100.08
CA GLU A 2270 12.63 8.45 99.11
C GLU A 2270 12.61 7.89 97.68
N SER A 2271 11.99 6.72 97.54
CA SER A 2271 11.42 6.24 96.27
C SER A 2271 12.48 5.82 95.24
N LYS A 2272 13.55 5.16 95.68
CA LYS A 2272 14.48 4.62 94.70
C LYS A 2272 13.94 3.35 94.05
N MET A 2273 14.45 3.07 92.85
CA MET A 2273 14.19 1.82 92.14
C MET A 2273 14.87 0.70 92.91
N VAL A 2274 14.09 -0.07 93.67
CA VAL A 2274 14.67 -1.09 94.54
C VAL A 2274 14.77 -2.40 93.76
N THR A 2275 15.70 -3.26 94.17
CA THR A 2275 15.89 -4.57 93.57
C THR A 2275 15.77 -5.68 94.60
N GLY A 2276 14.98 -5.45 95.65
CA GLY A 2276 14.75 -6.43 96.70
C GLY A 2276 13.46 -7.19 96.48
N VAL A 2277 12.86 -7.64 97.59
CA VAL A 2277 11.58 -8.35 97.57
C VAL A 2277 10.61 -7.63 98.49
N PHE A 2278 9.63 -6.95 97.90
CA PHE A 2278 8.69 -6.12 98.64
C PHE A 2278 7.26 -6.51 98.27
N LYS A 2279 6.32 -6.02 99.07
CA LYS A 2279 4.92 -6.40 98.91
C LYS A 2279 4.36 -5.91 97.58
N GLY A 2280 3.57 -6.75 96.93
CA GLY A 2280 2.92 -6.40 95.69
C GLY A 2280 1.42 -6.59 95.74
N PRO A 2281 0.75 -6.40 94.60
CA PRO A 2281 -0.70 -6.61 94.56
C PRO A 2281 -1.13 -8.04 94.81
N ASN A 2282 -0.23 -9.01 94.63
CA ASN A 2282 -0.59 -10.41 94.79
C ASN A 2282 0.49 -11.16 95.59
N GLY A 2283 1.09 -10.52 96.56
CA GLY A 2283 2.12 -11.13 97.38
C GLY A 2283 3.50 -10.57 97.09
N PHE A 2284 4.44 -10.89 97.98
CA PHE A 2284 5.81 -10.44 97.82
C PHE A 2284 6.42 -11.06 96.57
N GLU A 2285 7.15 -10.24 95.80
CA GLU A 2285 7.73 -10.67 94.55
C GLU A 2285 9.20 -10.27 94.48
N TYR A 2286 9.96 -11.01 93.69
CA TYR A 2286 11.41 -10.81 93.57
C TYR A 2286 11.67 -9.85 92.41
N PHE A 2287 11.94 -8.59 92.74
CA PHE A 2287 12.35 -7.59 91.76
C PHE A 2287 13.85 -7.78 91.53
N ALA A 2288 14.17 -8.71 90.63
CA ALA A 2288 15.53 -9.18 90.47
C ALA A 2288 16.42 -8.14 89.79
N PRO A 2289 17.74 -8.24 90.01
CA PRO A 2289 18.68 -7.42 89.23
C PRO A 2289 18.77 -7.88 87.77
N ALA A 2290 19.65 -7.25 87.01
CA ALA A 2290 19.75 -7.55 85.58
C ALA A 2290 20.27 -8.97 85.35
N ASN A 2291 19.68 -9.63 84.36
CA ASN A 2291 20.10 -10.96 83.89
C ASN A 2291 19.99 -12.03 84.98
N THR A 2292 19.17 -11.80 86.01
CA THR A 2292 18.96 -12.83 87.02
C THR A 2292 18.08 -13.96 86.51
N HIS A 2293 17.12 -13.65 85.63
CA HIS A 2293 16.27 -14.66 85.01
C HIS A 2293 16.00 -14.21 83.60
N ASN A 2294 16.52 -14.94 82.62
CA ASN A 2294 16.48 -14.54 81.21
C ASN A 2294 17.20 -13.19 81.10
N ASN A 2295 16.85 -12.38 80.10
CA ASN A 2295 17.43 -11.05 79.95
C ASN A 2295 16.50 -9.99 80.55
N ASN A 2296 16.32 -10.08 81.87
CA ASN A 2296 15.42 -9.17 82.57
C ASN A 2296 16.07 -7.80 82.74
N ILE A 2297 15.36 -6.92 83.42
CA ILE A 2297 15.82 -5.56 83.68
C ILE A 2297 16.09 -5.38 85.17
N GLU A 2298 16.90 -4.38 85.48
CA GLU A 2298 17.21 -4.07 86.87
C GLU A 2298 15.94 -3.66 87.60
N GLY A 2299 15.68 -4.30 88.74
CA GLY A 2299 14.48 -4.02 89.50
C GLY A 2299 13.22 -4.62 88.95
N GLN A 2300 13.31 -5.43 87.89
CA GLN A 2300 12.13 -6.01 87.28
C GLN A 2300 11.68 -7.24 88.07
N ALA A 2301 10.38 -7.32 88.31
CA ALA A 2301 9.82 -8.53 88.91
C ALA A 2301 9.94 -9.70 87.94
N ILE A 2302 10.32 -10.86 88.47
CA ILE A 2302 10.55 -12.05 87.66
C ILE A 2302 9.76 -13.20 88.25
N VAL A 2303 9.55 -14.22 87.42
CA VAL A 2303 8.99 -15.49 87.90
C VAL A 2303 10.13 -16.32 88.50
N TYR A 2304 9.93 -16.77 89.74
CA TYR A 2304 10.95 -17.51 90.48
C TYR A 2304 10.33 -18.86 90.83
N GLN A 2305 10.54 -19.85 89.96
CA GLN A 2305 9.81 -21.12 90.02
C GLN A 2305 10.41 -21.98 91.14
N ASN A 2306 10.04 -21.62 92.38
CA ASN A 2306 10.32 -22.44 93.56
C ASN A 2306 11.83 -22.71 93.71
N LYS A 2307 12.58 -21.62 93.93
CA LYS A 2307 14.02 -21.74 94.07
C LYS A 2307 14.52 -21.12 95.36
N PHE A 2308 15.84 -21.03 95.51
CA PHE A 2308 16.50 -20.56 96.72
C PHE A 2308 17.40 -19.38 96.39
N LEU A 2309 17.26 -18.29 97.14
CA LEU A 2309 18.13 -17.13 96.97
C LEU A 2309 18.41 -16.50 98.33
N THR A 2310 19.53 -15.80 98.40
CA THR A 2310 19.87 -15.01 99.58
C THR A 2310 20.78 -13.87 99.10
N LEU A 2311 20.19 -12.68 98.93
CA LEU A 2311 20.95 -11.54 98.43
C LEU A 2311 22.06 -11.16 99.39
N ASN A 2312 21.70 -10.67 100.57
CA ASN A 2312 22.66 -10.30 101.60
C ASN A 2312 22.00 -10.16 102.96
N GLY A 2313 22.38 -11.03 103.90
CA GLY A 2313 21.91 -10.97 105.28
C GLY A 2313 20.61 -11.68 105.56
N LYS A 2314 19.69 -11.71 104.59
CA LYS A 2314 18.36 -12.28 104.79
C LYS A 2314 18.08 -13.30 103.69
N LYS A 2315 17.68 -14.50 104.11
CA LYS A 2315 17.31 -15.55 103.17
C LYS A 2315 15.85 -15.38 102.74
N TYR A 2316 15.57 -15.72 101.49
CA TYR A 2316 14.23 -15.59 100.94
C TYR A 2316 13.84 -16.86 100.19
N TYR A 2317 12.58 -17.27 100.37
CA TYR A 2317 12.04 -18.43 99.66
C TYR A 2317 10.57 -18.17 99.37
N PHE A 2318 10.17 -18.39 98.12
CA PHE A 2318 8.83 -18.08 97.65
C PHE A 2318 8.03 -19.36 97.42
N ASP A 2319 6.81 -19.20 96.90
CA ASP A 2319 5.92 -20.32 96.62
C ASP A 2319 6.32 -20.97 95.30
N ASN A 2320 5.44 -21.84 94.79
CA ASN A 2320 5.64 -22.40 93.45
C ASN A 2320 5.69 -21.28 92.41
N ASP A 2321 4.72 -20.37 92.46
CA ASP A 2321 4.80 -19.16 91.66
C ASP A 2321 5.80 -18.19 92.29
N SER A 2322 6.04 -17.07 91.60
CA SER A 2322 7.05 -16.12 92.05
C SER A 2322 6.70 -15.49 93.39
N LYS A 2323 5.42 -15.51 93.78
CA LYS A 2323 5.01 -14.86 95.01
C LYS A 2323 5.59 -15.57 96.24
N ALA A 2324 5.95 -14.78 97.26
CA ALA A 2324 6.59 -15.36 98.47
C ALA A 2324 5.55 -15.87 99.47
N VAL A 2325 6.01 -16.38 100.62
CA VAL A 2325 5.09 -16.89 101.66
C VAL A 2325 5.50 -16.32 103.02
N THR A 2326 4.53 -16.03 103.90
CA THR A 2326 4.83 -15.42 105.22
C THR A 2326 4.38 -16.34 106.36
N GLY A 2327 4.35 -17.67 106.15
CA GLY A 2327 3.85 -18.52 107.22
C GLY A 2327 4.70 -19.75 107.46
N TRP A 2328 4.24 -20.63 108.34
CA TRP A 2328 4.94 -21.89 108.61
C TRP A 2328 4.99 -22.74 107.35
N GLN A 2329 6.20 -22.98 106.83
CA GLN A 2329 6.35 -23.67 105.56
C GLN A 2329 7.49 -24.68 105.66
N THR A 2330 7.44 -25.68 104.79
CA THR A 2330 8.44 -26.73 104.71
C THR A 2330 9.01 -26.78 103.30
N ILE A 2331 10.34 -26.88 103.20
CA ILE A 2331 11.02 -26.87 101.92
C ILE A 2331 11.77 -28.18 101.71
N ASP A 2332 12.70 -28.48 102.61
CA ASP A 2332 13.53 -29.68 102.51
C ASP A 2332 13.25 -30.62 103.68
N SER A 2333 11.96 -30.84 103.96
CA SER A 2333 11.52 -31.59 105.13
C SER A 2333 11.97 -30.92 106.42
N LYS A 2334 12.17 -29.61 106.38
CA LYS A 2334 12.56 -28.81 107.52
C LYS A 2334 11.51 -27.74 107.76
N LYS A 2335 11.02 -27.66 108.99
CA LYS A 2335 10.04 -26.64 109.34
C LYS A 2335 10.68 -25.27 109.27
N TYR A 2336 9.98 -24.31 108.67
CA TYR A 2336 10.47 -22.96 108.48
C TYR A 2336 9.38 -21.97 108.88
N TYR A 2337 9.79 -20.73 109.12
CA TYR A 2337 8.84 -19.67 109.43
C TYR A 2337 9.29 -18.38 108.76
N PHE A 2338 8.32 -17.52 108.48
CA PHE A 2338 8.57 -16.22 107.89
C PHE A 2338 7.70 -15.19 108.59
N ASN A 2339 8.22 -13.97 108.74
CA ASN A 2339 7.52 -12.95 109.51
C ASN A 2339 6.18 -12.62 108.86
N LEU A 2340 5.18 -12.35 109.70
CA LEU A 2340 3.85 -12.05 109.19
C LEU A 2340 3.83 -10.77 108.35
N ASN A 2341 4.54 -9.73 108.81
CA ASN A 2341 4.54 -8.47 108.07
C ASN A 2341 5.32 -8.59 106.77
N THR A 2342 6.53 -9.15 106.82
CA THR A 2342 7.39 -9.26 105.66
C THR A 2342 7.88 -10.70 105.52
N ALA A 2343 7.95 -11.17 104.27
CA ALA A 2343 8.30 -12.55 103.97
C ALA A 2343 9.82 -12.73 104.04
N VAL A 2344 10.34 -12.65 105.25
CA VAL A 2344 11.76 -12.80 105.52
C VAL A 2344 11.98 -14.07 106.33
N ALA A 2345 13.09 -14.76 106.04
CA ALA A 2345 13.45 -15.95 106.79
C ALA A 2345 13.61 -15.63 108.27
N VAL A 2346 13.00 -16.47 109.11
CA VAL A 2346 13.01 -16.26 110.55
C VAL A 2346 14.26 -16.94 111.09
N THR A 2347 15.24 -16.13 111.51
CA THR A 2347 16.48 -16.63 112.06
C THR A 2347 16.74 -15.98 113.41
N GLY A 2348 17.46 -16.71 114.27
CA GLY A 2348 17.65 -16.29 115.64
C GLY A 2348 16.51 -16.76 116.53
N TRP A 2349 16.70 -16.57 117.83
CA TRP A 2349 15.67 -16.98 118.80
C TRP A 2349 14.44 -16.10 118.62
N GLN A 2350 13.34 -16.71 118.17
CA GLN A 2350 12.09 -16.00 117.92
C GLN A 2350 10.94 -16.90 118.34
N THR A 2351 10.28 -16.56 119.44
CA THR A 2351 9.15 -17.34 119.93
C THR A 2351 7.91 -17.03 119.12
N ILE A 2352 7.31 -18.05 118.52
CA ILE A 2352 6.13 -17.86 117.68
C ILE A 2352 4.92 -18.54 118.33
N ASP A 2353 4.17 -17.77 119.12
CA ASP A 2353 2.95 -18.24 119.78
C ASP A 2353 3.20 -19.47 120.65
N GLY A 2354 4.43 -19.68 121.10
CA GLY A 2354 4.78 -20.86 121.87
C GLY A 2354 6.28 -21.05 121.98
N GLU A 2355 6.74 -22.27 121.69
CA GLU A 2355 8.16 -22.57 121.78
C GLU A 2355 8.95 -21.80 120.74
N LYS A 2356 10.14 -21.35 121.12
CA LYS A 2356 10.97 -20.55 120.21
C LYS A 2356 11.54 -21.37 119.07
N TYR A 2357 11.80 -22.67 119.31
CA TYR A 2357 12.35 -23.62 118.35
C TYR A 2357 13.80 -23.34 117.98
N TYR A 2358 14.39 -22.25 118.48
CA TYR A 2358 15.75 -21.84 118.16
C TYR A 2358 16.00 -21.85 116.64
N PHE A 2359 15.32 -20.93 115.97
CA PHE A 2359 15.62 -20.67 114.57
C PHE A 2359 17.09 -20.36 114.42
N ASN A 2360 17.81 -21.20 113.69
CA ASN A 2360 19.26 -21.15 113.66
C ASN A 2360 19.75 -19.85 113.03
N LEU A 2361 20.96 -19.44 113.42
CA LEU A 2361 21.55 -18.21 112.89
C LEU A 2361 21.75 -18.31 111.38
N ASN A 2362 22.16 -19.48 110.90
CA ASN A 2362 22.29 -19.75 109.47
C ASN A 2362 21.47 -20.99 109.14
N THR A 2363 20.93 -21.02 107.92
CA THR A 2363 20.00 -22.04 107.45
C THR A 2363 19.03 -22.44 108.56
N ALA A 2364 18.24 -21.44 108.98
CA ALA A 2364 17.58 -21.44 110.28
C ALA A 2364 16.82 -22.73 110.55
N GLU A 2365 15.79 -23.02 109.76
CA GLU A 2365 14.85 -24.11 110.03
C GLU A 2365 14.15 -23.93 111.36
N ALA A 2366 13.21 -24.80 111.69
CA ALA A 2366 12.50 -24.69 112.96
C ALA A 2366 12.55 -25.97 113.78
N ALA A 2367 12.43 -27.14 113.15
CA ALA A 2367 12.43 -28.41 113.87
C ALA A 2367 13.83 -28.65 114.41
N THR A 2368 14.00 -28.44 115.72
CA THR A 2368 15.29 -28.59 116.38
C THR A 2368 15.30 -29.72 117.41
N GLY A 2369 14.31 -29.75 118.30
CA GLY A 2369 14.26 -30.77 119.33
C GLY A 2369 15.09 -30.41 120.54
N TRP A 2370 15.07 -31.31 121.52
CA TRP A 2370 15.81 -31.12 122.76
C TRP A 2370 17.30 -31.29 122.47
N GLN A 2371 18.02 -30.17 122.42
CA GLN A 2371 19.45 -30.17 122.15
C GLN A 2371 20.11 -29.21 123.12
N THR A 2372 21.39 -28.90 122.87
CA THR A 2372 22.15 -27.98 123.70
C THR A 2372 22.60 -26.79 122.86
N ILE A 2373 22.51 -25.60 123.45
CA ILE A 2373 22.90 -24.36 122.78
C ILE A 2373 23.47 -23.41 123.82
N ASP A 2374 23.87 -22.22 123.39
CA ASP A 2374 24.38 -21.21 124.31
C ASP A 2374 23.36 -20.93 125.41
N GLY A 2375 23.86 -20.85 126.65
CA GLY A 2375 22.98 -20.69 127.80
C GLY A 2375 22.84 -21.97 128.58
N LYS A 2376 21.70 -22.65 128.45
CA LYS A 2376 21.44 -23.91 129.12
C LYS A 2376 20.96 -24.93 128.09
N ARG A 2377 20.75 -26.16 128.55
CA ARG A 2377 20.29 -27.25 127.70
C ARG A 2377 18.81 -27.04 127.42
N TYR A 2378 18.50 -26.54 126.22
CA TYR A 2378 17.14 -26.14 125.89
C TYR A 2378 16.33 -27.29 125.32
N TYR A 2379 15.04 -27.30 125.65
CA TYR A 2379 14.09 -28.31 125.20
C TYR A 2379 13.14 -27.67 124.19
N PHE A 2380 13.07 -28.26 123.00
CA PHE A 2380 12.20 -27.78 121.93
C PHE A 2380 11.29 -28.90 121.47
N ASN A 2381 10.02 -28.57 121.25
CA ASN A 2381 9.04 -29.58 120.88
C ASN A 2381 9.34 -30.15 119.49
N THR A 2382 9.04 -31.43 119.32
CA THR A 2382 9.34 -32.13 118.08
C THR A 2382 8.38 -31.66 116.98
N ASN A 2383 8.93 -31.01 115.96
CA ASN A 2383 8.16 -30.49 114.83
C ASN A 2383 7.04 -29.56 115.29
ZN ZN B . 16.34 -11.78 -65.49
#